data_8WQ7
# 
_entry.id   8WQ7 
# 
_audit_conform.dict_name       mmcif_pdbx.dic 
_audit_conform.dict_version    5.395 
_audit_conform.dict_location   http://mmcif.pdb.org/dictionaries/ascii/mmcif_pdbx.dic 
# 
loop_
_database_2.database_id 
_database_2.database_code 
_database_2.pdbx_database_accession 
_database_2.pdbx_DOI 
PDB   8WQ7         pdb_00008wq7 10.2210/pdb8wq7/pdb 
WWPDB D_1300041793 ?            ?                   
# 
loop_
_pdbx_audit_revision_history.ordinal 
_pdbx_audit_revision_history.data_content_type 
_pdbx_audit_revision_history.major_revision 
_pdbx_audit_revision_history.minor_revision 
_pdbx_audit_revision_history.revision_date 
1 'Structure model' 1 0 2024-08-07 
2 'Structure model' 1 1 2024-09-11 
# 
_pdbx_audit_revision_details.ordinal             1 
_pdbx_audit_revision_details.revision_ordinal    1 
_pdbx_audit_revision_details.data_content_type   'Structure model' 
_pdbx_audit_revision_details.provider            repository 
_pdbx_audit_revision_details.type                'Initial release' 
_pdbx_audit_revision_details.description         ? 
_pdbx_audit_revision_details.details             ? 
# 
_pdbx_audit_revision_group.ordinal             1 
_pdbx_audit_revision_group.revision_ordinal    2 
_pdbx_audit_revision_group.data_content_type   'Structure model' 
_pdbx_audit_revision_group.group               'Database references' 
# 
loop_
_pdbx_audit_revision_category.ordinal 
_pdbx_audit_revision_category.revision_ordinal 
_pdbx_audit_revision_category.data_content_type 
_pdbx_audit_revision_category.category 
1 2 'Structure model' citation        
2 2 'Structure model' citation_author 
# 
loop_
_pdbx_audit_revision_item.ordinal 
_pdbx_audit_revision_item.revision_ordinal 
_pdbx_audit_revision_item.data_content_type 
_pdbx_audit_revision_item.item 
1 2 'Structure model' '_citation.journal_volume'          
2 2 'Structure model' '_citation.page_first'              
3 2 'Structure model' '_citation.page_last'               
4 2 'Structure model' '_citation_author.identifier_ORCID' 
# 
_pdbx_database_status.status_code                     REL 
_pdbx_database_status.status_code_sf                  REL 
_pdbx_database_status.status_code_mr                  ? 
_pdbx_database_status.entry_id                        8WQ7 
_pdbx_database_status.recvd_initial_deposition_date   2023-10-11 
_pdbx_database_status.SG_entry                        N 
_pdbx_database_status.deposit_site                    PDBJ 
_pdbx_database_status.process_site                    PDBJ 
_pdbx_database_status.status_code_cs                  ? 
_pdbx_database_status.status_code_nmr_data            ? 
_pdbx_database_status.methods_development_category    ? 
_pdbx_database_status.pdb_format_compatible           Y 
# 
_pdbx_contact_author.id                 3 
_pdbx_contact_author.email              mhho@nchu.edu.tw 
_pdbx_contact_author.name_first         Ming-Hon 
_pdbx_contact_author.name_last          Hou 
_pdbx_contact_author.name_mi            ? 
_pdbx_contact_author.role               'principal investigator/group leader' 
_pdbx_contact_author.identifier_ORCID   0000-0003-4170-1527 
# 
loop_
_audit_author.name 
_audit_author.pdbx_ordinal 
_audit_author.identifier_ORCID 
'Huang, S.C.'   1 ? 
'Satange, R.B.' 2 ? 
'Hou, M.H.'     3 ? 
# 
_citation.abstract                  ? 
_citation.abstract_id_CAS           ? 
_citation.book_id_ISBN              ? 
_citation.book_publisher            ? 
_citation.book_publisher_city       ? 
_citation.book_title                ? 
_citation.coordinate_linkage        ? 
_citation.country                   UK 
_citation.database_id_Medline       ? 
_citation.details                   ? 
_citation.id                        primary 
_citation.journal_abbrev            'Nucleic Acids Res.' 
_citation.journal_id_ASTM           NARHAD 
_citation.journal_id_CSD            0389 
_citation.journal_id_ISSN           1362-4962 
_citation.journal_full              ? 
_citation.journal_issue             ? 
_citation.journal_volume            52 
_citation.language                  ? 
_citation.page_first                9303 
_citation.page_last                 9316 
_citation.title                     
'Targeting DNA junction sites by bis-intercalators induces topological changes with potent antitumor effects.' 
_citation.year                      2024 
_citation.database_id_CSD           ? 
_citation.pdbx_database_id_DOI      10.1093/nar/gkae643 
_citation.pdbx_database_id_PubMed   39036959 
_citation.pdbx_database_id_patent   ? 
_citation.unpublished_flag          ? 
# 
loop_
_citation_author.citation_id 
_citation_author.name 
_citation_author.ordinal 
_citation_author.identifier_ORCID 
primary 'Huang, S.C.'  1  ? 
primary 'Chen, C.W.'   2  ? 
primary 'Satange, R.'  3  ? 
primary 'Hsieh, C.C.'  4  ? 
primary 'Chang, C.C.'  5  ? 
primary 'Wang, S.C.'   6  ? 
primary 'Peng, C.L.'   7  ? 
primary 'Chen, T.L.'   8  ? 
primary 'Chiang, M.H.' 9  ? 
primary 'Horng, Y.C.'  10 ? 
primary 'Hou, M.H.'    11 ? 
# 
loop_
_entity.id 
_entity.type 
_entity.src_method 
_entity.pdbx_description 
_entity.formula_weight 
_entity.pdbx_number_of_molecules 
_entity.pdbx_ec 
_entity.pdbx_mutation 
_entity.pdbx_fragment 
_entity.details 
1 polymer     syn 
;DNA (5'-D(P*CP*GP*TP*AP*TP*AP*CP*G)-3')
;
2426.617 2  ? ? ? ? 
2 non-polymer syn 'MANGANESE (II) ION'                      54.938   2  ? ? ? ? 
3 non-polymer syn "N,N'-di(acridin-9-yl)butane-1,4-diamine" 442.554  1  ? ? ? ? 
4 water       nat water                                     18.015   42 ? ? ? ? 
# 
_entity_poly.entity_id                      1 
_entity_poly.type                           polydeoxyribonucleotide 
_entity_poly.nstd_linkage                   no 
_entity_poly.nstd_monomer                   no 
_entity_poly.pdbx_seq_one_letter_code       '(DC)(DG)(DT)(DA)(DT)(DA)(DC)(DG)' 
_entity_poly.pdbx_seq_one_letter_code_can   CGTATACG 
_entity_poly.pdbx_strand_id                 A,B 
_entity_poly.pdbx_target_identifier         ? 
# 
loop_
_pdbx_entity_nonpoly.entity_id 
_pdbx_entity_nonpoly.name 
_pdbx_entity_nonpoly.comp_id 
2 'MANGANESE (II) ION'                      MN  
3 "N,N'-di(acridin-9-yl)butane-1,4-diamine" XA5 
4 water                                     HOH 
# 
loop_
_entity_poly_seq.entity_id 
_entity_poly_seq.num 
_entity_poly_seq.mon_id 
_entity_poly_seq.hetero 
1 1 DC n 
1 2 DG n 
1 3 DT n 
1 4 DA n 
1 5 DT n 
1 6 DA n 
1 7 DC n 
1 8 DG n 
# 
_pdbx_entity_src_syn.entity_id              1 
_pdbx_entity_src_syn.pdbx_src_id            1 
_pdbx_entity_src_syn.pdbx_alt_source_flag   sample 
_pdbx_entity_src_syn.pdbx_beg_seq_num       1 
_pdbx_entity_src_syn.pdbx_end_seq_num       8 
_pdbx_entity_src_syn.organism_scientific    'synthetic construct' 
_pdbx_entity_src_syn.organism_common_name   ? 
_pdbx_entity_src_syn.ncbi_taxonomy_id       32630 
_pdbx_entity_src_syn.details                ? 
# 
loop_
_chem_comp.id 
_chem_comp.type 
_chem_comp.mon_nstd_flag 
_chem_comp.name 
_chem_comp.pdbx_synonyms 
_chem_comp.formula 
_chem_comp.formula_weight 
DA  'DNA linking' y "2'-DEOXYADENOSINE-5'-MONOPHOSPHATE"      ? 'C10 H14 N5 O6 P' 331.222 
DC  'DNA linking' y "2'-DEOXYCYTIDINE-5'-MONOPHOSPHATE"       ? 'C9 H14 N3 O7 P'  307.197 
DG  'DNA linking' y "2'-DEOXYGUANOSINE-5'-MONOPHOSPHATE"      ? 'C10 H14 N5 O7 P' 347.221 
DT  'DNA linking' y "THYMIDINE-5'-MONOPHOSPHATE"              ? 'C10 H15 N2 O8 P' 322.208 
HOH non-polymer   . WATER                                     ? 'H2 O'            18.015  
MN  non-polymer   . 'MANGANESE (II) ION'                      ? 'Mn 2'            54.938  
XA5 non-polymer   . "N,N'-di(acridin-9-yl)butane-1,4-diamine" ? 'C30 H26 N4'      442.554 
# 
loop_
_pdbx_poly_seq_scheme.asym_id 
_pdbx_poly_seq_scheme.entity_id 
_pdbx_poly_seq_scheme.seq_id 
_pdbx_poly_seq_scheme.mon_id 
_pdbx_poly_seq_scheme.ndb_seq_num 
_pdbx_poly_seq_scheme.pdb_seq_num 
_pdbx_poly_seq_scheme.auth_seq_num 
_pdbx_poly_seq_scheme.pdb_mon_id 
_pdbx_poly_seq_scheme.auth_mon_id 
_pdbx_poly_seq_scheme.pdb_strand_id 
_pdbx_poly_seq_scheme.pdb_ins_code 
_pdbx_poly_seq_scheme.hetero 
A 1 1 DC 1 1 1 DC DC A . n 
A 1 2 DG 2 2 2 DG DG A . n 
A 1 3 DT 3 3 3 DT DT A . n 
A 1 4 DA 4 4 4 DA DA A . n 
A 1 5 DT 5 5 5 DT DT A . n 
A 1 6 DA 6 6 6 DA DA A . n 
A 1 7 DC 7 7 7 DC DC A . n 
A 1 8 DG 8 8 8 DG DG A . n 
B 1 1 DC 1 1 1 DC DC B . n 
B 1 2 DG 2 2 2 DG DG B . n 
B 1 3 DT 3 3 3 DT DT B . n 
B 1 4 DA 4 4 4 DA DA B . n 
B 1 5 DT 5 5 5 DT DT B . n 
B 1 6 DA 6 6 6 DA DA B . n 
B 1 7 DC 7 7 7 DC DC B . n 
B 1 8 DG 8 8 8 DG DG B . n 
# 
_pdbx_entity_instance_feature.ordinal        1 
_pdbx_entity_instance_feature.comp_id        XA5 
_pdbx_entity_instance_feature.asym_id        ? 
_pdbx_entity_instance_feature.seq_num        ? 
_pdbx_entity_instance_feature.auth_comp_id   XA5 
_pdbx_entity_instance_feature.auth_asym_id   ? 
_pdbx_entity_instance_feature.auth_seq_num   ? 
_pdbx_entity_instance_feature.feature_type   'SUBJECT OF INVESTIGATION' 
_pdbx_entity_instance_feature.details        ? 
# 
loop_
_pdbx_nonpoly_scheme.asym_id 
_pdbx_nonpoly_scheme.entity_id 
_pdbx_nonpoly_scheme.mon_id 
_pdbx_nonpoly_scheme.ndb_seq_num 
_pdbx_nonpoly_scheme.pdb_seq_num 
_pdbx_nonpoly_scheme.auth_seq_num 
_pdbx_nonpoly_scheme.pdb_mon_id 
_pdbx_nonpoly_scheme.auth_mon_id 
_pdbx_nonpoly_scheme.pdb_strand_id 
_pdbx_nonpoly_scheme.pdb_ins_code 
C 2 MN  1  101 2   MN  MN  A . 
D 2 MN  1  101 1   MN  MN  B . 
E 3 XA5 1  102 102 XA5 F1R B . 
F 4 HOH 1  201 32  HOH HOH A . 
F 4 HOH 2  202 12  HOH HOH A . 
F 4 HOH 3  203 3   HOH HOH A . 
F 4 HOH 4  204 11  HOH HOH A . 
F 4 HOH 5  205 55  HOH HOH A . 
F 4 HOH 6  206 4   HOH HOH A . 
F 4 HOH 7  207 31  HOH HOH A . 
F 4 HOH 8  208 24  HOH HOH A . 
F 4 HOH 9  209 1   HOH HOH A . 
F 4 HOH 10 210 37  HOH HOH A . 
F 4 HOH 11 211 13  HOH HOH A . 
F 4 HOH 12 212 16  HOH HOH A . 
F 4 HOH 13 213 7   HOH HOH A . 
F 4 HOH 14 214 48  HOH HOH A . 
F 4 HOH 15 215 19  HOH HOH A . 
F 4 HOH 16 216 59  HOH HOH A . 
F 4 HOH 17 217 56  HOH HOH A . 
F 4 HOH 18 218 60  HOH HOH A . 
F 4 HOH 19 219 36  HOH HOH A . 
G 4 HOH 1  201 22  HOH HOH B . 
G 4 HOH 2  202 18  HOH HOH B . 
G 4 HOH 3  203 42  HOH HOH B . 
G 4 HOH 4  204 6   HOH HOH B . 
G 4 HOH 5  205 57  HOH HOH B . 
G 4 HOH 6  206 27  HOH HOH B . 
G 4 HOH 7  207 39  HOH HOH B . 
G 4 HOH 8  208 33  HOH HOH B . 
G 4 HOH 9  209 14  HOH HOH B . 
G 4 HOH 10 210 58  HOH HOH B . 
G 4 HOH 11 211 45  HOH HOH B . 
G 4 HOH 12 212 8   HOH HOH B . 
G 4 HOH 13 213 10  HOH HOH B . 
G 4 HOH 14 214 21  HOH HOH B . 
G 4 HOH 15 215 9   HOH HOH B . 
G 4 HOH 16 216 50  HOH HOH B . 
G 4 HOH 17 217 2   HOH HOH B . 
G 4 HOH 18 218 47  HOH HOH B . 
G 4 HOH 19 219 51  HOH HOH B . 
G 4 HOH 20 220 5   HOH HOH B . 
G 4 HOH 21 221 54  HOH HOH B . 
G 4 HOH 22 222 61  HOH HOH B . 
G 4 HOH 23 223 30  HOH HOH B . 
# 
loop_
_software.citation_id 
_software.classification 
_software.compiler_name 
_software.compiler_version 
_software.contact_author 
_software.contact_author_email 
_software.date 
_software.description 
_software.dependencies 
_software.hardware 
_software.language 
_software.location 
_software.mods 
_software.name 
_software.os 
_software.os_version 
_software.type 
_software.version 
_software.pdbx_ordinal 
? refinement       ? ? ? ? ? ? ? ? ? ? ? PHENIX   ? ? ? '(1.17.1_3660: ???)' 1 
? 'data scaling'   ? ? ? ? ? ? ? ? ? ? ? HKL-2000 ? ? ? .                    2 
? 'data reduction' ? ? ? ? ? ? ? ? ? ? ? HKL-2000 ? ? ? .                    3 
? phasing          ? ? ? ? ? ? ? ? ? ? ? PHENIX   ? ? ? .                    4 
# 
_cell.angle_alpha                  90.00 
_cell.angle_alpha_esd              ? 
_cell.angle_beta                   90.00 
_cell.angle_beta_esd               ? 
_cell.angle_gamma                  90.00 
_cell.angle_gamma_esd              ? 
_cell.entry_id                     8WQ7 
_cell.details                      ? 
_cell.formula_units_Z              ? 
_cell.length_a                     34.462 
_cell.length_a_esd                 ? 
_cell.length_b                     34.490 
_cell.length_b_esd                 ? 
_cell.length_c                     69.033 
_cell.length_c_esd                 ? 
_cell.volume                       ? 
_cell.volume_esd                   ? 
_cell.Z_PDB                        16 
_cell.reciprocal_angle_alpha       ? 
_cell.reciprocal_angle_beta        ? 
_cell.reciprocal_angle_gamma       ? 
_cell.reciprocal_angle_alpha_esd   ? 
_cell.reciprocal_angle_beta_esd    ? 
_cell.reciprocal_angle_gamma_esd   ? 
_cell.reciprocal_length_a          ? 
_cell.reciprocal_length_b          ? 
_cell.reciprocal_length_c          ? 
_cell.reciprocal_length_a_esd      ? 
_cell.reciprocal_length_b_esd      ? 
_cell.reciprocal_length_c_esd      ? 
_cell.pdbx_unique_axis             ? 
_cell.pdbx_esd_method              ? 
# 
_symmetry.entry_id                         8WQ7 
_symmetry.cell_setting                     ? 
_symmetry.Int_Tables_number                20 
_symmetry.space_group_name_Hall            ? 
_symmetry.space_group_name_H-M             'C 2 2 21' 
_symmetry.pdbx_full_space_group_name_H-M   ? 
# 
_exptl.absorpt_coefficient_mu     ? 
_exptl.absorpt_correction_T_max   ? 
_exptl.absorpt_correction_T_min   ? 
_exptl.absorpt_correction_type    ? 
_exptl.absorpt_process_details    ? 
_exptl.entry_id                   8WQ7 
_exptl.crystals_number            1 
_exptl.details                    ? 
_exptl.method                     'X-RAY DIFFRACTION' 
_exptl.method_details             ? 
# 
_exptl_crystal.colour                       ? 
_exptl_crystal.density_diffrn               ? 
_exptl_crystal.density_Matthews             2.11 
_exptl_crystal.density_method               ? 
_exptl_crystal.density_percent_sol          41.80 
_exptl_crystal.description                  ? 
_exptl_crystal.F_000                        ? 
_exptl_crystal.id                           1 
_exptl_crystal.preparation                  ? 
_exptl_crystal.size_max                     ? 
_exptl_crystal.size_mid                     ? 
_exptl_crystal.size_min                     ? 
_exptl_crystal.size_rad                     ? 
_exptl_crystal.colour_lustre                ? 
_exptl_crystal.colour_modifier              ? 
_exptl_crystal.colour_primary               ? 
_exptl_crystal.density_meas                 ? 
_exptl_crystal.density_meas_esd             ? 
_exptl_crystal.density_meas_gt              ? 
_exptl_crystal.density_meas_lt              ? 
_exptl_crystal.density_meas_temp            ? 
_exptl_crystal.density_meas_temp_esd        ? 
_exptl_crystal.density_meas_temp_gt         ? 
_exptl_crystal.density_meas_temp_lt         ? 
_exptl_crystal.pdbx_crystal_image_url       ? 
_exptl_crystal.pdbx_crystal_image_format    ? 
_exptl_crystal.pdbx_mosaicity               ? 
_exptl_crystal.pdbx_mosaicity_esd           ? 
_exptl_crystal.pdbx_mosaic_method           ? 
_exptl_crystal.pdbx_mosaic_block_size       ? 
_exptl_crystal.pdbx_mosaic_block_size_esd   ? 
# 
_exptl_crystal_grow.apparatus       ? 
_exptl_crystal_grow.atmosphere      ? 
_exptl_crystal_grow.crystal_id      1 
_exptl_crystal_grow.details         ? 
_exptl_crystal_grow.method          'VAPOR DIFFUSION, SITTING DROP' 
_exptl_crystal_grow.method_ref      ? 
_exptl_crystal_grow.pH              ? 
_exptl_crystal_grow.pressure        ? 
_exptl_crystal_grow.pressure_esd    ? 
_exptl_crystal_grow.seeding         ? 
_exptl_crystal_grow.seeding_ref     ? 
_exptl_crystal_grow.temp_details    ? 
_exptl_crystal_grow.temp_esd        ? 
_exptl_crystal_grow.time            ? 
_exptl_crystal_grow.pdbx_details    '0.5mM oligonucleotides, 1mM compound, 200mM KCl, 6mM MnCl, 50mM MES (pH 6.3), 10% PEG 400' 
_exptl_crystal_grow.pdbx_pH_range   ? 
_exptl_crystal_grow.temp            293 
# 
_diffrn.ambient_environment              ? 
_diffrn.ambient_temp                     100 
_diffrn.ambient_temp_details             ? 
_diffrn.ambient_temp_esd                 ? 
_diffrn.crystal_id                       1 
_diffrn.crystal_support                  ? 
_diffrn.crystal_treatment                ? 
_diffrn.details                          ? 
_diffrn.id                               1 
_diffrn.ambient_pressure                 ? 
_diffrn.ambient_pressure_esd             ? 
_diffrn.ambient_pressure_gt              ? 
_diffrn.ambient_pressure_lt              ? 
_diffrn.ambient_temp_gt                  ? 
_diffrn.ambient_temp_lt                  ? 
_diffrn.pdbx_serial_crystal_experiment   N 
# 
_diffrn_detector.details                      ? 
_diffrn_detector.detector                     CCD 
_diffrn_detector.diffrn_id                    1 
_diffrn_detector.type                         'RAYONIX MX300HE' 
_diffrn_detector.area_resol_mean              ? 
_diffrn_detector.dtime                        ? 
_diffrn_detector.pdbx_frames_total            ? 
_diffrn_detector.pdbx_collection_time_total   ? 
_diffrn_detector.pdbx_collection_date         2021-05-07 
_diffrn_detector.pdbx_frequency               ? 
_diffrn_detector.id                           ? 
_diffrn_detector.number_of_axes               ? 
# 
_diffrn_radiation.collimation                      ? 
_diffrn_radiation.diffrn_id                        1 
_diffrn_radiation.filter_edge                      ? 
_diffrn_radiation.inhomogeneity                    ? 
_diffrn_radiation.monochromator                    ? 
_diffrn_radiation.polarisn_norm                    ? 
_diffrn_radiation.polarisn_ratio                   ? 
_diffrn_radiation.probe                            ? 
_diffrn_radiation.type                             ? 
_diffrn_radiation.xray_symbol                      ? 
_diffrn_radiation.wavelength_id                    1 
_diffrn_radiation.pdbx_monochromatic_or_laue_m_l   M 
_diffrn_radiation.pdbx_wavelength_list             ? 
_diffrn_radiation.pdbx_wavelength                  ? 
_diffrn_radiation.pdbx_diffrn_protocol             'SINGLE WAVELENGTH' 
_diffrn_radiation.pdbx_analyzer                    ? 
_diffrn_radiation.pdbx_scattering_type             x-ray 
# 
_diffrn_radiation_wavelength.id           1 
_diffrn_radiation_wavelength.wavelength   1.0000 
_diffrn_radiation_wavelength.wt           1.0 
# 
_diffrn_source.current                     ? 
_diffrn_source.details                     ? 
_diffrn_source.diffrn_id                   1 
_diffrn_source.power                       ? 
_diffrn_source.size                        ? 
_diffrn_source.source                      SYNCHROTRON 
_diffrn_source.target                      ? 
_diffrn_source.type                        'NSRRC BEAMLINE BL15A1' 
_diffrn_source.voltage                     ? 
_diffrn_source.take-off_angle              ? 
_diffrn_source.pdbx_wavelength_list        1.0000 
_diffrn_source.pdbx_wavelength             ? 
_diffrn_source.pdbx_synchrotron_beamline   BL15A1 
_diffrn_source.pdbx_synchrotron_site       NSRRC 
# 
_reflns.B_iso_Wilson_estimate                          ? 
_reflns.entry_id                                       8WQ7 
_reflns.data_reduction_details                         ? 
_reflns.data_reduction_method                          ? 
_reflns.d_resolution_high                              1.58 
_reflns.d_resolution_low                               30.00 
_reflns.details                                        ? 
_reflns.limit_h_max                                    ? 
_reflns.limit_h_min                                    ? 
_reflns.limit_k_max                                    ? 
_reflns.limit_k_min                                    ? 
_reflns.limit_l_max                                    ? 
_reflns.limit_l_min                                    ? 
_reflns.number_all                                     ? 
_reflns.number_obs                                     5894 
_reflns.observed_criterion                             ? 
_reflns.observed_criterion_F_max                       ? 
_reflns.observed_criterion_F_min                       ? 
_reflns.observed_criterion_I_max                       ? 
_reflns.observed_criterion_I_min                       ? 
_reflns.observed_criterion_sigma_F                     ? 
_reflns.observed_criterion_sigma_I                     ? 
_reflns.percent_possible_obs                           99.5 
_reflns.R_free_details                                 ? 
_reflns.Rmerge_F_all                                   ? 
_reflns.Rmerge_F_obs                                   ? 
_reflns.Friedel_coverage                               ? 
_reflns.number_gt                                      ? 
_reflns.threshold_expression                           ? 
_reflns.pdbx_redundancy                                6.7 
_reflns.pdbx_netI_over_av_sigmaI                       ? 
_reflns.pdbx_netI_over_sigmaI                          34.5 
_reflns.pdbx_res_netI_over_av_sigmaI_2                 ? 
_reflns.pdbx_res_netI_over_sigmaI_2                    ? 
_reflns.pdbx_chi_squared                               ? 
_reflns.pdbx_scaling_rejects                           ? 
_reflns.pdbx_d_res_high_opt                            ? 
_reflns.pdbx_d_res_low_opt                             ? 
_reflns.pdbx_d_res_opt_method                          ? 
_reflns.phase_calculation_details                      ? 
_reflns.pdbx_Rrim_I_all                                ? 
_reflns.pdbx_Rpim_I_all                                ? 
_reflns.pdbx_d_opt                                     ? 
_reflns.pdbx_number_measured_all                       ? 
_reflns.pdbx_diffrn_id                                 1 
_reflns.pdbx_ordinal                                   1 
_reflns.pdbx_CC_half                                   ? 
_reflns.pdbx_CC_star                                   ? 
_reflns.pdbx_R_split                                   ? 
_reflns.pdbx_Rmerge_I_obs                              0.034 
_reflns.pdbx_Rmerge_I_all                              ? 
_reflns.pdbx_Rsym_value                                ? 
_reflns.pdbx_CC_split_method                           ? 
_reflns.pdbx_aniso_diffraction_limit_axis_1_ortho[1]   ? 
_reflns.pdbx_aniso_diffraction_limit_axis_1_ortho[2]   ? 
_reflns.pdbx_aniso_diffraction_limit_axis_1_ortho[3]   ? 
_reflns.pdbx_aniso_diffraction_limit_axis_2_ortho[1]   ? 
_reflns.pdbx_aniso_diffraction_limit_axis_2_ortho[2]   ? 
_reflns.pdbx_aniso_diffraction_limit_axis_2_ortho[3]   ? 
_reflns.pdbx_aniso_diffraction_limit_axis_3_ortho[1]   ? 
_reflns.pdbx_aniso_diffraction_limit_axis_3_ortho[2]   ? 
_reflns.pdbx_aniso_diffraction_limit_axis_3_ortho[3]   ? 
_reflns.pdbx_aniso_diffraction_limit_1                 ? 
_reflns.pdbx_aniso_diffraction_limit_2                 ? 
_reflns.pdbx_aniso_diffraction_limit_3                 ? 
_reflns.pdbx_aniso_B_tensor_eigenvector_1_ortho[1]     ? 
_reflns.pdbx_aniso_B_tensor_eigenvector_1_ortho[2]     ? 
_reflns.pdbx_aniso_B_tensor_eigenvector_1_ortho[3]     ? 
_reflns.pdbx_aniso_B_tensor_eigenvector_2_ortho[1]     ? 
_reflns.pdbx_aniso_B_tensor_eigenvector_2_ortho[2]     ? 
_reflns.pdbx_aniso_B_tensor_eigenvector_2_ortho[3]     ? 
_reflns.pdbx_aniso_B_tensor_eigenvector_3_ortho[1]     ? 
_reflns.pdbx_aniso_B_tensor_eigenvector_3_ortho[2]     ? 
_reflns.pdbx_aniso_B_tensor_eigenvector_3_ortho[3]     ? 
_reflns.pdbx_aniso_B_tensor_eigenvalue_1               ? 
_reflns.pdbx_aniso_B_tensor_eigenvalue_2               ? 
_reflns.pdbx_aniso_B_tensor_eigenvalue_3               ? 
_reflns.pdbx_orthogonalization_convention              ? 
_reflns.pdbx_percent_possible_ellipsoidal              ? 
_reflns.pdbx_percent_possible_spherical                ? 
_reflns.pdbx_percent_possible_ellipsoidal_anomalous    ? 
_reflns.pdbx_percent_possible_spherical_anomalous      ? 
_reflns.pdbx_redundancy_anomalous                      ? 
_reflns.pdbx_CC_half_anomalous                         ? 
_reflns.pdbx_absDiff_over_sigma_anomalous              ? 
_reflns.pdbx_percent_possible_anomalous                ? 
_reflns.pdbx_observed_signal_threshold                 ? 
_reflns.pdbx_signal_type                               ? 
_reflns.pdbx_signal_details                            ? 
_reflns.pdbx_signal_software_id                        ? 
# 
loop_
_reflns_shell.d_res_high 
_reflns_shell.d_res_low 
_reflns_shell.meanI_over_sigI_all 
_reflns_shell.meanI_over_sigI_obs 
_reflns_shell.number_measured_all 
_reflns_shell.number_measured_obs 
_reflns_shell.number_possible 
_reflns_shell.number_unique_all 
_reflns_shell.number_unique_obs 
_reflns_shell.percent_possible_obs 
_reflns_shell.Rmerge_F_all 
_reflns_shell.Rmerge_F_obs 
_reflns_shell.meanI_over_sigI_gt 
_reflns_shell.meanI_over_uI_all 
_reflns_shell.meanI_over_uI_gt 
_reflns_shell.number_measured_gt 
_reflns_shell.number_unique_gt 
_reflns_shell.percent_possible_gt 
_reflns_shell.Rmerge_F_gt 
_reflns_shell.Rmerge_I_gt 
_reflns_shell.pdbx_redundancy 
_reflns_shell.pdbx_chi_squared 
_reflns_shell.pdbx_netI_over_sigmaI_all 
_reflns_shell.pdbx_netI_over_sigmaI_obs 
_reflns_shell.pdbx_Rrim_I_all 
_reflns_shell.pdbx_Rpim_I_all 
_reflns_shell.pdbx_rejects 
_reflns_shell.pdbx_ordinal 
_reflns_shell.pdbx_diffrn_id 
_reflns_shell.pdbx_CC_half 
_reflns_shell.pdbx_CC_star 
_reflns_shell.pdbx_R_split 
_reflns_shell.percent_possible_all 
_reflns_shell.Rmerge_I_all 
_reflns_shell.Rmerge_I_obs 
_reflns_shell.pdbx_Rsym_value 
_reflns_shell.pdbx_percent_possible_ellipsoidal 
_reflns_shell.pdbx_percent_possible_spherical 
_reflns_shell.pdbx_percent_possible_ellipsoidal_anomalous 
_reflns_shell.pdbx_percent_possible_spherical_anomalous 
_reflns_shell.pdbx_redundancy_anomalous 
_reflns_shell.pdbx_CC_half_anomalous 
_reflns_shell.pdbx_absDiff_over_sigma_anomalous 
_reflns_shell.pdbx_percent_possible_anomalous 
1.58 1.64  ? ? ? ? ? ? 590 ? ? ? ? ? ? ? ? ? ? ? 7.0 1.031 ? ? 0.111 0.042 ? 1  1 0.995 0.999 ? 100.0 ? 0.102 ? ? ? ? ? ? ? ? ? 
1.64 1.70  ? ? ? ? ? ? 582 ? ? ? ? ? ? ? ? ? ? ? 7.0 1.005 ? ? 0.079 0.030 ? 2  1 0.997 0.999 ? 100.0 ? 0.073 ? ? ? ? ? ? ? ? ? 
1.70 1.78  ? ? ? ? ? ? 566 ? ? ? ? ? ? ? ? ? ? ? 7.0 1.036 ? ? 0.066 0.025 ? 3  1 0.997 0.999 ? 100.0 ? 0.061 ? ? ? ? ? ? ? ? ? 
1.78 1.87  ? ? ? ? ? ? 609 ? ? ? ? ? ? ? ? ? ? ? 7.0 1.086 ? ? 0.055 0.021 ? 4  1 0.999 1.000 ? 100.0 ? 0.051 ? ? ? ? ? ? ? ? ? 
1.87 1.99  ? ? ? ? ? ? 547 ? ? ? ? ? ? ? ? ? ? ? 6.7 1.062 ? ? 0.055 0.021 ? 5  1 0.998 0.999 ? 100.0 ? 0.051 ? ? ? ? ? ? ? ? ? 
1.99 2.14  ? ? ? ? ? ? 602 ? ? ? ? ? ? ? ? ? ? ? 6.5 1.015 ? ? 0.051 0.020 ? 6  1 0.998 0.999 ? 100.0 ? 0.047 ? ? ? ? ? ? ? ? ? 
2.14 2.36  ? ? ? ? ? ? 572 ? ? ? ? ? ? ? ? ? ? ? 6.8 1.003 ? ? 0.045 0.017 ? 7  1 0.999 1.000 ? 100.0 ? 0.042 ? ? ? ? ? ? ? ? ? 
2.36 2.70  ? ? ? ? ? ? 605 ? ? ? ? ? ? ? ? ? ? ? 6.7 1.042 ? ? 0.043 0.017 ? 8  1 0.999 1.000 ? 100.0 ? 0.039 ? ? ? ? ? ? ? ? ? 
2.70 3.40  ? ? ? ? ? ? 598 ? ? ? ? ? ? ? ? ? ? ? 6.5 1.003 ? ? 0.038 0.015 ? 9  1 0.999 1.000 ? 99.7  ? 0.035 ? ? ? ? ? ? ? ? ? 
3.40 30.00 ? ? ? ? ? ? 623 ? ? ? ? ? ? ? ? ? ? ? 6.3 1.054 ? ? 0.027 0.011 ? 10 1 0.999 1.000 ? 95.8  ? 0.025 ? ? ? ? ? ? ? ? ? 
# 
_refine.aniso_B[1][1]                            ? 
_refine.aniso_B[1][2]                            ? 
_refine.aniso_B[1][3]                            ? 
_refine.aniso_B[2][2]                            ? 
_refine.aniso_B[2][3]                            ? 
_refine.aniso_B[3][3]                            ? 
_refine.B_iso_max                                ? 
_refine.B_iso_mean                               ? 
_refine.B_iso_min                                ? 
_refine.correlation_coeff_Fo_to_Fc               ? 
_refine.correlation_coeff_Fo_to_Fc_free          ? 
_refine.details                                  ? 
_refine.diff_density_max                         ? 
_refine.diff_density_max_esd                     ? 
_refine.diff_density_min                         ? 
_refine.diff_density_min_esd                     ? 
_refine.diff_density_rms                         ? 
_refine.diff_density_rms_esd                     ? 
_refine.entry_id                                 8WQ7 
_refine.pdbx_refine_id                           'X-RAY DIFFRACTION' 
_refine.ls_abs_structure_details                 ? 
_refine.ls_abs_structure_Flack                   ? 
_refine.ls_abs_structure_Flack_esd               ? 
_refine.ls_abs_structure_Rogers                  ? 
_refine.ls_abs_structure_Rogers_esd              ? 
_refine.ls_d_res_high                            1.58 
_refine.ls_d_res_low                             24.38 
_refine.ls_extinction_coef                       ? 
_refine.ls_extinction_coef_esd                   ? 
_refine.ls_extinction_expression                 ? 
_refine.ls_extinction_method                     ? 
_refine.ls_goodness_of_fit_all                   ? 
_refine.ls_goodness_of_fit_all_esd               ? 
_refine.ls_goodness_of_fit_obs                   ? 
_refine.ls_goodness_of_fit_obs_esd               ? 
_refine.ls_hydrogen_treatment                    ? 
_refine.ls_matrix_type                           ? 
_refine.ls_number_constraints                    ? 
_refine.ls_number_parameters                     ? 
_refine.ls_number_reflns_all                     ? 
_refine.ls_number_reflns_obs                     5870 
_refine.ls_number_reflns_R_free                  585 
_refine.ls_number_reflns_R_work                  ? 
_refine.ls_number_restraints                     ? 
_refine.ls_percent_reflns_obs                    99.42 
_refine.ls_percent_reflns_R_free                 9.97 
_refine.ls_R_factor_all                          ? 
_refine.ls_R_factor_obs                          0.2214 
_refine.ls_R_factor_R_free                       0.2457 
_refine.ls_R_factor_R_free_error                 ? 
_refine.ls_R_factor_R_free_error_details         ? 
_refine.ls_R_factor_R_work                       0.2185 
_refine.ls_R_Fsqd_factor_obs                     ? 
_refine.ls_R_I_factor_obs                        ? 
_refine.ls_redundancy_reflns_all                 ? 
_refine.ls_redundancy_reflns_obs                 ? 
_refine.ls_restrained_S_all                      ? 
_refine.ls_restrained_S_obs                      ? 
_refine.ls_shift_over_esd_max                    ? 
_refine.ls_shift_over_esd_mean                   ? 
_refine.ls_structure_factor_coef                 ? 
_refine.ls_weighting_details                     ? 
_refine.ls_weighting_scheme                      ? 
_refine.ls_wR_factor_all                         ? 
_refine.ls_wR_factor_obs                         ? 
_refine.ls_wR_factor_R_free                      ? 
_refine.ls_wR_factor_R_work                      ? 
_refine.occupancy_max                            ? 
_refine.occupancy_min                            ? 
_refine.solvent_model_details                    'FLAT BULK SOLVENT MODEL' 
_refine.solvent_model_param_bsol                 ? 
_refine.solvent_model_param_ksol                 ? 
_refine.pdbx_R_complete                          ? 
_refine.ls_R_factor_gt                           ? 
_refine.ls_goodness_of_fit_gt                    ? 
_refine.ls_goodness_of_fit_ref                   ? 
_refine.ls_shift_over_su_max                     ? 
_refine.ls_shift_over_su_max_lt                  ? 
_refine.ls_shift_over_su_mean                    ? 
_refine.ls_shift_over_su_mean_lt                 ? 
_refine.pdbx_ls_sigma_I                          ? 
_refine.pdbx_ls_sigma_F                          1.36 
_refine.pdbx_ls_sigma_Fsqd                       ? 
_refine.pdbx_data_cutoff_high_absF               ? 
_refine.pdbx_data_cutoff_high_rms_absF           ? 
_refine.pdbx_data_cutoff_low_absF                ? 
_refine.pdbx_isotropic_thermal_model             ? 
_refine.pdbx_ls_cross_valid_method               NONE 
_refine.pdbx_method_to_determine_struct          'MOLECULAR REPLACEMENT' 
_refine.pdbx_starting_model                      ? 
_refine.pdbx_stereochemistry_target_values       ML 
_refine.pdbx_R_Free_selection_details            ? 
_refine.pdbx_stereochem_target_val_spec_case     ? 
_refine.pdbx_overall_ESU_R                       ? 
_refine.pdbx_overall_ESU_R_Free                  ? 
_refine.pdbx_solvent_vdw_probe_radii             1.11 
_refine.pdbx_solvent_ion_probe_radii             ? 
_refine.pdbx_solvent_shrinkage_radii             0.90 
_refine.pdbx_real_space_R                        ? 
_refine.pdbx_density_correlation                 ? 
_refine.pdbx_pd_number_of_powder_patterns        ? 
_refine.pdbx_pd_number_of_points                 ? 
_refine.pdbx_pd_meas_number_of_points            ? 
_refine.pdbx_pd_proc_ls_prof_R_factor            ? 
_refine.pdbx_pd_proc_ls_prof_wR_factor           ? 
_refine.pdbx_pd_Marquardt_correlation_coeff      ? 
_refine.pdbx_pd_Fsqrd_R_factor                   ? 
_refine.pdbx_pd_ls_matrix_band_width             ? 
_refine.pdbx_overall_phase_error                 26.59 
_refine.pdbx_overall_SU_R_free_Cruickshank_DPI   ? 
_refine.pdbx_overall_SU_R_free_Blow_DPI          ? 
_refine.pdbx_overall_SU_R_Blow_DPI               ? 
_refine.pdbx_TLS_residual_ADP_flag               ? 
_refine.pdbx_diffrn_id                           1 
_refine.overall_SU_B                             ? 
_refine.overall_SU_ML                            0.13 
_refine.overall_SU_R_Cruickshank_DPI             ? 
_refine.overall_SU_R_free                        ? 
_refine.overall_FOM_free_R_set                   ? 
_refine.overall_FOM_work_R_set                   ? 
_refine.pdbx_average_fsc_overall                 ? 
_refine.pdbx_average_fsc_work                    ? 
_refine.pdbx_average_fsc_free                    ? 
# 
_refine_hist.pdbx_refine_id                   'X-RAY DIFFRACTION' 
_refine_hist.cycle_id                         LAST 
_refine_hist.pdbx_number_atoms_protein        0 
_refine_hist.pdbx_number_atoms_nucleic_acid   328 
_refine_hist.pdbx_number_atoms_ligand         36 
_refine_hist.number_atoms_solvent             42 
_refine_hist.number_atoms_total               406 
_refine_hist.d_res_high                       1.58 
_refine_hist.d_res_low                        24.38 
# 
loop_
_refine_ls_restr.pdbx_refine_id 
_refine_ls_restr.criterion 
_refine_ls_restr.dev_ideal 
_refine_ls_restr.dev_ideal_target 
_refine_ls_restr.number 
_refine_ls_restr.rejects 
_refine_ls_restr.type 
_refine_ls_restr.weight 
_refine_ls_restr.pdbx_restraint_function 
'X-RAY DIFFRACTION' ? 0.008  ? 404 ? f_bond_d           ? ? 
'X-RAY DIFFRACTION' ? 1.209  ? 612 ? f_angle_d          ? ? 
'X-RAY DIFFRACTION' ? 34.515 ? 156 ? f_dihedral_angle_d ? ? 
'X-RAY DIFFRACTION' ? 0.063  ? 64  ? f_chiral_restr     ? ? 
'X-RAY DIFFRACTION' ? 0.008  ? 18  ? f_plane_restr      ? ? 
# 
loop_
_refine_ls_shell.pdbx_refine_id 
_refine_ls_shell.d_res_high 
_refine_ls_shell.d_res_low 
_refine_ls_shell.number_reflns_all 
_refine_ls_shell.number_reflns_obs 
_refine_ls_shell.number_reflns_R_free 
_refine_ls_shell.number_reflns_R_work 
_refine_ls_shell.percent_reflns_obs 
_refine_ls_shell.percent_reflns_R_free 
_refine_ls_shell.R_factor_all 
_refine_ls_shell.R_factor_obs 
_refine_ls_shell.R_factor_R_free_error 
_refine_ls_shell.R_factor_R_work 
_refine_ls_shell.redundancy_reflns_all 
_refine_ls_shell.redundancy_reflns_obs 
_refine_ls_shell.wR_factor_all 
_refine_ls_shell.wR_factor_obs 
_refine_ls_shell.wR_factor_R_free 
_refine_ls_shell.wR_factor_R_work 
_refine_ls_shell.pdbx_R_complete 
_refine_ls_shell.pdbx_total_number_of_bins_used 
_refine_ls_shell.pdbx_phase_error 
_refine_ls_shell.pdbx_fsc_work 
_refine_ls_shell.pdbx_fsc_free 
_refine_ls_shell.R_factor_R_free 
'X-RAY DIFFRACTION' 1.58 1.74  . . 144 1310 100.00 . . . . 0.2256 . . . . . . . . . . . 0.2924 
'X-RAY DIFFRACTION' 1.74 1.99  . . 141 1290 100.00 . . . . 0.2220 . . . . . . . . . . . 0.2778 
'X-RAY DIFFRACTION' 1.99 2.51  . . 150 1330 100.00 . . . . 0.2697 . . . . . . . . . . . 0.2577 
'X-RAY DIFFRACTION' 2.51 24.38 . . 150 1355 98.00  . . . . 0.1952 . . . . . . . . . . . 0.2215 
# 
_struct.entry_id                     8WQ7 
_struct.title                        'Crystal structure of d(CGTATACG)2 with a four-carbon linker containing diacridine compound' 
_struct.pdbx_model_details           ? 
_struct.pdbx_formula_weight          ? 
_struct.pdbx_formula_weight_method   ? 
_struct.pdbx_model_type_details      ? 
_struct.pdbx_CASP_flag               N 
# 
_struct_keywords.entry_id        8WQ7 
_struct_keywords.text            'Drug-DNA complex, bis-intercalator, acridine, DNA' 
_struct_keywords.pdbx_keywords   DNA 
# 
loop_
_struct_asym.id 
_struct_asym.pdbx_blank_PDB_chainid_flag 
_struct_asym.pdbx_modified 
_struct_asym.entity_id 
_struct_asym.details 
A N N 1 ? 
B N N 1 ? 
C N N 2 ? 
D N N 2 ? 
E N N 3 ? 
F N N 4 ? 
G N N 4 ? 
# 
_struct_ref.id                         1 
_struct_ref.db_name                    PDB 
_struct_ref.db_code                    8WQ7 
_struct_ref.pdbx_db_accession          8WQ7 
_struct_ref.pdbx_db_isoform            ? 
_struct_ref.entity_id                  1 
_struct_ref.pdbx_seq_one_letter_code   ? 
_struct_ref.pdbx_align_begin           1 
# 
loop_
_struct_ref_seq.align_id 
_struct_ref_seq.ref_id 
_struct_ref_seq.pdbx_PDB_id_code 
_struct_ref_seq.pdbx_strand_id 
_struct_ref_seq.seq_align_beg 
_struct_ref_seq.pdbx_seq_align_beg_ins_code 
_struct_ref_seq.seq_align_end 
_struct_ref_seq.pdbx_seq_align_end_ins_code 
_struct_ref_seq.pdbx_db_accession 
_struct_ref_seq.db_align_beg 
_struct_ref_seq.pdbx_db_align_beg_ins_code 
_struct_ref_seq.db_align_end 
_struct_ref_seq.pdbx_db_align_end_ins_code 
_struct_ref_seq.pdbx_auth_seq_align_beg 
_struct_ref_seq.pdbx_auth_seq_align_end 
1 1 8WQ7 A 1 ? 8 ? 8WQ7 1 ? 8 ? 1 8 
2 1 8WQ7 B 1 ? 8 ? 8WQ7 1 ? 8 ? 1 8 
# 
_pdbx_struct_assembly.id                   1 
_pdbx_struct_assembly.details              author_and_software_defined_assembly 
_pdbx_struct_assembly.method_details       PISA 
_pdbx_struct_assembly.oligomeric_details   dimeric 
_pdbx_struct_assembly.oligomeric_count     2 
# 
loop_
_pdbx_struct_assembly_prop.biol_id 
_pdbx_struct_assembly_prop.type 
_pdbx_struct_assembly_prop.value 
_pdbx_struct_assembly_prop.details 
1 'ABSA (A^2)' 1130 ? 
1 MORE         -13  ? 
1 'SSA (A^2)'  3880 ? 
# 
_pdbx_struct_assembly_gen.assembly_id       1 
_pdbx_struct_assembly_gen.oper_expression   1 
_pdbx_struct_assembly_gen.asym_id_list      A,B,C,D,E,F,G 
# 
_pdbx_struct_assembly_auth_evidence.id                     1 
_pdbx_struct_assembly_auth_evidence.assembly_id            1 
_pdbx_struct_assembly_auth_evidence.experimental_support   none 
_pdbx_struct_assembly_auth_evidence.details                ? 
# 
_pdbx_struct_oper_list.id                   1 
_pdbx_struct_oper_list.type                 'identity operation' 
_pdbx_struct_oper_list.name                 1_555 
_pdbx_struct_oper_list.symmetry_operation   x,y,z 
_pdbx_struct_oper_list.matrix[1][1]         1.0000000000 
_pdbx_struct_oper_list.matrix[1][2]         0.0000000000 
_pdbx_struct_oper_list.matrix[1][3]         0.0000000000 
_pdbx_struct_oper_list.vector[1]            0.0000000000 
_pdbx_struct_oper_list.matrix[2][1]         0.0000000000 
_pdbx_struct_oper_list.matrix[2][2]         1.0000000000 
_pdbx_struct_oper_list.matrix[2][3]         0.0000000000 
_pdbx_struct_oper_list.vector[2]            0.0000000000 
_pdbx_struct_oper_list.matrix[3][1]         0.0000000000 
_pdbx_struct_oper_list.matrix[3][2]         0.0000000000 
_pdbx_struct_oper_list.matrix[3][3]         1.0000000000 
_pdbx_struct_oper_list.vector[3]            0.0000000000 
# 
loop_
_struct_conn.id 
_struct_conn.conn_type_id 
_struct_conn.pdbx_leaving_atom_flag 
_struct_conn.pdbx_PDB_id 
_struct_conn.ptnr1_label_asym_id 
_struct_conn.ptnr1_label_comp_id 
_struct_conn.ptnr1_label_seq_id 
_struct_conn.ptnr1_label_atom_id 
_struct_conn.pdbx_ptnr1_label_alt_id 
_struct_conn.pdbx_ptnr1_PDB_ins_code 
_struct_conn.pdbx_ptnr1_standard_comp_id 
_struct_conn.ptnr1_symmetry 
_struct_conn.ptnr2_label_asym_id 
_struct_conn.ptnr2_label_comp_id 
_struct_conn.ptnr2_label_seq_id 
_struct_conn.ptnr2_label_atom_id 
_struct_conn.pdbx_ptnr2_label_alt_id 
_struct_conn.pdbx_ptnr2_PDB_ins_code 
_struct_conn.ptnr1_auth_asym_id 
_struct_conn.ptnr1_auth_comp_id 
_struct_conn.ptnr1_auth_seq_id 
_struct_conn.ptnr2_auth_asym_id 
_struct_conn.ptnr2_auth_comp_id 
_struct_conn.ptnr2_auth_seq_id 
_struct_conn.ptnr2_symmetry 
_struct_conn.pdbx_ptnr3_label_atom_id 
_struct_conn.pdbx_ptnr3_label_seq_id 
_struct_conn.pdbx_ptnr3_label_comp_id 
_struct_conn.pdbx_ptnr3_label_asym_id 
_struct_conn.pdbx_ptnr3_label_alt_id 
_struct_conn.pdbx_ptnr3_PDB_ins_code 
_struct_conn.details 
_struct_conn.pdbx_dist_value 
_struct_conn.pdbx_value_order 
_struct_conn.pdbx_role 
metalc1  metalc ? ? A DT  5 OP2 ? ? ? 1_555 C MN  . MN ? ? A DT  5   A MN  101 1_555 ? ? ? ? ? ? ?            2.100 ? ? 
metalc2  metalc ? ? C MN  . MN  ? ? ? 1_555 F HOH . O  ? ? A MN  101 A HOH 213 1_555 ? ? ? ? ? ? ?            2.068 ? ? 
metalc3  metalc ? ? C MN  . MN  ? ? ? 1_555 G HOH . O  ? ? A MN  101 B HOH 204 3_554 ? ? ? ? ? ? ?            2.157 ? ? 
metalc4  metalc ? ? C MN  . MN  ? ? ? 1_555 G HOH . O  ? ? A MN  101 B HOH 212 3_554 ? ? ? ? ? ? ?            2.299 ? ? 
metalc5  metalc ? ? C MN  . MN  ? ? ? 1_555 G HOH . O  ? ? A MN  101 B HOH 213 3_554 ? ? ? ? ? ? ?            2.218 ? ? 
metalc6  metalc ? ? C MN  . MN  ? ? ? 1_555 G HOH . O  ? ? A MN  101 B HOH 215 3_554 ? ? ? ? ? ? ?            2.135 ? ? 
metalc7  metalc ? ? F HOH . O   ? ? ? 4_545 D MN  . MN ? ? A HOH 203 B MN  101 1_555 ? ? ? ? ? ? ?            2.205 ? ? 
metalc8  metalc ? ? F HOH . O   ? ? ? 4_545 D MN  . MN ? ? A HOH 206 B MN  101 1_555 ? ? ? ? ? ? ?            2.270 ? ? 
metalc9  metalc ? ? F HOH . O   ? ? ? 4_545 D MN  . MN ? ? A HOH 209 B MN  101 1_555 ? ? ? ? ? ? ?            2.245 ? ? 
metalc10 metalc ? ? B DT  5 OP2 ? ? ? 1_555 D MN  . MN ? ? B DT  5   B MN  101 1_555 ? ? ? ? ? ? ?            2.114 ? ? 
metalc11 metalc ? ? D MN  . MN  ? ? ? 1_555 G HOH . O  ? ? B MN  101 B HOH 217 1_555 ? ? ? ? ? ? ?            2.164 ? ? 
metalc12 metalc ? ? D MN  . MN  ? ? ? 1_555 G HOH . O  ? ? B MN  101 B HOH 220 1_555 ? ? ? ? ? ? ?            2.132 ? ? 
hydrog1  hydrog ? ? A DC  1 N3  ? ? ? 1_555 B DG  8 N1 ? ? A DC  1   B DG  8   1_555 ? ? ? ? ? ? WATSON-CRICK ?     ? ? 
hydrog2  hydrog ? ? A DC  1 N4  ? ? ? 1_555 B DG  8 O6 ? ? A DC  1   B DG  8   1_555 ? ? ? ? ? ? WATSON-CRICK ?     ? ? 
hydrog3  hydrog ? ? A DC  1 O2  ? ? ? 1_555 B DG  8 N2 ? ? A DC  1   B DG  8   1_555 ? ? ? ? ? ? WATSON-CRICK ?     ? ? 
hydrog4  hydrog ? ? A DG  2 N1  ? ? ? 1_555 B DC  7 N3 ? ? A DG  2   B DC  7   1_555 ? ? ? ? ? ? WATSON-CRICK ?     ? ? 
hydrog5  hydrog ? ? A DG  2 N2  ? ? ? 1_555 B DC  7 O2 ? ? A DG  2   B DC  7   1_555 ? ? ? ? ? ? WATSON-CRICK ?     ? ? 
hydrog6  hydrog ? ? A DG  2 O6  ? ? ? 1_555 B DC  7 N4 ? ? A DG  2   B DC  7   1_555 ? ? ? ? ? ? WATSON-CRICK ?     ? ? 
hydrog7  hydrog ? ? A DT  3 N3  ? ? ? 1_555 B DA  6 N1 ? ? A DT  3   B DA  6   1_555 ? ? ? ? ? ? WATSON-CRICK ?     ? ? 
hydrog8  hydrog ? ? A DT  3 O4  ? ? ? 1_555 B DA  6 N6 ? ? A DT  3   B DA  6   1_555 ? ? ? ? ? ? WATSON-CRICK ?     ? ? 
hydrog9  hydrog ? ? A DA  4 N1  ? ? ? 1_555 B DT  5 N3 ? ? A DA  4   B DT  5   1_555 ? ? ? ? ? ? WATSON-CRICK ?     ? ? 
hydrog10 hydrog ? ? A DA  4 N6  ? ? ? 1_555 B DT  5 O4 ? ? A DA  4   B DT  5   1_555 ? ? ? ? ? ? WATSON-CRICK ?     ? ? 
hydrog11 hydrog ? ? A DT  5 N3  ? ? ? 1_555 B DA  4 N1 ? ? A DT  5   B DA  4   1_555 ? ? ? ? ? ? WATSON-CRICK ?     ? ? 
hydrog12 hydrog ? ? A DT  5 O4  ? ? ? 1_555 B DA  4 N6 ? ? A DT  5   B DA  4   1_555 ? ? ? ? ? ? WATSON-CRICK ?     ? ? 
hydrog13 hydrog ? ? A DA  6 N1  ? ? ? 1_555 B DT  3 N3 ? ? A DA  6   B DT  3   1_555 ? ? ? ? ? ? WATSON-CRICK ?     ? ? 
hydrog14 hydrog ? ? A DA  6 N6  ? ? ? 1_555 B DT  3 O4 ? ? A DA  6   B DT  3   1_555 ? ? ? ? ? ? WATSON-CRICK ?     ? ? 
hydrog15 hydrog ? ? A DC  7 N3  ? ? ? 1_555 B DG  2 N1 ? ? A DC  7   B DG  2   1_555 ? ? ? ? ? ? WATSON-CRICK ?     ? ? 
hydrog16 hydrog ? ? A DC  7 N4  ? ? ? 1_555 B DG  2 O6 ? ? A DC  7   B DG  2   1_555 ? ? ? ? ? ? WATSON-CRICK ?     ? ? 
hydrog17 hydrog ? ? A DC  7 O2  ? ? ? 1_555 B DG  2 N2 ? ? A DC  7   B DG  2   1_555 ? ? ? ? ? ? WATSON-CRICK ?     ? ? 
hydrog18 hydrog ? ? A DG  8 N1  ? ? ? 1_555 B DC  1 N3 ? ? A DG  8   B DC  1   1_555 ? ? ? ? ? ? WATSON-CRICK ?     ? ? 
hydrog19 hydrog ? ? A DG  8 N2  ? ? ? 1_555 B DC  1 O2 ? ? A DG  8   B DC  1   1_555 ? ? ? ? ? ? WATSON-CRICK ?     ? ? 
hydrog20 hydrog ? ? A DG  8 O6  ? ? ? 1_555 B DC  1 N4 ? ? A DG  8   B DC  1   1_555 ? ? ? ? ? ? WATSON-CRICK ?     ? ? 
# 
loop_
_struct_conn_type.id 
_struct_conn_type.criteria 
_struct_conn_type.reference 
metalc ? ? 
hydrog ? ? 
# 
loop_
_pdbx_struct_conn_angle.id 
_pdbx_struct_conn_angle.ptnr1_label_atom_id 
_pdbx_struct_conn_angle.ptnr1_label_alt_id 
_pdbx_struct_conn_angle.ptnr1_label_asym_id 
_pdbx_struct_conn_angle.ptnr1_label_comp_id 
_pdbx_struct_conn_angle.ptnr1_label_seq_id 
_pdbx_struct_conn_angle.ptnr1_auth_atom_id 
_pdbx_struct_conn_angle.ptnr1_auth_asym_id 
_pdbx_struct_conn_angle.ptnr1_auth_comp_id 
_pdbx_struct_conn_angle.ptnr1_auth_seq_id 
_pdbx_struct_conn_angle.ptnr1_PDB_ins_code 
_pdbx_struct_conn_angle.ptnr1_symmetry 
_pdbx_struct_conn_angle.ptnr2_label_atom_id 
_pdbx_struct_conn_angle.ptnr2_label_alt_id 
_pdbx_struct_conn_angle.ptnr2_label_asym_id 
_pdbx_struct_conn_angle.ptnr2_label_comp_id 
_pdbx_struct_conn_angle.ptnr2_label_seq_id 
_pdbx_struct_conn_angle.ptnr2_auth_atom_id 
_pdbx_struct_conn_angle.ptnr2_auth_asym_id 
_pdbx_struct_conn_angle.ptnr2_auth_comp_id 
_pdbx_struct_conn_angle.ptnr2_auth_seq_id 
_pdbx_struct_conn_angle.ptnr2_PDB_ins_code 
_pdbx_struct_conn_angle.ptnr2_symmetry 
_pdbx_struct_conn_angle.ptnr3_label_atom_id 
_pdbx_struct_conn_angle.ptnr3_label_alt_id 
_pdbx_struct_conn_angle.ptnr3_label_asym_id 
_pdbx_struct_conn_angle.ptnr3_label_comp_id 
_pdbx_struct_conn_angle.ptnr3_label_seq_id 
_pdbx_struct_conn_angle.ptnr3_auth_atom_id 
_pdbx_struct_conn_angle.ptnr3_auth_asym_id 
_pdbx_struct_conn_angle.ptnr3_auth_comp_id 
_pdbx_struct_conn_angle.ptnr3_auth_seq_id 
_pdbx_struct_conn_angle.ptnr3_PDB_ins_code 
_pdbx_struct_conn_angle.ptnr3_symmetry 
_pdbx_struct_conn_angle.value 
_pdbx_struct_conn_angle.value_esd 
1  OP2 ? A DT  5 ? A DT  5   ? 1_555 MN ? C MN . ? A MN 101 ? 1_555 O   ? F HOH . ? A HOH 213 ? 1_555 90.3  ? 
2  OP2 ? A DT  5 ? A DT  5   ? 1_555 MN ? C MN . ? A MN 101 ? 1_555 O   ? G HOH . ? B HOH 204 ? 3_554 90.8  ? 
3  O   ? F HOH . ? A HOH 213 ? 1_555 MN ? C MN . ? A MN 101 ? 1_555 O   ? G HOH . ? B HOH 204 ? 3_554 91.7  ? 
4  OP2 ? A DT  5 ? A DT  5   ? 1_555 MN ? C MN . ? A MN 101 ? 1_555 O   ? G HOH . ? B HOH 212 ? 3_554 95.3  ? 
5  O   ? F HOH . ? A HOH 213 ? 1_555 MN ? C MN . ? A MN 101 ? 1_555 O   ? G HOH . ? B HOH 212 ? 3_554 173.0 ? 
6  O   ? G HOH . ? B HOH 204 ? 3_554 MN ? C MN . ? A MN 101 ? 1_555 O   ? G HOH . ? B HOH 212 ? 3_554 92.4  ? 
7  OP2 ? A DT  5 ? A DT  5   ? 1_555 MN ? C MN . ? A MN 101 ? 1_555 O   ? G HOH . ? B HOH 213 ? 3_554 176.0 ? 
8  O   ? F HOH . ? A HOH 213 ? 1_555 MN ? C MN . ? A MN 101 ? 1_555 O   ? G HOH . ? B HOH 213 ? 3_554 92.0  ? 
9  O   ? G HOH . ? B HOH 204 ? 3_554 MN ? C MN . ? A MN 101 ? 1_555 O   ? G HOH . ? B HOH 213 ? 3_554 85.9  ? 
10 O   ? G HOH . ? B HOH 212 ? 3_554 MN ? C MN . ? A MN 101 ? 1_555 O   ? G HOH . ? B HOH 213 ? 3_554 82.6  ? 
11 OP2 ? A DT  5 ? A DT  5   ? 1_555 MN ? C MN . ? A MN 101 ? 1_555 O   ? G HOH . ? B HOH 215 ? 3_554 92.9  ? 
12 O   ? F HOH . ? A HOH 213 ? 1_555 MN ? C MN . ? A MN 101 ? 1_555 O   ? G HOH . ? B HOH 215 ? 3_554 86.0  ? 
13 O   ? G HOH . ? B HOH 204 ? 3_554 MN ? C MN . ? A MN 101 ? 1_555 O   ? G HOH . ? B HOH 215 ? 3_554 175.7 ? 
14 O   ? G HOH . ? B HOH 212 ? 3_554 MN ? C MN . ? A MN 101 ? 1_555 O   ? G HOH . ? B HOH 215 ? 3_554 89.6  ? 
15 O   ? G HOH . ? B HOH 213 ? 3_554 MN ? C MN . ? A MN 101 ? 1_555 O   ? G HOH . ? B HOH 215 ? 3_554 90.5  ? 
16 O   ? F HOH . ? A HOH 203 ? 4_545 MN ? D MN . ? B MN 101 ? 1_555 O   ? F HOH . ? A HOH 206 ? 4_545 91.5  ? 
17 O   ? F HOH . ? A HOH 203 ? 4_545 MN ? D MN . ? B MN 101 ? 1_555 O   ? F HOH . ? A HOH 209 ? 4_545 89.3  ? 
18 O   ? F HOH . ? A HOH 206 ? 4_545 MN ? D MN . ? B MN 101 ? 1_555 O   ? F HOH . ? A HOH 209 ? 4_545 83.8  ? 
19 O   ? F HOH . ? A HOH 203 ? 4_545 MN ? D MN . ? B MN 101 ? 1_555 OP2 ? B DT  5 ? B DT  5   ? 1_555 86.8  ? 
20 O   ? F HOH . ? A HOH 206 ? 4_545 MN ? D MN . ? B MN 101 ? 1_555 OP2 ? B DT  5 ? B DT  5   ? 1_555 95.9  ? 
21 O   ? F HOH . ? A HOH 209 ? 4_545 MN ? D MN . ? B MN 101 ? 1_555 OP2 ? B DT  5 ? B DT  5   ? 1_555 176.1 ? 
22 O   ? F HOH . ? A HOH 203 ? 4_545 MN ? D MN . ? B MN 101 ? 1_555 O   ? G HOH . ? B HOH 217 ? 1_555 91.3  ? 
23 O   ? F HOH . ? A HOH 206 ? 4_545 MN ? D MN . ? B MN 101 ? 1_555 O   ? G HOH . ? B HOH 217 ? 1_555 172.6 ? 
24 O   ? F HOH . ? A HOH 209 ? 4_545 MN ? D MN . ? B MN 101 ? 1_555 O   ? G HOH . ? B HOH 217 ? 1_555 89.4  ? 
25 OP2 ? B DT  5 ? B DT  5   ? 1_555 MN ? D MN . ? B MN 101 ? 1_555 O   ? G HOH . ? B HOH 217 ? 1_555 91.1  ? 
26 O   ? F HOH . ? A HOH 203 ? 4_545 MN ? D MN . ? B MN 101 ? 1_555 O   ? G HOH . ? B HOH 220 ? 1_555 177.3 ? 
27 O   ? F HOH . ? A HOH 206 ? 4_545 MN ? D MN . ? B MN 101 ? 1_555 O   ? G HOH . ? B HOH 220 ? 1_555 91.1  ? 
28 O   ? F HOH . ? A HOH 209 ? 4_545 MN ? D MN . ? B MN 101 ? 1_555 O   ? G HOH . ? B HOH 220 ? 1_555 90.2  ? 
29 OP2 ? B DT  5 ? B DT  5   ? 1_555 MN ? D MN . ? B MN 101 ? 1_555 O   ? G HOH . ? B HOH 220 ? 1_555 93.7  ? 
30 O   ? G HOH . ? B HOH 217 ? 1_555 MN ? D MN . ? B MN 101 ? 1_555 O   ? G HOH . ? B HOH 220 ? 1_555 86.1  ? 
# 
_pdbx_entry_details.entry_id                   8WQ7 
_pdbx_entry_details.has_ligand_of_interest     Y 
_pdbx_entry_details.compound_details           ? 
_pdbx_entry_details.source_details             ? 
_pdbx_entry_details.nonpolymer_details         ? 
_pdbx_entry_details.sequence_details           ? 
_pdbx_entry_details.has_protein_modification   ? 
# 
_pdbx_validate_rmsd_angle.id                         1 
_pdbx_validate_rmsd_angle.PDB_model_num              1 
_pdbx_validate_rmsd_angle.auth_atom_id_1             "O4'" 
_pdbx_validate_rmsd_angle.auth_asym_id_1             B 
_pdbx_validate_rmsd_angle.auth_comp_id_1             DC 
_pdbx_validate_rmsd_angle.auth_seq_id_1              7 
_pdbx_validate_rmsd_angle.PDB_ins_code_1             ? 
_pdbx_validate_rmsd_angle.label_alt_id_1             ? 
_pdbx_validate_rmsd_angle.auth_atom_id_2             "C1'" 
_pdbx_validate_rmsd_angle.auth_asym_id_2             B 
_pdbx_validate_rmsd_angle.auth_comp_id_2             DC 
_pdbx_validate_rmsd_angle.auth_seq_id_2              7 
_pdbx_validate_rmsd_angle.PDB_ins_code_2             ? 
_pdbx_validate_rmsd_angle.label_alt_id_2             ? 
_pdbx_validate_rmsd_angle.auth_atom_id_3             N1 
_pdbx_validate_rmsd_angle.auth_asym_id_3             B 
_pdbx_validate_rmsd_angle.auth_comp_id_3             DC 
_pdbx_validate_rmsd_angle.auth_seq_id_3              7 
_pdbx_validate_rmsd_angle.PDB_ins_code_3             ? 
_pdbx_validate_rmsd_angle.label_alt_id_3             ? 
_pdbx_validate_rmsd_angle.angle_value                110.16 
_pdbx_validate_rmsd_angle.angle_target_value         108.30 
_pdbx_validate_rmsd_angle.angle_deviation            1.86 
_pdbx_validate_rmsd_angle.angle_standard_deviation   0.30 
_pdbx_validate_rmsd_angle.linker_flag                N 
# 
loop_
_pdbx_refine_tls.id 
_pdbx_refine_tls.pdbx_refine_id 
_pdbx_refine_tls.details 
_pdbx_refine_tls.method 
_pdbx_refine_tls.origin_x 
_pdbx_refine_tls.origin_y 
_pdbx_refine_tls.origin_z 
_pdbx_refine_tls.T[1][1] 
_pdbx_refine_tls.T[1][1]_esd 
_pdbx_refine_tls.T[1][2] 
_pdbx_refine_tls.T[1][2]_esd 
_pdbx_refine_tls.T[1][3] 
_pdbx_refine_tls.T[1][3]_esd 
_pdbx_refine_tls.T[2][2] 
_pdbx_refine_tls.T[2][2]_esd 
_pdbx_refine_tls.T[2][3] 
_pdbx_refine_tls.T[2][3]_esd 
_pdbx_refine_tls.T[3][3] 
_pdbx_refine_tls.T[3][3]_esd 
_pdbx_refine_tls.L[1][1] 
_pdbx_refine_tls.L[1][1]_esd 
_pdbx_refine_tls.L[1][2] 
_pdbx_refine_tls.L[1][2]_esd 
_pdbx_refine_tls.L[1][3] 
_pdbx_refine_tls.L[1][3]_esd 
_pdbx_refine_tls.L[2][2] 
_pdbx_refine_tls.L[2][2]_esd 
_pdbx_refine_tls.L[2][3] 
_pdbx_refine_tls.L[2][3]_esd 
_pdbx_refine_tls.L[3][3] 
_pdbx_refine_tls.L[3][3]_esd 
_pdbx_refine_tls.S[1][1] 
_pdbx_refine_tls.S[1][1]_esd 
_pdbx_refine_tls.S[1][2] 
_pdbx_refine_tls.S[1][2]_esd 
_pdbx_refine_tls.S[1][3] 
_pdbx_refine_tls.S[1][3]_esd 
_pdbx_refine_tls.S[2][1] 
_pdbx_refine_tls.S[2][1]_esd 
_pdbx_refine_tls.S[2][2] 
_pdbx_refine_tls.S[2][2]_esd 
_pdbx_refine_tls.S[2][3] 
_pdbx_refine_tls.S[2][3]_esd 
_pdbx_refine_tls.S[3][1] 
_pdbx_refine_tls.S[3][1]_esd 
_pdbx_refine_tls.S[3][2] 
_pdbx_refine_tls.S[3][2]_esd 
_pdbx_refine_tls.S[3][3] 
_pdbx_refine_tls.S[3][3]_esd 
1 'X-RAY DIFFRACTION' ? refined -1.8202 2.0094  -0.0568 0.0912 ? -0.0216 ? 0.0009 ? 0.1005 ? -0.0100 ? 0.1166 ? 2.6614 ? -2.3249 ? 3.9924 ? 3.3044 ? -2.7751 ? 9.6073 ? 0.0136 ? 0.0731  ? -0.1881 ? -0.0972 ? 0.2268  ? 0.2692 ? -0.2758 ? -0.0159 ? -0.2431 ? 
2 'X-RAY DIFFRACTION' ? refined 1.3869  -1.2016 -1.7580 0.1074 ? -0.0124 ? 0.0065 ? 0.1091 ? -0.0245 ? 0.1160 ? 1.7993 ? -1.7662 ? 3.2724 ? 1.7252 ? -3.0222 ? 8.1581 ? 0.2104 ? -0.0068 ? -0.2868 ? 0.1403  ? -0.0115 ? 0.1434 ? -0.0112 ? 0.2197  ? -0.2250 ? 
# 
loop_
_pdbx_refine_tls_group.id 
_pdbx_refine_tls_group.pdbx_refine_id 
_pdbx_refine_tls_group.refine_tls_id 
_pdbx_refine_tls_group.beg_label_asym_id 
_pdbx_refine_tls_group.beg_label_seq_id 
_pdbx_refine_tls_group.beg_auth_asym_id 
_pdbx_refine_tls_group.beg_auth_seq_id 
_pdbx_refine_tls_group.beg_PDB_ins_code 
_pdbx_refine_tls_group.end_label_asym_id 
_pdbx_refine_tls_group.end_label_seq_id 
_pdbx_refine_tls_group.end_auth_asym_id 
_pdbx_refine_tls_group.end_auth_seq_id 
_pdbx_refine_tls_group.end_PDB_ins_code 
_pdbx_refine_tls_group.selection 
_pdbx_refine_tls_group.selection_details 
1 'X-RAY DIFFRACTION' 1 ? ? ? ? ? ? ? ? ? ? ? 
;chain 'A' and (resid 1 through 8 )
;
2 'X-RAY DIFFRACTION' 2 ? ? ? ? ? ? ? ? ? ? ? 
;chain 'B' and (resid 1 through 8 )
;
# 
loop_
_chem_comp_atom.comp_id 
_chem_comp_atom.atom_id 
_chem_comp_atom.type_symbol 
_chem_comp_atom.pdbx_aromatic_flag 
_chem_comp_atom.pdbx_stereo_config 
_chem_comp_atom.pdbx_ordinal 
DA  OP3    O  N N 1   
DA  P      P  N N 2   
DA  OP1    O  N N 3   
DA  OP2    O  N N 4   
DA  "O5'"  O  N N 5   
DA  "C5'"  C  N N 6   
DA  "C4'"  C  N R 7   
DA  "O4'"  O  N N 8   
DA  "C3'"  C  N S 9   
DA  "O3'"  O  N N 10  
DA  "C2'"  C  N N 11  
DA  "C1'"  C  N R 12  
DA  N9     N  Y N 13  
DA  C8     C  Y N 14  
DA  N7     N  Y N 15  
DA  C5     C  Y N 16  
DA  C6     C  Y N 17  
DA  N6     N  N N 18  
DA  N1     N  Y N 19  
DA  C2     C  Y N 20  
DA  N3     N  Y N 21  
DA  C4     C  Y N 22  
DA  HOP3   H  N N 23  
DA  HOP2   H  N N 24  
DA  "H5'"  H  N N 25  
DA  "H5''" H  N N 26  
DA  "H4'"  H  N N 27  
DA  "H3'"  H  N N 28  
DA  "HO3'" H  N N 29  
DA  "H2'"  H  N N 30  
DA  "H2''" H  N N 31  
DA  "H1'"  H  N N 32  
DA  H8     H  N N 33  
DA  H61    H  N N 34  
DA  H62    H  N N 35  
DA  H2     H  N N 36  
DC  OP3    O  N N 37  
DC  P      P  N N 38  
DC  OP1    O  N N 39  
DC  OP2    O  N N 40  
DC  "O5'"  O  N N 41  
DC  "C5'"  C  N N 42  
DC  "C4'"  C  N R 43  
DC  "O4'"  O  N N 44  
DC  "C3'"  C  N S 45  
DC  "O3'"  O  N N 46  
DC  "C2'"  C  N N 47  
DC  "C1'"  C  N R 48  
DC  N1     N  N N 49  
DC  C2     C  N N 50  
DC  O2     O  N N 51  
DC  N3     N  N N 52  
DC  C4     C  N N 53  
DC  N4     N  N N 54  
DC  C5     C  N N 55  
DC  C6     C  N N 56  
DC  HOP3   H  N N 57  
DC  HOP2   H  N N 58  
DC  "H5'"  H  N N 59  
DC  "H5''" H  N N 60  
DC  "H4'"  H  N N 61  
DC  "H3'"  H  N N 62  
DC  "HO3'" H  N N 63  
DC  "H2'"  H  N N 64  
DC  "H2''" H  N N 65  
DC  "H1'"  H  N N 66  
DC  H41    H  N N 67  
DC  H42    H  N N 68  
DC  H5     H  N N 69  
DC  H6     H  N N 70  
DG  OP3    O  N N 71  
DG  P      P  N N 72  
DG  OP1    O  N N 73  
DG  OP2    O  N N 74  
DG  "O5'"  O  N N 75  
DG  "C5'"  C  N N 76  
DG  "C4'"  C  N R 77  
DG  "O4'"  O  N N 78  
DG  "C3'"  C  N S 79  
DG  "O3'"  O  N N 80  
DG  "C2'"  C  N N 81  
DG  "C1'"  C  N R 82  
DG  N9     N  Y N 83  
DG  C8     C  Y N 84  
DG  N7     N  Y N 85  
DG  C5     C  Y N 86  
DG  C6     C  N N 87  
DG  O6     O  N N 88  
DG  N1     N  N N 89  
DG  C2     C  N N 90  
DG  N2     N  N N 91  
DG  N3     N  N N 92  
DG  C4     C  Y N 93  
DG  HOP3   H  N N 94  
DG  HOP2   H  N N 95  
DG  "H5'"  H  N N 96  
DG  "H5''" H  N N 97  
DG  "H4'"  H  N N 98  
DG  "H3'"  H  N N 99  
DG  "HO3'" H  N N 100 
DG  "H2'"  H  N N 101 
DG  "H2''" H  N N 102 
DG  "H1'"  H  N N 103 
DG  H8     H  N N 104 
DG  H1     H  N N 105 
DG  H21    H  N N 106 
DG  H22    H  N N 107 
DT  OP3    O  N N 108 
DT  P      P  N N 109 
DT  OP1    O  N N 110 
DT  OP2    O  N N 111 
DT  "O5'"  O  N N 112 
DT  "C5'"  C  N N 113 
DT  "C4'"  C  N R 114 
DT  "O4'"  O  N N 115 
DT  "C3'"  C  N S 116 
DT  "O3'"  O  N N 117 
DT  "C2'"  C  N N 118 
DT  "C1'"  C  N R 119 
DT  N1     N  N N 120 
DT  C2     C  N N 121 
DT  O2     O  N N 122 
DT  N3     N  N N 123 
DT  C4     C  N N 124 
DT  O4     O  N N 125 
DT  C5     C  N N 126 
DT  C7     C  N N 127 
DT  C6     C  N N 128 
DT  HOP3   H  N N 129 
DT  HOP2   H  N N 130 
DT  "H5'"  H  N N 131 
DT  "H5''" H  N N 132 
DT  "H4'"  H  N N 133 
DT  "H3'"  H  N N 134 
DT  "HO3'" H  N N 135 
DT  "H2'"  H  N N 136 
DT  "H2''" H  N N 137 
DT  "H1'"  H  N N 138 
DT  H3     H  N N 139 
DT  H71    H  N N 140 
DT  H72    H  N N 141 
DT  H73    H  N N 142 
DT  H6     H  N N 143 
HOH O      O  N N 144 
HOH H1     H  N N 145 
HOH H2     H  N N 146 
MN  MN     MN N N 147 
XA5 C1     C  Y N 148 
XA5 C2     C  Y N 149 
XA5 C3     C  Y N 150 
XA5 C4     C  Y N 151 
XA5 C5     C  Y N 152 
XA5 C7     C  Y N 153 
XA5 C9     C  Y N 154 
XA5 C11    C  Y N 155 
XA5 CAI    C  Y N 156 
XA5 CAJ    C  Y N 157 
XA5 CAK    C  Y N 158 
XA5 CAL    C  Y N 159 
XA5 CAM    C  Y N 160 
XA5 CAN    C  Y N 161 
XA5 CAO    C  Y N 162 
XA5 CAP    C  Y N 163 
XA5 CAQ    C  Y N 164 
XA5 CAR    C  Y N 165 
XA5 CAS    C  Y N 166 
XA5 CAU    C  Y N 167 
XA5 CAV    C  Y N 168 
XA5 CBB    C  N N 169 
XA5 CBC    C  N N 170 
XA5 CBD    C  N N 171 
XA5 NAA    N  Y N 172 
XA5 NAB    N  N N 173 
XA5 C6     C  Y N 174 
XA5 C8     C  Y N 175 
XA5 C10    C  Y N 176 
XA5 C12    C  Y N 177 
XA5 C13    C  Y N 178 
XA5 C14    C  N N 179 
XA5 N1     N  Y N 180 
XA5 N2     N  N N 181 
XA5 H1     H  N N 182 
XA5 H2     H  N N 183 
XA5 H3     H  N N 184 
XA5 H4     H  N N 185 
XA5 H5     H  N N 186 
XA5 H6     H  N N 187 
XA5 H7     H  N N 188 
XA5 H8     H  N N 189 
XA5 H9     H  N N 190 
XA5 H10    H  N N 191 
XA5 H11    H  N N 192 
XA5 H12    H  N N 193 
XA5 H13    H  N N 194 
XA5 H14    H  N N 195 
XA5 H15    H  N N 196 
XA5 H16    H  N N 197 
XA5 H17    H  N N 198 
XA5 H18    H  N N 199 
XA5 H19    H  N N 200 
XA5 H20    H  N N 201 
XA5 H21    H  N N 202 
XA5 H22    H  N N 203 
XA5 H23    H  N N 204 
XA5 H24    H  N N 205 
XA5 H25    H  N N 206 
XA5 H26    H  N N 207 
# 
loop_
_chem_comp_bond.comp_id 
_chem_comp_bond.atom_id_1 
_chem_comp_bond.atom_id_2 
_chem_comp_bond.value_order 
_chem_comp_bond.pdbx_aromatic_flag 
_chem_comp_bond.pdbx_stereo_config 
_chem_comp_bond.pdbx_ordinal 
DA  OP3   P      sing N N 1   
DA  OP3   HOP3   sing N N 2   
DA  P     OP1    doub N N 3   
DA  P     OP2    sing N N 4   
DA  P     "O5'"  sing N N 5   
DA  OP2   HOP2   sing N N 6   
DA  "O5'" "C5'"  sing N N 7   
DA  "C5'" "C4'"  sing N N 8   
DA  "C5'" "H5'"  sing N N 9   
DA  "C5'" "H5''" sing N N 10  
DA  "C4'" "O4'"  sing N N 11  
DA  "C4'" "C3'"  sing N N 12  
DA  "C4'" "H4'"  sing N N 13  
DA  "O4'" "C1'"  sing N N 14  
DA  "C3'" "O3'"  sing N N 15  
DA  "C3'" "C2'"  sing N N 16  
DA  "C3'" "H3'"  sing N N 17  
DA  "O3'" "HO3'" sing N N 18  
DA  "C2'" "C1'"  sing N N 19  
DA  "C2'" "H2'"  sing N N 20  
DA  "C2'" "H2''" sing N N 21  
DA  "C1'" N9     sing N N 22  
DA  "C1'" "H1'"  sing N N 23  
DA  N9    C8     sing Y N 24  
DA  N9    C4     sing Y N 25  
DA  C8    N7     doub Y N 26  
DA  C8    H8     sing N N 27  
DA  N7    C5     sing Y N 28  
DA  C5    C6     sing Y N 29  
DA  C5    C4     doub Y N 30  
DA  C6    N6     sing N N 31  
DA  C6    N1     doub Y N 32  
DA  N6    H61    sing N N 33  
DA  N6    H62    sing N N 34  
DA  N1    C2     sing Y N 35  
DA  C2    N3     doub Y N 36  
DA  C2    H2     sing N N 37  
DA  N3    C4     sing Y N 38  
DC  OP3   P      sing N N 39  
DC  OP3   HOP3   sing N N 40  
DC  P     OP1    doub N N 41  
DC  P     OP2    sing N N 42  
DC  P     "O5'"  sing N N 43  
DC  OP2   HOP2   sing N N 44  
DC  "O5'" "C5'"  sing N N 45  
DC  "C5'" "C4'"  sing N N 46  
DC  "C5'" "H5'"  sing N N 47  
DC  "C5'" "H5''" sing N N 48  
DC  "C4'" "O4'"  sing N N 49  
DC  "C4'" "C3'"  sing N N 50  
DC  "C4'" "H4'"  sing N N 51  
DC  "O4'" "C1'"  sing N N 52  
DC  "C3'" "O3'"  sing N N 53  
DC  "C3'" "C2'"  sing N N 54  
DC  "C3'" "H3'"  sing N N 55  
DC  "O3'" "HO3'" sing N N 56  
DC  "C2'" "C1'"  sing N N 57  
DC  "C2'" "H2'"  sing N N 58  
DC  "C2'" "H2''" sing N N 59  
DC  "C1'" N1     sing N N 60  
DC  "C1'" "H1'"  sing N N 61  
DC  N1    C2     sing N N 62  
DC  N1    C6     sing N N 63  
DC  C2    O2     doub N N 64  
DC  C2    N3     sing N N 65  
DC  N3    C4     doub N N 66  
DC  C4    N4     sing N N 67  
DC  C4    C5     sing N N 68  
DC  N4    H41    sing N N 69  
DC  N4    H42    sing N N 70  
DC  C5    C6     doub N N 71  
DC  C5    H5     sing N N 72  
DC  C6    H6     sing N N 73  
DG  OP3   P      sing N N 74  
DG  OP3   HOP3   sing N N 75  
DG  P     OP1    doub N N 76  
DG  P     OP2    sing N N 77  
DG  P     "O5'"  sing N N 78  
DG  OP2   HOP2   sing N N 79  
DG  "O5'" "C5'"  sing N N 80  
DG  "C5'" "C4'"  sing N N 81  
DG  "C5'" "H5'"  sing N N 82  
DG  "C5'" "H5''" sing N N 83  
DG  "C4'" "O4'"  sing N N 84  
DG  "C4'" "C3'"  sing N N 85  
DG  "C4'" "H4'"  sing N N 86  
DG  "O4'" "C1'"  sing N N 87  
DG  "C3'" "O3'"  sing N N 88  
DG  "C3'" "C2'"  sing N N 89  
DG  "C3'" "H3'"  sing N N 90  
DG  "O3'" "HO3'" sing N N 91  
DG  "C2'" "C1'"  sing N N 92  
DG  "C2'" "H2'"  sing N N 93  
DG  "C2'" "H2''" sing N N 94  
DG  "C1'" N9     sing N N 95  
DG  "C1'" "H1'"  sing N N 96  
DG  N9    C8     sing Y N 97  
DG  N9    C4     sing Y N 98  
DG  C8    N7     doub Y N 99  
DG  C8    H8     sing N N 100 
DG  N7    C5     sing Y N 101 
DG  C5    C6     sing N N 102 
DG  C5    C4     doub Y N 103 
DG  C6    O6     doub N N 104 
DG  C6    N1     sing N N 105 
DG  N1    C2     sing N N 106 
DG  N1    H1     sing N N 107 
DG  C2    N2     sing N N 108 
DG  C2    N3     doub N N 109 
DG  N2    H21    sing N N 110 
DG  N2    H22    sing N N 111 
DG  N3    C4     sing N N 112 
DT  OP3   P      sing N N 113 
DT  OP3   HOP3   sing N N 114 
DT  P     OP1    doub N N 115 
DT  P     OP2    sing N N 116 
DT  P     "O5'"  sing N N 117 
DT  OP2   HOP2   sing N N 118 
DT  "O5'" "C5'"  sing N N 119 
DT  "C5'" "C4'"  sing N N 120 
DT  "C5'" "H5'"  sing N N 121 
DT  "C5'" "H5''" sing N N 122 
DT  "C4'" "O4'"  sing N N 123 
DT  "C4'" "C3'"  sing N N 124 
DT  "C4'" "H4'"  sing N N 125 
DT  "O4'" "C1'"  sing N N 126 
DT  "C3'" "O3'"  sing N N 127 
DT  "C3'" "C2'"  sing N N 128 
DT  "C3'" "H3'"  sing N N 129 
DT  "O3'" "HO3'" sing N N 130 
DT  "C2'" "C1'"  sing N N 131 
DT  "C2'" "H2'"  sing N N 132 
DT  "C2'" "H2''" sing N N 133 
DT  "C1'" N1     sing N N 134 
DT  "C1'" "H1'"  sing N N 135 
DT  N1    C2     sing N N 136 
DT  N1    C6     sing N N 137 
DT  C2    O2     doub N N 138 
DT  C2    N3     sing N N 139 
DT  N3    C4     sing N N 140 
DT  N3    H3     sing N N 141 
DT  C4    O4     doub N N 142 
DT  C4    C5     sing N N 143 
DT  C5    C7     sing N N 144 
DT  C5    C6     doub N N 145 
DT  C7    H71    sing N N 146 
DT  C7    H72    sing N N 147 
DT  C7    H73    sing N N 148 
DT  C6    H6     sing N N 149 
HOH O     H1     sing N N 150 
HOH O     H2     sing N N 151 
XA5 C6    C1     doub Y N 152 
XA5 C6    C5     sing Y N 153 
XA5 C13   C12    doub Y N 154 
XA5 C13   C7     sing Y N 155 
XA5 N1    C5     doub Y N 156 
XA5 N1    C7     sing Y N 157 
XA5 C1    C2     sing Y N 158 
XA5 C12   C11    sing Y N 159 
XA5 C5    C4     sing Y N 160 
XA5 C7    C8     doub Y N 161 
XA5 C2    C3     doub Y N 162 
XA5 C11   C10    doub Y N 163 
XA5 C4    C3     sing Y N 164 
XA5 C4    C9     doub Y N 165 
XA5 C8    C10    sing Y N 166 
XA5 C8    C9     sing Y N 167 
XA5 C9    N2     sing N N 168 
XA5 N2    C14    sing N N 169 
XA5 C14   CBD    sing N N 170 
XA5 CBD   CBC    sing N N 171 
XA5 CBC   CBB    sing N N 172 
XA5 CBB   NAB    sing N N 173 
XA5 NAB   CAQ    sing N N 174 
XA5 CAQ   CAL    doub Y N 175 
XA5 CAQ   CAP    sing Y N 176 
XA5 CAK   CAL    sing Y N 177 
XA5 CAK   CAJ    doub Y N 178 
XA5 CAR   CAP    doub Y N 179 
XA5 CAR   CAS    sing Y N 180 
XA5 CAL   CAM    sing Y N 181 
XA5 CAJ   CAI    sing Y N 182 
XA5 CAP   CAO    sing Y N 183 
XA5 CAS   CAU    doub Y N 184 
XA5 CAM   NAA    doub Y N 185 
XA5 CAM   CAN    sing Y N 186 
XA5 CAI   CAN    doub Y N 187 
XA5 CAO   NAA    sing Y N 188 
XA5 CAO   CAV    doub Y N 189 
XA5 CAU   CAV    sing Y N 190 
XA5 C1    H1     sing N N 191 
XA5 C2    H2     sing N N 192 
XA5 C3    H3     sing N N 193 
XA5 C11   H4     sing N N 194 
XA5 CAI   H5     sing N N 195 
XA5 CAJ   H6     sing N N 196 
XA5 CAK   H7     sing N N 197 
XA5 CAN   H8     sing N N 198 
XA5 CAR   H9     sing N N 199 
XA5 CAS   H10    sing N N 200 
XA5 CAU   H11    sing N N 201 
XA5 CAV   H12    sing N N 202 
XA5 CBB   H13    sing N N 203 
XA5 CBB   H14    sing N N 204 
XA5 CBC   H15    sing N N 205 
XA5 CBC   H16    sing N N 206 
XA5 CBD   H17    sing N N 207 
XA5 CBD   H18    sing N N 208 
XA5 NAB   H19    sing N N 209 
XA5 C6    H20    sing N N 210 
XA5 C10   H21    sing N N 211 
XA5 C12   H22    sing N N 212 
XA5 C13   H23    sing N N 213 
XA5 C14   H24    sing N N 214 
XA5 C14   H25    sing N N 215 
XA5 N2    H26    sing N N 216 
# 
loop_
_ndb_struct_conf_na.entry_id 
_ndb_struct_conf_na.feature 
8WQ7 'double helix'        
8WQ7 'b-form double helix' 
# 
loop_
_ndb_struct_na_base_pair.model_number 
_ndb_struct_na_base_pair.i_label_asym_id 
_ndb_struct_na_base_pair.i_label_comp_id 
_ndb_struct_na_base_pair.i_label_seq_id 
_ndb_struct_na_base_pair.i_symmetry 
_ndb_struct_na_base_pair.j_label_asym_id 
_ndb_struct_na_base_pair.j_label_comp_id 
_ndb_struct_na_base_pair.j_label_seq_id 
_ndb_struct_na_base_pair.j_symmetry 
_ndb_struct_na_base_pair.shear 
_ndb_struct_na_base_pair.stretch 
_ndb_struct_na_base_pair.stagger 
_ndb_struct_na_base_pair.buckle 
_ndb_struct_na_base_pair.propeller 
_ndb_struct_na_base_pair.opening 
_ndb_struct_na_base_pair.pair_number 
_ndb_struct_na_base_pair.pair_name 
_ndb_struct_na_base_pair.i_auth_asym_id 
_ndb_struct_na_base_pair.i_auth_seq_id 
_ndb_struct_na_base_pair.i_PDB_ins_code 
_ndb_struct_na_base_pair.j_auth_asym_id 
_ndb_struct_na_base_pair.j_auth_seq_id 
_ndb_struct_na_base_pair.j_PDB_ins_code 
_ndb_struct_na_base_pair.hbond_type_28 
_ndb_struct_na_base_pair.hbond_type_12 
1 A DC 1 1_555 B DG 8 1_555 0.216  -0.199 0.045  -2.546  -3.088  0.030  1 A_DC1:DG8_B A 1 ? B 8 ? 19 1 
1 A DG 2 1_555 B DC 7 1_555 -0.332 -0.119 -0.183 -21.213 -3.970  -0.835 2 A_DG2:DC7_B A 2 ? B 7 ? 19 1 
1 A DT 3 1_555 B DA 6 1_555 -0.064 -0.108 0.085  -7.474  -5.869  5.279  3 A_DT3:DA6_B A 3 ? B 6 ? 20 1 
1 A DA 4 1_555 B DT 5 1_555 -0.073 -0.193 -0.006 -0.736  -11.464 4.618  4 A_DA4:DT5_B A 4 ? B 5 ? 20 1 
1 A DT 5 1_555 B DA 4 1_555 0.058  -0.211 -0.026 0.973   -11.563 4.513  5 A_DT5:DA4_B A 5 ? B 4 ? 20 1 
1 A DA 6 1_555 B DT 3 1_555 0.146  -0.076 0.037  8.692   -5.707  4.693  6 A_DA6:DT3_B A 6 ? B 3 ? 20 1 
1 A DC 7 1_555 B DG 2 1_555 0.465  -0.143 0.023  18.026  -6.000  2.515  7 A_DC7:DG2_B A 7 ? B 2 ? 19 1 
1 A DG 8 1_555 B DC 1 1_555 -0.231 -0.189 0.085  3.200   -2.846  -0.450 8 A_DG8:DC1_B A 8 ? B 1 ? 19 1 
# 
loop_
_ndb_struct_na_base_pair_step.model_number 
_ndb_struct_na_base_pair_step.i_label_asym_id_1 
_ndb_struct_na_base_pair_step.i_label_comp_id_1 
_ndb_struct_na_base_pair_step.i_label_seq_id_1 
_ndb_struct_na_base_pair_step.i_symmetry_1 
_ndb_struct_na_base_pair_step.j_label_asym_id_1 
_ndb_struct_na_base_pair_step.j_label_comp_id_1 
_ndb_struct_na_base_pair_step.j_label_seq_id_1 
_ndb_struct_na_base_pair_step.j_symmetry_1 
_ndb_struct_na_base_pair_step.i_label_asym_id_2 
_ndb_struct_na_base_pair_step.i_label_comp_id_2 
_ndb_struct_na_base_pair_step.i_label_seq_id_2 
_ndb_struct_na_base_pair_step.i_symmetry_2 
_ndb_struct_na_base_pair_step.j_label_asym_id_2 
_ndb_struct_na_base_pair_step.j_label_comp_id_2 
_ndb_struct_na_base_pair_step.j_label_seq_id_2 
_ndb_struct_na_base_pair_step.j_symmetry_2 
_ndb_struct_na_base_pair_step.shift 
_ndb_struct_na_base_pair_step.slide 
_ndb_struct_na_base_pair_step.rise 
_ndb_struct_na_base_pair_step.tilt 
_ndb_struct_na_base_pair_step.roll 
_ndb_struct_na_base_pair_step.twist 
_ndb_struct_na_base_pair_step.x_displacement 
_ndb_struct_na_base_pair_step.y_displacement 
_ndb_struct_na_base_pair_step.helical_rise 
_ndb_struct_na_base_pair_step.inclination 
_ndb_struct_na_base_pair_step.tip 
_ndb_struct_na_base_pair_step.helical_twist 
_ndb_struct_na_base_pair_step.step_number 
_ndb_struct_na_base_pair_step.step_name 
_ndb_struct_na_base_pair_step.i_auth_asym_id_1 
_ndb_struct_na_base_pair_step.i_auth_seq_id_1 
_ndb_struct_na_base_pair_step.i_PDB_ins_code_1 
_ndb_struct_na_base_pair_step.j_auth_asym_id_1 
_ndb_struct_na_base_pair_step.j_auth_seq_id_1 
_ndb_struct_na_base_pair_step.j_PDB_ins_code_1 
_ndb_struct_na_base_pair_step.i_auth_asym_id_2 
_ndb_struct_na_base_pair_step.i_auth_seq_id_2 
_ndb_struct_na_base_pair_step.i_PDB_ins_code_2 
_ndb_struct_na_base_pair_step.j_auth_asym_id_2 
_ndb_struct_na_base_pair_step.j_auth_seq_id_2 
_ndb_struct_na_base_pair_step.j_PDB_ins_code_2 
1 A DG 2 1_555 B DC 7 1_555 A DT 3 1_555 B DA 6 1_555 0.276  0.056  2.990 -3.106 5.802  24.239 -1.433 -1.469 2.868 13.501 7.227   
25.103 1 AA_DG2DT3:DA6DC7_BB A 2 ? B 7 ? A 3 ? B 6 ? 
1 A DT 3 1_555 B DA 6 1_555 A DA 4 1_555 B DT 5 1_555 -0.384 1.045  3.317 -1.738 8.702  37.268 0.443  0.355  3.479 13.386 2.673   
38.274 2 AA_DT3DA4:DT5DA6_BB A 3 ? B 6 ? A 4 ? B 5 ? 
1 A DA 4 1_555 B DT 5 1_555 A DT 5 1_555 B DA 4 1_555 -0.010 -0.472 3.228 -0.073 6.899  26.920 -2.592 0.004  3.015 14.519 0.154   
27.774 3 AA_DA4DT5:DA4DT5_BB A 4 ? B 5 ? A 5 ? B 4 ? 
1 A DT 5 1_555 B DA 4 1_555 A DA 6 1_555 B DT 3 1_555 0.385  1.057  3.289 2.390  8.448  37.632 0.510  -0.274 3.455 12.883 -3.645  
38.607 4 AA_DT5DA6:DT3DA4_BB A 5 ? B 4 ? A 6 ? B 3 ? 
1 A DA 6 1_555 B DT 3 1_555 A DC 7 1_555 B DG 2 1_555 -0.157 0.045  3.125 0.993  5.368  25.833 -1.270 0.597  3.063 11.838 -2.189  
26.394 5 AA_DA6DC7:DG2DT3_BB A 6 ? B 3 ? A 7 ? B 2 ? 
1 A DC 7 1_555 B DG 2 1_555 A DG 8 1_555 B DC 1 1_555 2.050  1.519  6.976 14.020 -4.041 26.713 4.734  2.457  6.882 -8.030 -27.860 
30.374 6 AA_DC7DG8:DC1DG2_BB A 7 ? B 2 ? A 8 ? B 1 ? 
# 
_pdbx_audit_support.funding_organization   'Ministry of Science and Technology (MoST, Taiwan)' 
_pdbx_audit_support.country                Taiwan 
_pdbx_audit_support.grant_number           109-2628-M-005-001-MY4 
_pdbx_audit_support.ordinal                1 
# 
_pdbx_initial_refinement_model.id               1 
_pdbx_initial_refinement_model.entity_id_list   ? 
_pdbx_initial_refinement_model.type             'experimental model' 
_pdbx_initial_refinement_model.source_name      PDB 
_pdbx_initial_refinement_model.accession_code   8W7W 
_pdbx_initial_refinement_model.details          ? 
# 
_atom_sites.entry_id                    8WQ7 
_atom_sites.Cartn_transf_matrix[1][1]   ? 
_atom_sites.Cartn_transf_matrix[1][2]   ? 
_atom_sites.Cartn_transf_matrix[1][3]   ? 
_atom_sites.Cartn_transf_matrix[2][1]   ? 
_atom_sites.Cartn_transf_matrix[2][2]   ? 
_atom_sites.Cartn_transf_matrix[2][3]   ? 
_atom_sites.Cartn_transf_matrix[3][1]   ? 
_atom_sites.Cartn_transf_matrix[3][2]   ? 
_atom_sites.Cartn_transf_matrix[3][3]   ? 
_atom_sites.Cartn_transf_vector[1]      ? 
_atom_sites.Cartn_transf_vector[2]      ? 
_atom_sites.Cartn_transf_vector[3]      ? 
_atom_sites.Cartn_transform_axes        ? 
_atom_sites.fract_transf_matrix[1][1]   -0.02167867 
_atom_sites.fract_transf_matrix[1][2]   -0.00971928 
_atom_sites.fract_transf_matrix[1][3]   -0.01666004 
_atom_sites.fract_transf_matrix[2][1]   0.00673645 
_atom_sites.fract_transf_matrix[2][2]   0.01964881 
_atom_sites.fract_transf_matrix[2][3]   -0.02022861 
_atom_sites.fract_transf_matrix[3][1]   0.00902161 
_atom_sites.fract_transf_matrix[3][2]   -0.00948308 
_atom_sites.fract_transf_matrix[3][3]   -0.00620693 
_atom_sites.fract_transf_vector[1]      -0.070191 
_atom_sites.fract_transf_vector[2]      -0.471196 
_atom_sites.fract_transf_vector[3]      -0.125332 
_atom_sites.solution_primary            ? 
_atom_sites.solution_secondary          ? 
_atom_sites.solution_hydrogens          ? 
_atom_sites.special_details             ? 
# 
loop_
_atom_type.symbol 
C  
MN 
N  
O  
P  
# 
loop_
_atom_site.group_PDB 
_atom_site.id 
_atom_site.type_symbol 
_atom_site.label_atom_id 
_atom_site.label_alt_id 
_atom_site.label_comp_id 
_atom_site.label_asym_id 
_atom_site.label_entity_id 
_atom_site.label_seq_id 
_atom_site.pdbx_PDB_ins_code 
_atom_site.Cartn_x 
_atom_site.Cartn_y 
_atom_site.Cartn_z 
_atom_site.occupancy 
_atom_site.B_iso_or_equiv 
_atom_site.pdbx_formal_charge 
_atom_site.auth_seq_id 
_atom_site.auth_comp_id 
_atom_site.auth_asym_id 
_atom_site.auth_atom_id 
_atom_site.pdbx_PDB_model_num 
ATOM   1   P  P     . DC  A 1 1 ? -1.418  -12.988 5.606   1.00 82.34  ? 1   DC  A P     1 
ATOM   2   O  OP1   . DC  A 1 1 ? -1.201  -14.438 5.393   1.00 84.26  ? 1   DC  A OP1   1 
ATOM   3   O  OP2   . DC  A 1 1 ? -2.772  -12.406 5.454   1.00 78.38  ? 1   DC  A OP2   1 
ATOM   4   O  "O5'" . DC  A 1 1 ? -0.411  -12.147 4.674   1.00 78.59  ? 1   DC  A "O5'" 1 
ATOM   5   C  "C5'" . DC  A 1 1 ? 0.636   -11.357 5.261   1.00 53.85  ? 1   DC  A "C5'" 1 
ATOM   6   C  "C4'" . DC  A 1 1 ? 0.369   -11.136 6.737   1.00 30.86  ? 1   DC  A "C4'" 1 
ATOM   7   O  "O4'" . DC  A 1 1 ? 1.530   -11.504 7.510   1.00 23.35  ? 1   DC  A "O4'" 1 
ATOM   8   C  "C3'" . DC  A 1 1 ? 0.034   -9.712  7.130   1.00 24.50  ? 1   DC  A "C3'" 1 
ATOM   9   O  "O3'" . DC  A 1 1 ? -0.892  -9.731  8.181   1.00 26.15  ? 1   DC  A "O3'" 1 
ATOM   10  C  "C2'" . DC  A 1 1 ? 1.378   -9.139  7.576   1.00 14.58  ? 1   DC  A "C2'" 1 
ATOM   11  C  "C1'" . DC  A 1 1 ? 2.091   -10.363 8.136   1.00 19.18  ? 1   DC  A "C1'" 1 
ATOM   12  N  N1    . DC  A 1 1 ? 3.544   -10.365 7.866   1.00 16.89  ? 1   DC  A N1    1 
ATOM   13  C  C2    . DC  A 1 1 ? 4.364   -9.482  8.554   1.00 15.88  ? 1   DC  A C2    1 
ATOM   14  O  O2    . DC  A 1 1 ? 3.858   -8.715  9.378   1.00 16.34  ? 1   DC  A O2    1 
ATOM   15  N  N3    . DC  A 1 1 ? 5.696   -9.494  8.310   1.00 15.93  ? 1   DC  A N3    1 
ATOM   16  C  C4    . DC  A 1 1 ? 6.202   -10.342 7.416   1.00 17.83  ? 1   DC  A C4    1 
ATOM   17  N  N4    . DC  A 1 1 ? 7.524   -10.310 7.205   1.00 22.54  ? 1   DC  A N4    1 
ATOM   18  C  C5    . DC  A 1 1 ? 5.376   -11.252 6.696   1.00 20.93  ? 1   DC  A C5    1 
ATOM   19  C  C6    . DC  A 1 1 ? 4.064   -11.232 6.950   1.00 20.19  ? 1   DC  A C6    1 
ATOM   20  P  P     . DG  A 1 2 ? -2.446  -9.456  7.863   1.00 25.24  ? 2   DG  A P     1 
ATOM   21  O  OP1   . DG  A 1 2 ? -3.217  -10.253 8.842   1.00 30.29  ? 2   DG  A OP1   1 
ATOM   22  O  OP2   . DG  A 1 2 ? -2.692  -9.558  6.412   1.00 25.19  ? 2   DG  A OP2   1 
ATOM   23  O  "O5'" . DG  A 1 2 ? -2.631  -7.915  8.212   1.00 22.80  ? 2   DG  A "O5'" 1 
ATOM   24  C  "C5'" . DG  A 1 2 ? -2.184  -7.432  9.448   1.00 21.80  ? 2   DG  A "C5'" 1 
ATOM   25  C  "C4'" . DG  A 1 2 ? -2.340  -5.929  9.500   1.00 18.24  ? 2   DG  A "C4'" 1 
ATOM   26  O  "O4'" . DG  A 1 2 ? -1.191  -5.296  8.903   1.00 16.99  ? 2   DG  A "O4'" 1 
ATOM   27  C  "C3'" . DG  A 1 2 ? -3.549  -5.368  8.781   1.00 17.78  ? 2   DG  A "C3'" 1 
ATOM   28  O  "O3'" . DG  A 1 2 ? -4.027  -4.265  9.545   1.00 20.55  ? 2   DG  A "O3'" 1 
ATOM   29  C  "C2'" . DG  A 1 2 ? -2.988  -4.950  7.407   1.00 14.48  ? 2   DG  A "C2'" 1 
ATOM   30  C  "C1'" . DG  A 1 2 ? -1.557  -4.549  7.750   1.00 15.81  ? 2   DG  A "C1'" 1 
ATOM   31  N  N9    . DG  A 1 2 ? -0.555  -4.856  6.732   1.00 12.60  ? 2   DG  A N9    1 
ATOM   32  C  C8    . DG  A 1 2 ? -0.524  -5.928  5.878   1.00 14.30  ? 2   DG  A C8    1 
ATOM   33  N  N7    . DG  A 1 2 ? 0.542   -5.954  5.118   1.00 14.66  ? 2   DG  A N7    1 
ATOM   34  C  C5    . DG  A 1 2 ? 1.267   -4.833  5.511   1.00 9.63   ? 2   DG  A C5    1 
ATOM   35  C  C6    . DG  A 1 2 ? 2.513   -4.341  5.043   1.00 12.41  ? 2   DG  A C6    1 
ATOM   36  O  O6    . DG  A 1 2 ? 3.235   -4.818  4.158   1.00 15.98  ? 2   DG  A O6    1 
ATOM   37  N  N1    . DG  A 1 2 ? 2.892   -3.168  5.712   1.00 11.03  ? 2   DG  A N1    1 
ATOM   38  C  C2    . DG  A 1 2 ? 2.155   -2.568  6.716   1.00 11.46  ? 2   DG  A C2    1 
ATOM   39  N  N2    . DG  A 1 2 ? 2.658   -1.430  7.254   1.00 11.69  ? 2   DG  A N2    1 
ATOM   40  N  N3    . DG  A 1 2 ? 0.994   -3.023  7.146   1.00 9.34   ? 2   DG  A N3    1 
ATOM   41  C  C4    . DG  A 1 2 ? 0.614   -4.155  6.503   1.00 13.17  ? 2   DG  A C4    1 
ATOM   42  P  P     . DT  A 1 3 ? -5.318  -3.419  9.126   1.00 24.26  ? 3   DT  A P     1 
ATOM   43  O  OP1   . DT  A 1 3 ? -5.888  -2.892  10.387  1.00 28.16  ? 3   DT  A OP1   1 
ATOM   44  O  OP2   . DT  A 1 3 ? -6.170  -4.174  8.177   1.00 26.13  ? 3   DT  A OP2   1 
ATOM   45  O  "O5'" . DT  A 1 3 ? -4.705  -2.195  8.319   1.00 21.04  ? 3   DT  A "O5'" 1 
ATOM   46  C  "C5'" . DT  A 1 3 ? -3.768  -1.371  8.974   1.00 19.75  ? 3   DT  A "C5'" 1 
ATOM   47  C  "C4'" . DT  A 1 3 ? -3.059  -0.481  7.992   1.00 15.18  ? 3   DT  A "C4'" 1 
ATOM   48  O  "O4'" . DT  A 1 3 ? -2.193  -1.249  7.163   1.00 16.35  ? 3   DT  A "O4'" 1 
ATOM   49  C  "C3'" . DT  A 1 3 ? -3.959  0.284   7.038   1.00 23.08  ? 3   DT  A "C3'" 1 
ATOM   50  O  "O3'" . DT  A 1 3 ? -4.020  1.597   7.516   1.00 27.15  ? 3   DT  A "O3'" 1 
ATOM   51  C  "C2'" . DT  A 1 3 ? -3.229  0.180   5.672   1.00 24.28  ? 3   DT  A "C2'" 1 
ATOM   52  C  "C1'" . DT  A 1 3 ? -1.894  -0.447  6.055   1.00 15.84  ? 3   DT  A "C1'" 1 
ATOM   53  N  N1    . DT  A 1 3 ? -1.272  -1.312  5.009   1.00 15.15  ? 3   DT  A N1    1 
ATOM   54  C  C2    . DT  A 1 3 ? -0.008  -1.010  4.557   1.00 12.63  ? 3   DT  A C2    1 
ATOM   55  O  O2    . DT  A 1 3 ? 0.628   -0.044  4.944   1.00 16.53  ? 3   DT  A O2    1 
ATOM   56  N  N3    . DT  A 1 3 ? 0.497   -1.888  3.625   1.00 13.77  ? 3   DT  A N3    1 
ATOM   57  C  C4    . DT  A 1 3 ? -0.136  -3.009  3.104   1.00 15.31  ? 3   DT  A C4    1 
ATOM   58  O  O4    . DT  A 1 3 ? 0.399   -3.738  2.259   1.00 16.25  ? 3   DT  A O4    1 
ATOM   59  C  C5    . DT  A 1 3 ? -1.455  -3.275  3.632   1.00 17.89  ? 3   DT  A C5    1 
ATOM   60  C  C7    . DT  A 1 3 ? -2.229  -4.472  3.156   1.00 19.23  ? 3   DT  A C7    1 
ATOM   61  C  C6    . DT  A 1 3 ? -1.952  -2.427  4.550   1.00 13.50  ? 3   DT  A C6    1 
ATOM   62  P  P     . DA  A 1 4 ? -4.978  2.701   6.875   1.00 20.43  ? 4   DA  A P     1 
ATOM   63  O  OP1   . DA  A 1 4 ? -5.604  3.366   8.036   1.00 27.51  ? 4   DA  A OP1   1 
ATOM   64  O  OP2   . DA  A 1 4 ? -5.798  2.134   5.779   1.00 28.12  ? 4   DA  A OP2   1 
ATOM   65  O  "O5'" . DA  A 1 4 ? -3.929  3.694   6.232   1.00 15.70  ? 4   DA  A "O5'" 1 
ATOM   66  C  "C5'" . DA  A 1 4 ? -2.863  4.162   7.036   1.00 17.30  ? 4   DA  A "C5'" 1 
ATOM   67  C  "C4'" . DA  A 1 4 ? -1.857  4.931   6.212   1.00 17.15  ? 4   DA  A "C4'" 1 
ATOM   68  O  "O4'" . DA  A 1 4 ? -1.152  4.034   5.333   1.00 14.76  ? 4   DA  A "O4'" 1 
ATOM   69  C  "C3'" . DA  A 1 4 ? -2.428  6.018   5.319   1.00 15.83  ? 4   DA  A "C3'" 1 
ATOM   70  O  "O3'" . DA  A 1 4 ? -1.483  7.062   5.257   1.00 17.67  ? 4   DA  A "O3'" 1 
ATOM   71  C  "C2'" . DA  A 1 4 ? -2.586  5.312   3.964   1.00 13.10  ? 4   DA  A "C2'" 1 
ATOM   72  C  "C1'" . DA  A 1 4 ? -1.388  4.367   3.971   1.00 13.66  ? 4   DA  A "C1'" 1 
ATOM   73  N  N9    . DA  A 1 4 ? -1.580  3.106   3.250   1.00 11.57  ? 4   DA  A N9    1 
ATOM   74  C  C8    . DA  A 1 4 ? -2.677  2.296   3.280   1.00 12.09  ? 4   DA  A C8    1 
ATOM   75  N  N7    . DA  A 1 4 ? -2.551  1.200   2.569   1.00 18.22  ? 4   DA  A N7    1 
ATOM   76  C  C5    . DA  A 1 4 ? -1.274  1.293   2.043   1.00 11.31  ? 4   DA  A C5    1 
ATOM   77  C  C6    . DA  A 1 4 ? -0.531  0.443   1.197   1.00 13.70  ? 4   DA  A C6    1 
ATOM   78  N  N6    . DA  A 1 4 ? -0.995  -0.720  0.734   1.00 15.18  ? 4   DA  A N6    1 
ATOM   79  N  N1    . DA  A 1 4 ? 0.716   0.836   0.861   1.00 13.20  ? 4   DA  A N1    1 
ATOM   80  C  C2    . DA  A 1 4 ? 1.177   1.997   1.339   1.00 13.03  ? 4   DA  A C2    1 
ATOM   81  N  N3    . DA  A 1 4 ? 0.566   2.879   2.133   1.00 12.61  ? 4   DA  A N3    1 
ATOM   82  C  C4    . DA  A 1 4 ? -0.658  2.459   2.458   1.00 9.24   ? 4   DA  A C4    1 
ATOM   83  P  P     . DT  A 1 5 ? -1.892  8.511   4.728   1.00 18.11  ? 5   DT  A P     1 
ATOM   84  O  OP1   . DT  A 1 5 ? -0.998  9.449   5.445   1.00 21.51  ? 5   DT  A OP1   1 
ATOM   85  O  OP2   . DT  A 1 5 ? -3.364  8.690   4.796   1.00 20.82  ? 5   DT  A OP2   1 
ATOM   86  O  "O5'" . DT  A 1 5 ? -1.458  8.452   3.202   1.00 17.28  ? 5   DT  A "O5'" 1 
ATOM   87  C  "C5'" . DT  A 1 5 ? -0.101  8.233   2.899   1.00 16.63  ? 5   DT  A "C5'" 1 
ATOM   88  C  "C4'" . DT  A 1 5 ? 0.090   7.831   1.453   1.00 17.62  ? 5   DT  A "C4'" 1 
ATOM   89  O  "O4'" . DT  A 1 5 ? -0.334  6.484   1.238   1.00 17.07  ? 5   DT  A "O4'" 1 
ATOM   90  C  "C3'" . DT  A 1 5 ? -0.662  8.656   0.424   1.00 20.75  ? 5   DT  A "C3'" 1 
ATOM   91  O  "O3'" . DT  A 1 5 ? 0.248   9.626   -0.082  1.00 21.69  ? 5   DT  A "O3'" 1 
ATOM   92  C  "C2'" . DT  A 1 5 ? -1.104  7.612   -0.644  1.00 18.48  ? 5   DT  A "C2'" 1 
ATOM   93  C  "C1'" . DT  A 1 5 ? -0.439  6.319   -0.145  1.00 14.36  ? 5   DT  A "C1'" 1 
ATOM   94  N  N1    . DT  A 1 5 ? -1.170  5.035   -0.399  1.00 14.49  ? 5   DT  A N1    1 
ATOM   95  C  C2    . DT  A 1 5 ? -0.535  4.044   -1.125  1.00 12.50  ? 5   DT  A C2    1 
ATOM   96  O  O2    . DT  A 1 5 ? 0.573   4.186   -1.612  1.00 16.07  ? 5   DT  A O2    1 
ATOM   97  N  N3    . DT  A 1 5 ? -1.246  2.886   -1.266  1.00 11.75  ? 5   DT  A N3    1 
ATOM   98  C  C4    . DT  A 1 5 ? -2.503  2.608   -0.755  1.00 10.40  ? 5   DT  A C4    1 
ATOM   99  O  O4    . DT  A 1 5 ? -3.065  1.532   -0.942  1.00 14.13  ? 5   DT  A O4    1 
ATOM   100 C  C5    . DT  A 1 5 ? -3.111  3.674   0.011   1.00 14.51  ? 5   DT  A C5    1 
ATOM   101 C  C7    . DT  A 1 5 ? -4.471  3.484   0.603   1.00 16.95  ? 5   DT  A C7    1 
ATOM   102 C  C6    . DT  A 1 5 ? -2.419  4.822   0.159   1.00 14.17  ? 5   DT  A C6    1 
ATOM   103 P  P     . DA  A 1 6 ? -0.211  10.730  -1.140  1.00 21.35  ? 6   DA  A P     1 
ATOM   104 O  OP1   . DA  A 1 6 ? 0.758   11.831  -1.023  1.00 23.18  ? 6   DA  A OP1   1 
ATOM   105 O  OP2   . DA  A 1 6 ? -1.673  10.933  -1.011  1.00 29.67  ? 6   DA  A OP2   1 
ATOM   106 O  "O5'" . DA  A 1 6 ? 0.024   10.027  -2.545  1.00 20.12  ? 6   DA  A "O5'" 1 
ATOM   107 C  "C5'" . DA  A 1 6 ? 1.317   9.661   -2.939  1.00 22.97  ? 6   DA  A "C5'" 1 
ATOM   108 C  "C4'" . DA  A 1 6 ? 1.280   9.124   -4.346  1.00 20.28  ? 6   DA  A "C4'" 1 
ATOM   109 O  "O4'" . DA  A 1 6 ? 0.612   7.837   -4.348  1.00 22.77  ? 6   DA  A "O4'" 1 
ATOM   110 C  "C3'" . DA  A 1 6 ? 0.514   9.999   -5.326  1.00 22.32  ? 6   DA  A "C3'" 1 
ATOM   111 O  "O3'" . DA  A 1 6 ? 1.173   10.003  -6.579  1.00 25.59  ? 6   DA  A "O3'" 1 
ATOM   112 C  "C2'" . DA  A 1 6 ? -0.853  9.322   -5.408  1.00 23.21  ? 6   DA  A "C2'" 1 
ATOM   113 C  "C1'" . DA  A 1 6 ? -0.481  7.862   -5.239  1.00 21.26  ? 6   DA  A "C1'" 1 
ATOM   114 N  N9    . DA  A 1 6 ? -1.537  7.047   -4.647  1.00 20.22  ? 6   DA  A N9    1 
ATOM   115 C  C8    . DA  A 1 6 ? -2.539  7.470   -3.820  1.00 18.14  ? 6   DA  A C8    1 
ATOM   116 N  N7    . DA  A 1 6 ? -3.330  6.506   -3.413  1.00 17.04  ? 6   DA  A N7    1 
ATOM   117 C  C5    . DA  A 1 6 ? -2.801  5.370   -4.006  1.00 14.33  ? 6   DA  A C5    1 
ATOM   118 C  C6    . DA  A 1 6 ? -3.194  4.010   -3.983  1.00 12.95  ? 6   DA  A C6    1 
ATOM   119 N  N6    . DA  A 1 6 ? -4.254  3.562   -3.293  1.00 12.51  ? 6   DA  A N6    1 
ATOM   120 N  N1    . DA  A 1 6 ? -2.453  3.129   -4.689  1.00 13.37  ? 6   DA  A N1    1 
ATOM   121 C  C2    . DA  A 1 6 ? -1.396  3.582   -5.381  1.00 17.71  ? 6   DA  A C2    1 
ATOM   122 N  N3    . DA  A 1 6 ? -0.937  4.833   -5.493  1.00 19.07  ? 6   DA  A N3    1 
ATOM   123 C  C4    . DA  A 1 6 ? -1.693  5.688   -4.769  1.00 18.65  ? 6   DA  A C4    1 
ATOM   124 P  P     . DC  A 1 7 ? 1.185   11.321  -7.501  1.00 28.62  ? 7   DC  A P     1 
ATOM   125 O  OP1   . DC  A 1 7 ? 2.560   11.864  -7.502  1.00 40.99  ? 7   DC  A OP1   1 
ATOM   126 O  OP2   . DC  A 1 7 ? 0.051   12.201  -7.138  1.00 28.37  ? 7   DC  A OP2   1 
ATOM   127 O  "O5'" . DC  A 1 7 ? 0.886   10.750  -8.958  1.00 39.72  ? 7   DC  A "O5'" 1 
ATOM   128 C  "C5'" . DC  A 1 7 ? -0.438  10.562  -9.378  1.00 33.52  ? 7   DC  A "C5'" 1 
ATOM   129 C  "C4'" . DC  A 1 7 ? -0.600  9.230   -10.087 1.00 20.43  ? 7   DC  A "C4'" 1 
ATOM   130 O  "O4'" . DC  A 1 7 ? -0.873  8.214   -9.106  1.00 18.48  ? 7   DC  A "O4'" 1 
ATOM   131 C  "C3'" . DC  A 1 7 ? -1.771  9.203   -11.048 1.00 22.89  ? 7   DC  A "C3'" 1 
ATOM   132 O  "O3'" . DC  A 1 7 ? -1.325  9.456   -12.347 1.00 22.47  ? 7   DC  A "O3'" 1 
ATOM   133 C  "C2'" . DC  A 1 7 ? -2.341  7.794   -10.934 1.00 22.52  ? 7   DC  A "C2'" 1 
ATOM   134 C  "C1'" . DC  A 1 7 ? -1.786  7.283   -9.613  1.00 16.28  ? 7   DC  A "C1'" 1 
ATOM   135 N  N1    . DC  A 1 7 ? -2.815  6.996   -8.593  1.00 17.30  ? 7   DC  A N1    1 
ATOM   136 C  C2    . DC  A 1 7 ? -3.137  5.668   -8.365  1.00 14.34  ? 7   DC  A C2    1 
ATOM   137 O  O2    . DC  A 1 7 ? -2.563  4.806   -9.038  1.00 17.73  ? 7   DC  A O2    1 
ATOM   138 N  N3    . DC  A 1 7 ? -4.071  5.364   -7.432  1.00 14.30  ? 7   DC  A N3    1 
ATOM   139 C  C4    . DC  A 1 7 ? -4.668  6.341   -6.740  1.00 13.46  ? 7   DC  A C4    1 
ATOM   140 N  N4    . DC  A 1 7 ? -5.584  5.992   -5.830  1.00 16.11  ? 7   DC  A N4    1 
ATOM   141 C  C5    . DC  A 1 7 ? -4.343  7.723   -6.953  1.00 17.87  ? 7   DC  A C5    1 
ATOM   142 C  C6    . DC  A 1 7 ? -3.416  8.002   -7.888  1.00 16.21  ? 7   DC  A C6    1 
ATOM   143 P  P     . DG  A 1 8 ? -2.193  10.413  -13.282 1.00 25.10  ? 8   DG  A P     1 
ATOM   144 O  OP1   . DG  A 1 8 ? -1.368  10.751  -14.463 1.00 31.71  ? 8   DG  A OP1   1 
ATOM   145 O  OP2   . DG  A 1 8 ? -2.752  11.474  -12.409 1.00 31.42  ? 8   DG  A OP2   1 
ATOM   146 O  "O5'" . DG  A 1 8 ? -3.431  9.501   -13.737 1.00 25.27  ? 8   DG  A "O5'" 1 
ATOM   147 C  "C5'" . DG  A 1 8 ? -3.245  8.496   -14.717 1.00 27.87  ? 8   DG  A "C5'" 1 
ATOM   148 C  "C4'" . DG  A 1 8 ? -4.539  8.217   -15.472 1.00 28.51  ? 8   DG  A "C4'" 1 
ATOM   149 O  "O4'" . DG  A 1 8 ? -5.551  7.819   -14.544 1.00 23.82  ? 8   DG  A "O4'" 1 
ATOM   150 C  "C3'" . DG  A 1 8 ? -5.138  9.399   -16.213 1.00 29.39  ? 8   DG  A "C3'" 1 
ATOM   151 O  "O3'" . DG  A 1 8 ? -4.632  9.431   -17.547 1.00 28.32  ? 8   DG  A "O3'" 1 
ATOM   152 C  "C2'" . DG  A 1 8 ? -6.651  9.109   -16.202 1.00 20.95  ? 8   DG  A "C2'" 1 
ATOM   153 C  "C1'" . DG  A 1 8 ? -6.811  8.019   -15.134 1.00 19.30  ? 8   DG  A "C1'" 1 
ATOM   154 N  N9    . DG  A 1 8 ? -7.740  8.364   -14.072 1.00 18.69  ? 8   DG  A N9    1 
ATOM   155 C  C8    . DG  A 1 8 ? -8.137  9.620   -13.684 1.00 19.31  ? 8   DG  A C8    1 
ATOM   156 N  N7    . DG  A 1 8 ? -8.967  9.610   -12.678 1.00 19.09  ? 8   DG  A N7    1 
ATOM   157 C  C5    . DG  A 1 8 ? -9.122  8.264   -12.381 1.00 18.20  ? 8   DG  A C5    1 
ATOM   158 C  C6    . DG  A 1 8 ? -9.906  7.635   -11.390 1.00 18.08  ? 8   DG  A C6    1 
ATOM   159 O  O6    . DG  A 1 8 ? -10.640 8.158   -10.552 1.00 20.36  ? 8   DG  A O6    1 
ATOM   160 N  N1    . DG  A 1 8 ? -9.776  6.249   -11.429 1.00 17.63  ? 8   DG  A N1    1 
ATOM   161 C  C2    . DG  A 1 8 ? -8.990  5.558   -12.311 1.00 21.01  ? 8   DG  A C2    1 
ATOM   162 N  N2    . DG  A 1 8 ? -9.005  4.218   -12.196 1.00 17.58  ? 8   DG  A N2    1 
ATOM   163 N  N3    . DG  A 1 8 ? -8.252  6.133   -13.256 1.00 17.64  ? 8   DG  A N3    1 
ATOM   164 C  C4    . DG  A 1 8 ? -8.366  7.485   -13.225 1.00 17.95  ? 8   DG  A C4    1 
ATOM   165 P  P     . DC  B 1 1 ? -13.664 0.281   -3.596  1.00 102.45 ? 1   DC  B P     1 
ATOM   166 O  OP1   . DC  B 1 1 ? -15.139 0.303   -3.462  1.00 107.16 ? 1   DC  B OP1   1 
ATOM   167 O  OP2   . DC  B 1 1 ? -12.813 0.840   -2.520  1.00 105.02 ? 1   DC  B OP2   1 
ATOM   168 O  "O5'" . DC  B 1 1 ? -13.259 0.969   -4.990  1.00 82.68  ? 1   DC  B "O5'" 1 
ATOM   169 C  "C5'" . DC  B 1 1 ? -12.044 0.612   -5.643  1.00 50.40  ? 1   DC  B "C5'" 1 
ATOM   170 C  "C4'" . DC  B 1 1 ? -12.316 -0.148  -6.930  1.00 29.50  ? 1   DC  B "C4'" 1 
ATOM   171 O  "O4'" . DC  B 1 1 ? -12.989 0.718   -7.873  1.00 23.99  ? 1   DC  B "O4'" 1 
ATOM   172 C  "C3'" . DC  B 1 1 ? -11.074 -0.607  -7.661  1.00 21.72  ? 1   DC  B "C3'" 1 
ATOM   173 O  "O3'" . DC  B 1 1 ? -11.384 -1.679  -8.522  1.00 23.48  ? 1   DC  B "O3'" 1 
ATOM   174 C  "C2'" . DC  B 1 1 ? -10.683 0.641   -8.445  1.00 14.15  ? 1   DC  B "C2'" 1 
ATOM   175 C  "C1'" . DC  B 1 1 ? -12.045 1.246   -8.794  1.00 18.09  ? 1   DC  B "C1'" 1 
ATOM   176 N  N1    . DC  B 1 1 ? -12.075 2.731   -8.699  1.00 15.10  ? 1   DC  B N1    1 
ATOM   177 C  C2    . DC  B 1 1 ? -11.309 3.484   -9.583  1.00 14.88  ? 1   DC  B C2    1 
ATOM   178 O  O2    . DC  B 1 1 ? -10.621 2.903   -10.423 1.00 16.22  ? 1   DC  B O2    1 
ATOM   179 N  N3    . DC  B 1 1 ? -11.342 4.836   -9.499  1.00 15.58  ? 1   DC  B N3    1 
ATOM   180 C  C4    . DC  B 1 1 ? -12.100 5.429   -8.586  1.00 16.11  ? 1   DC  B C4    1 
ATOM   181 N  N4    . DC  B 1 1 ? -12.088 6.767   -8.546  1.00 21.63  ? 1   DC  B N4    1 
ATOM   182 C  C5    . DC  B 1 1 ? -12.893 4.679   -7.667  1.00 18.58  ? 1   DC  B C5    1 
ATOM   183 C  C6    . DC  B 1 1 ? -12.854 3.342   -7.762  1.00 17.86  ? 1   DC  B C6    1 
ATOM   184 P  P     . DG  B 1 2 ? -10.978 -3.177  -8.092  1.00 25.32  ? 2   DG  B P     1 
ATOM   185 O  OP1   . DG  B 1 2 ? -11.830 -4.066  -8.917  1.00 32.41  ? 2   DG  B OP1   1 
ATOM   186 O  OP2   . DG  B 1 2 ? -10.920 -3.282  -6.621  1.00 26.69  ? 2   DG  B OP2   1 
ATOM   187 O  "O5'" . DG  B 1 2 ? -9.473  -3.331  -8.595  1.00 22.64  ? 2   DG  B "O5'" 1 
ATOM   188 C  "C5'" . DG  B 1 2 ? -9.163  -3.050  -9.935  1.00 21.19  ? 2   DG  B "C5'" 1 
ATOM   189 C  "C4'" . DG  B 1 2 ? -7.673  -3.181  -10.166 1.00 17.23  ? 2   DG  B "C4'" 1 
ATOM   190 O  "O4'" . DG  B 1 2 ? -7.012  -1.948  -9.815  1.00 18.13  ? 2   DG  B "O4'" 1 
ATOM   191 C  "C3'" . DG  B 1 2 ? -6.976  -4.274  -9.382  1.00 17.24  ? 2   DG  B "C3'" 1 
ATOM   192 O  "O3'" . DG  B 1 2 ? -5.969  -4.835  -10.227 1.00 20.54  ? 2   DG  B "O3'" 1 
ATOM   193 C  "C2'" . DG  B 1 2 ? -6.398  -3.528  -8.161  1.00 13.67  ? 2   DG  B "C2'" 1 
ATOM   194 C  "C1'" . DG  B 1 2 ? -6.113  -2.138  -8.733  1.00 14.56  ? 2   DG  B "C1'" 1 
ATOM   195 N  N9    . DG  B 1 2 ? -6.328  -1.026  -7.810  1.00 12.94  ? 2   DG  B N9    1 
ATOM   196 C  C8    . DG  B 1 2 ? -7.290  -0.913  -6.837  1.00 14.53  ? 2   DG  B C8    1 
ATOM   197 N  N7    . DG  B 1 2 ? -7.255  0.235   -6.206  1.00 14.72  ? 2   DG  B N7    1 
ATOM   198 C  C5    . DG  B 1 2 ? -6.217  0.930   -6.821  1.00 9.67   ? 2   DG  B C5    1 
ATOM   199 C  C6    . DG  B 1 2 ? -5.712  2.231   -6.563  1.00 11.77  ? 2   DG  B C6    1 
ATOM   200 O  O6    . DG  B 1 2 ? -6.106  3.038   -5.715  1.00 14.27  ? 2   DG  B O6    1 
ATOM   201 N  N1    . DG  B 1 2 ? -4.645  2.553   -7.414  1.00 11.39  ? 2   DG  B N1    1 
ATOM   202 C  C2    . DG  B 1 2 ? -4.154  1.715   -8.394  1.00 12.91  ? 2   DG  B C2    1 
ATOM   203 N  N2    . DG  B 1 2 ? -3.113  2.170   -9.126  1.00 12.87  ? 2   DG  B N2    1 
ATOM   204 N  N3    . DG  B 1 2 ? -4.615  0.497   -8.624  1.00 9.68   ? 2   DG  B N3    1 
ATOM   205 C  C4    . DG  B 1 2 ? -5.643  0.175   -7.806  1.00 12.61  ? 2   DG  B C4    1 
ATOM   206 P  P     . DT  B 1 3 ? -5.004  -6.025  -9.756  1.00 23.53  ? 3   DT  B P     1 
ATOM   207 O  OP1   . DT  B 1 3 ? -4.610  -6.742  -10.990 1.00 30.13  ? 3   DT  B OP1   1 
ATOM   208 O  OP2   . DT  B 1 3 ? -5.577  -6.784  -8.621  1.00 25.50  ? 3   DT  B OP2   1 
ATOM   209 O  "O5'" . DT  B 1 3 ? -3.727  -5.264  -9.198  1.00 21.22  ? 3   DT  B "O5'" 1 
ATOM   210 C  "C5'" . DT  B 1 3 ? -3.052  -4.382  -10.060 1.00 17.84  ? 3   DT  B "C5'" 1 
ATOM   211 C  "C4'" . DT  B 1 3 ? -2.032  -3.583  -9.302  1.00 15.13  ? 3   DT  B "C4'" 1 
ATOM   212 O  "O4'" . DT  B 1 3 ? -2.688  -2.601  -8.498  1.00 16.04  ? 3   DT  B "O4'" 1 
ATOM   213 C  "C3'" . DT  B 1 3 ? -1.142  -4.376  -8.355  1.00 21.97  ? 3   DT  B "C3'" 1 
ATOM   214 O  "O3'" . DT  B 1 3 ? 0.126   -4.441  -8.960  1.00 25.87  ? 3   DT  B "O3'" 1 
ATOM   215 C  "C2'" . DT  B 1 3 ? -1.141  -3.534  -7.052  1.00 24.04  ? 3   DT  B "C2'" 1 
ATOM   216 C  "C1'" . DT  B 1 3 ? -1.784  -2.227  -7.502  1.00 15.44  ? 3   DT  B "C1'" 1 
ATOM   217 N  N1    . DT  B 1 3 ? -2.543  -1.494  -6.449  1.00 15.20  ? 3   DT  B N1    1 
ATOM   218 C  C2    . DT  B 1 3 ? -2.230  -0.181  -6.201  1.00 13.20  ? 3   DT  B C2    1 
ATOM   219 O  O2    . DT  B 1 3 ? -1.337  0.416   -6.781  1.00 17.31  ? 3   DT  B O2    1 
ATOM   220 N  N3    . DT  B 1 3 ? -3.006  0.424   -5.246  1.00 15.44  ? 3   DT  B N3    1 
ATOM   221 C  C4    . DT  B 1 3 ? -4.037  -0.146  -4.517  1.00 15.23  ? 3   DT  B C4    1 
ATOM   222 O  O4    . DT  B 1 3 ? -4.677  0.490   -3.671  1.00 14.92  ? 3   DT  B O4    1 
ATOM   223 C  C5    . DT  B 1 3 ? -4.325  -1.528  -4.837  1.00 16.86  ? 3   DT  B C5    1 
ATOM   224 C  C7    . DT  B 1 3 ? -5.430  -2.251  -4.126  1.00 19.72  ? 3   DT  B C7    1 
ATOM   225 C  C6    . DT  B 1 3 ? -3.576  -2.127  -5.780  1.00 12.99  ? 3   DT  B C6    1 
ATOM   226 P  P     . DA  B 1 4 ? 1.333   -5.292  -8.347  1.00 19.61  ? 4   DA  B P     1 
ATOM   227 O  OP1   . DA  B 1 4 ? 1.886   -6.061  -9.485  1.00 26.17  ? 4   DA  B OP1   1 
ATOM   228 O  OP2   . DA  B 1 4 ? 0.928   -5.967  -7.093  1.00 27.68  ? 4   DA  B OP2   1 
ATOM   229 O  "O5'" . DA  B 1 4 ? 2.375   -4.151  -7.992  1.00 15.89  ? 4   DA  B "O5'" 1 
ATOM   230 C  "C5'" . DA  B 1 4 ? 2.650   -3.141  -8.959  1.00 15.87  ? 4   DA  B "C5'" 1 
ATOM   231 C  "C4'" . DA  B 1 4 ? 3.489   -2.025  -8.364  1.00 17.11  ? 4   DA  B "C4'" 1 
ATOM   232 O  "O4'" . DA  B 1 4 ? 2.690   -1.229  -7.468  1.00 15.22  ? 4   DA  B "O4'" 1 
ATOM   233 C  "C3'" . DA  B 1 4 ? 4.706   -2.459  -7.560  1.00 15.68  ? 4   DA  B "C3'" 1 
ATOM   234 O  "O3'" . DA  B 1 4 ? 5.722   -1.491  -7.748  1.00 17.64  ? 4   DA  B "O3'" 1 
ATOM   235 C  "C2'" . DA  B 1 4 ? 4.191   -2.455  -6.112  1.00 12.38  ? 4   DA  B "C2'" 1 
ATOM   236 C  "C1'" . DA  B 1 4 ? 3.203   -1.289  -6.139  1.00 14.45  ? 4   DA  B "C1'" 1 
ATOM   237 N  N9    . DA  B 1 4 ? 2.047   -1.422  -5.241  1.00 12.00  ? 4   DA  B N9    1 
ATOM   238 C  C8    . DA  B 1 4 ? 1.282   -2.537  -5.040  1.00 14.30  ? 4   DA  B C8    1 
ATOM   239 N  N7    . DA  B 1 4 ? 0.279   -2.351  -4.213  1.00 18.29  ? 4   DA  B N7    1 
ATOM   240 C  C5    . DA  B 1 4 ? 0.385   -1.018  -3.856  1.00 11.55  ? 4   DA  B C5    1 
ATOM   241 C  C6    . DA  B 1 4 ? -0.384  -0.203  -3.006  1.00 13.21  ? 4   DA  B C6    1 
ATOM   242 N  N6    . DA  B 1 4 ? -1.461  -0.641  -2.348  1.00 14.23  ? 4   DA  B N6    1 
ATOM   243 N  N1    . DA  B 1 4 ? -0.009  1.085   -2.873  1.00 14.12  ? 4   DA  B N1    1 
ATOM   244 C  C2    . DA  B 1 4 ? 1.067   1.516   -3.545  1.00 12.86  ? 4   DA  B C2    1 
ATOM   245 N  N3    . DA  B 1 4 ? 1.868   0.838   -4.368  1.00 14.36  ? 4   DA  B N3    1 
ATOM   246 C  C4    . DA  B 1 4 ? 1.466   -0.428  -4.485  1.00 9.79   ? 4   DA  B C4    1 
ATOM   247 P  P     . DT  B 1 5 ? 7.238   -1.791  -7.341  1.00 17.94  ? 5   DT  B P     1 
ATOM   248 O  OP1   . DT  B 1 5 ? 8.051   -0.996  -8.293  1.00 20.70  ? 5   DT  B OP1   1 
ATOM   249 O  OP2   . DT  B 1 5 ? 7.489   -3.250  -7.221  1.00 19.66  ? 5   DT  B OP2   1 
ATOM   250 O  "O5'" . DT  B 1 5 ? 7.345   -1.170  -5.879  1.00 17.59  ? 5   DT  B "O5'" 1 
ATOM   251 C  "C5'" . DT  B 1 5 ? 7.108   0.211   -5.714  1.00 17.82  ? 5   DT  B "C5'" 1 
ATOM   252 C  "C4'" . DT  B 1 5 ? 6.889   0.568   -4.260  1.00 18.26  ? 5   DT  B "C4'" 1 
ATOM   253 O  "O4'" . DT  B 1 5 ? 5.591   0.152   -3.822  1.00 16.95  ? 5   DT  B "O4'" 1 
ATOM   254 C  "C3'" . DT  B 1 5 ? 7.861   -0.047  -3.269  1.00 19.94  ? 5   DT  B "C3'" 1 
ATOM   255 O  "O3'" . DT  B 1 5 ? 8.857   0.931   -2.991  1.00 21.20  ? 5   DT  B "O3'" 1 
ATOM   256 C  "C2'" . DT  B 1 5 ? 6.978   -0.392  -2.032  1.00 18.58  ? 5   DT  B "C2'" 1 
ATOM   257 C  "C1'" . DT  B 1 5 ? 5.612   0.191   -2.424  1.00 14.94  ? 5   DT  B "C1'" 1 
ATOM   258 N  N1    . DT  B 1 5 ? 4.395   -0.541  -1.923  1.00 14.45  ? 5   DT  B N1    1 
ATOM   259 C  C2    . DT  B 1 5 ? 3.472   0.151   -1.154  1.00 10.97  ? 5   DT  B C2    1 
ATOM   260 O  O2    . DT  B 1 5 ? 3.620   1.315   -0.826  1.00 13.97  ? 5   DT  B O2    1 
ATOM   261 N  N3    . DT  B 1 5 ? 2.375   -0.569  -0.792  1.00 12.13  ? 5   DT  B N3    1 
ATOM   262 C  C4    . DT  B 1 5 ? 2.091   -1.887  -1.110  1.00 12.30  ? 5   DT  B C4    1 
ATOM   263 O  O4    . DT  B 1 5 ? 1.069   -2.451  -0.722  1.00 14.65  ? 5   DT  B O4    1 
ATOM   264 C  C5    . DT  B 1 5 ? 3.078   -2.552  -1.924  1.00 13.35  ? 5   DT  B C5    1 
ATOM   265 C  C7    . DT  B 1 5 ? 2.875   -3.982  -2.319  1.00 15.78  ? 5   DT  B C7    1 
ATOM   266 C  C6    . DT  B 1 5 ? 4.172   -1.853  -2.291  1.00 12.19  ? 5   DT  B C6    1 
ATOM   267 P  P     . DA  B 1 6 ? 10.097  0.616   -2.032  1.00 21.80  ? 6   DA  B P     1 
ATOM   268 O  OP1   . DA  B 1 6 ? 11.148  1.574   -2.424  1.00 25.76  ? 6   DA  B OP1   1 
ATOM   269 O  OP2   . DA  B 1 6 ? 10.347  -0.845  -2.021  1.00 28.14  ? 6   DA  B OP2   1 
ATOM   270 O  "O5'" . DA  B 1 6 ? 9.583   1.031   -0.585  1.00 19.87  ? 6   DA  B "O5'" 1 
ATOM   271 C  "C5'" . DA  B 1 6 ? 9.212   2.363   -0.325  1.00 21.63  ? 6   DA  B "C5'" 1 
ATOM   272 C  "C4'" . DA  B 1 6 ? 8.848   2.506   1.129   1.00 22.45  ? 6   DA  B "C4'" 1 
ATOM   273 O  "O4'" . DA  B 1 6 ? 7.584   1.830   1.376   1.00 23.83  ? 6   DA  B "O4'" 1 
ATOM   274 C  "C3'" . DA  B 1 6 ? 9.855   1.884   2.082   1.00 21.80  ? 6   DA  B "C3'" 1 
ATOM   275 O  "O3'" . DA  B 1 6 ? 10.005  2.709   3.218   1.00 24.73  ? 6   DA  B "O3'" 1 
ATOM   276 C  "C2'" . DA  B 1 6 ? 9.223   0.537   2.436   1.00 23.71  ? 6   DA  B "C2'" 1 
ATOM   277 C  "C1'" . DA  B 1 6 ? 7.741   0.865   2.393   1.00 22.04  ? 6   DA  B "C1'" 1 
ATOM   278 N  N9    . DA  B 1 6 ? 6.897   -0.276  2.049   1.00 19.51  ? 6   DA  B N9    1 
ATOM   279 C  C8    . DA  B 1 6 ? 7.249   -1.356  1.289   1.00 19.45  ? 6   DA  B C8    1 
ATOM   280 N  N7    . DA  B 1 6 ? 6.280   -2.224  1.117   1.00 19.03  ? 6   DA  B N7    1 
ATOM   281 C  C5    . DA  B 1 6 ? 5.212   -1.667  1.805   1.00 14.50  ? 6   DA  B C5    1 
ATOM   282 C  C6    . DA  B 1 6 ? 3.888   -2.106  2.017   1.00 11.76  ? 6   DA  B C6    1 
ATOM   283 N  N6    . DA  B 1 6 ? 3.407   -3.256  1.517   1.00 13.35  ? 6   DA  B N6    1 
ATOM   284 N  N1    . DA  B 1 6 ? 3.073   -1.317  2.747   1.00 13.38  ? 6   DA  B N1    1 
ATOM   285 C  C2    . DA  B 1 6 ? 3.558   -0.170  3.246   1.00 16.22  ? 6   DA  B C2    1 
ATOM   286 N  N3    . DA  B 1 6 ? 4.789   0.344   3.130   1.00 17.41  ? 6   DA  B N3    1 
ATOM   287 C  C4    . DA  B 1 6 ? 5.575   -0.463  2.383   1.00 18.58  ? 6   DA  B C4    1 
ATOM   288 P  P     . DC  B 1 7 ? 11.371  2.705   4.068   1.00 28.20  ? 7   DC  B P     1 
ATOM   289 O  OP1   . DC  B 1 7 ? 11.713  4.127   4.282   1.00 40.04  ? 7   DC  B OP1   1 
ATOM   290 O  OP2   . DC  B 1 7 ? 12.361  1.774   3.491   1.00 30.76  ? 7   DC  B OP2   1 
ATOM   291 O  "O5'" . DC  B 1 7 ? 10.930  2.062   5.464   1.00 30.72  ? 7   DC  B "O5'" 1 
ATOM   292 C  "C5'" . DC  B 1 7 ? 9.970   2.718   6.268   1.00 31.83  ? 7   DC  B "C5'" 1 
ATOM   293 C  "C4'" . DC  B 1 7 ? 9.194   1.721   7.103   1.00 18.59  ? 7   DC  B "C4'" 1 
ATOM   294 O  "O4'" . DC  B 1 7 ? 8.346   0.942   6.252   1.00 16.99  ? 7   DC  B "O4'" 1 
ATOM   295 C  "C3'" . DC  B 1 7 ? 10.046  0.691   7.863   1.00 20.03  ? 7   DC  B "C3'" 1 
ATOM   296 O  "O3'" . DC  B 1 7 ? 10.110  1.001   9.240   1.00 20.86  ? 7   DC  B "O3'" 1 
ATOM   297 C  "C2'" . DC  B 1 7 ? 9.313   -0.636  7.647   1.00 22.87  ? 7   DC  B "C2'" 1 
ATOM   298 C  "C1'" . DC  B 1 7 ? 8.019   -0.205  6.972   1.00 15.46  ? 7   DC  B "C1'" 1 
ATOM   299 N  N1    . DC  B 1 7 ? 7.499   -1.233  6.074   1.00 15.93  ? 7   DC  B N1    1 
ATOM   300 C  C2    . DC  B 1 7 ? 6.126   -1.505  6.071   1.00 12.76  ? 7   DC  B C2    1 
ATOM   301 O  O2    . DC  B 1 7 ? 5.380   -0.826  6.800   1.00 14.82  ? 7   DC  B O2    1 
ATOM   302 N  N3    . DC  B 1 7 ? 5.660   -2.496  5.268   1.00 14.99  ? 7   DC  B N3    1 
ATOM   303 C  C4    . DC  B 1 7 ? 6.515   -3.204  4.507   1.00 13.00  ? 7   DC  B C4    1 
ATOM   304 N  N4    . DC  B 1 7 ? 6.020   -4.169  3.729   1.00 17.14  ? 7   DC  B N4    1 
ATOM   305 C  C5    . DC  B 1 7 ? 7.922   -2.940  4.510   1.00 16.50  ? 7   DC  B C5    1 
ATOM   306 C  C6    . DC  B 1 7 ? 8.363   -1.965  5.311   1.00 17.00  ? 7   DC  B C6    1 
ATOM   307 P  P     . DG  B 1 8 ? 11.234  0.311   10.152  1.00 23.45  ? 8   DG  B P     1 
ATOM   308 O  OP1   . DG  B 1 8 ? 11.657  1.316   11.155  1.00 30.59  ? 8   DG  B OP1   1 
ATOM   309 O  OP2   . DG  B 1 8 ? 12.229  -0.305  9.248   1.00 34.08  ? 8   DG  B OP2   1 
ATOM   310 O  "O5'" . DG  B 1 8 ? 10.482  -0.894  10.905  1.00 23.50  ? 8   DG  B "O5'" 1 
ATOM   311 C  "C5'" . DG  B 1 8 ? 9.885   -0.650  12.173  1.00 32.13  ? 8   DG  B "C5'" 1 
ATOM   312 C  "C4'" . DG  B 1 8 ? 9.667   -1.927  12.983  1.00 23.83  ? 8   DG  B "C4'" 1 
ATOM   313 O  "O4'" . DG  B 1 8 ? 9.147   -2.982  12.168  1.00 20.70  ? 8   DG  B "O4'" 1 
ATOM   314 C  "C3'" . DG  B 1 8 ? 10.900  -2.531  13.609  1.00 22.85  ? 8   DG  B "C3'" 1 
ATOM   315 O  "O3'" . DG  B 1 8 ? 11.192  -1.841  14.808  1.00 24.03  ? 8   DG  B "O3'" 1 
ATOM   316 C  "C2'" . DG  B 1 8 ? 10.451  -3.977  13.887  1.00 15.99  ? 8   DG  B "C2'" 1 
ATOM   317 C  "C1'" . DG  B 1 8 ? 9.313   -4.194  12.873  1.00 15.76  ? 8   DG  B "C1'" 1 
ATOM   318 N  N9    . DG  B 1 8 ? 9.573   -5.239  11.901  1.00 14.60  ? 8   DG  B N9    1 
ATOM   319 C  C8    . DG  B 1 8 ? 10.796  -5.644  11.415  1.00 15.80  ? 8   DG  B C8    1 
ATOM   320 N  N7    . DG  B 1 8 ? 10.710  -6.594  10.524  1.00 15.90  ? 8   DG  B N7    1 
ATOM   321 C  C5    . DG  B 1 8 ? 9.346   -6.827  10.416  1.00 15.86  ? 8   DG  B C5    1 
ATOM   322 C  C6    . DG  B 1 8 ? 8.646   -7.753  9.618   1.00 14.42  ? 8   DG  B C6    1 
ATOM   323 O  O6    . DG  B 1 8 ? 9.101   -8.562  8.815   1.00 18.36  ? 8   DG  B O6    1 
ATOM   324 N  N1    . DG  B 1 8 ? 7.269   -7.660  9.809   1.00 13.95  ? 8   DG  B N1    1 
ATOM   325 C  C2    . DG  B 1 8 ? 6.649   -6.792  10.666  1.00 15.58  ? 8   DG  B C2    1 
ATOM   326 N  N2    . DG  B 1 8 ? 5.309   -6.863  10.716  1.00 14.39  ? 8   DG  B N2    1 
ATOM   327 N  N3    . DG  B 1 8 ? 7.293   -5.918  11.436  1.00 13.71  ? 8   DG  B N3    1 
ATOM   328 C  C4    . DG  B 1 8 ? 8.636   -5.996  11.254  1.00 15.12  ? 8   DG  B C4    1 
HETATM 329 MN MN    . MN  C 2 . ? -5.211  9.003   5.746   0.65 11.08  ? 101 MN  A MN    1 
HETATM 330 MN MN    . MN  D 2 . ? 7.744   -5.200  -7.998  0.60 10.67  ? 101 MN  B MN    1 
HETATM 331 C  C1    . XA5 E 3 . ? -0.739  -1.231  15.678  0.94 18.57  ? 102 XA5 B C1    1 
HETATM 332 C  C2    . XA5 E 3 . ? -0.162  -2.206  14.864  1.00 20.31  ? 102 XA5 B C2    1 
HETATM 333 C  C3    . XA5 E 3 . ? 0.643   -1.828  13.794  1.00 21.87  ? 102 XA5 B C3    1 
HETATM 334 C  C4    . XA5 E 3 . ? 0.888   -0.450  13.524  1.00 18.93  ? 102 XA5 B C4    1 
HETATM 335 C  C5    . XA5 E 3 . ? 0.323   0.503   14.325  0.81 18.56  ? 102 XA5 B C5    1 
HETATM 336 C  C7    . XA5 E 3 . ? 1.321   2.257   13.061  0.69 15.43  ? 102 XA5 B C7    1 
HETATM 337 C  C9    . XA5 E 3 . ? 1.728   -0.061  12.424  1.00 21.71  ? 102 XA5 B C9    1 
HETATM 338 C  C11   . XA5 E 3 . ? 2.906   3.241   10.969  0.78 17.68  ? 102 XA5 B C11   1 
HETATM 339 C  CAI   . XA5 E 3 . ? 5.054   -8.066  4.953   0.87 16.00  ? 102 XA5 B CAI   1 
HETATM 340 C  CAJ   . XA5 E 3 . ? 4.198   -7.427  5.849   1.00 17.96  ? 102 XA5 B CAJ   1 
HETATM 341 C  CAK   . XA5 E 3 . ? 4.701   -6.494  6.753   0.78 17.79  ? 102 XA5 B CAK   1 
HETATM 342 C  CAL   . XA5 E 3 . ? 6.090   -6.189  6.777   1.00 17.49  ? 102 XA5 B CAL   1 
HETATM 343 C  CAM   . XA5 E 3 . ? 6.931   -6.818  5.895   0.90 18.22  ? 102 XA5 B CAM   1 
HETATM 344 C  CAN   . XA5 E 3 . ? 6.418   -7.773  4.965   0.83 18.86  ? 102 XA5 B CAN   1 
HETATM 345 C  CAO   . XA5 E 3 . ? 8.833   -5.656  6.738   0.77 16.86  ? 102 XA5 B CAO   1 
HETATM 346 C  CAP   . XA5 E 3 . ? 8.054   -4.987  7.644   0.96 16.84  ? 102 XA5 B CAP   1 
HETATM 347 C  CAQ   . XA5 E 3 . ? 6.639   -5.218  7.694   1.00 20.64  ? 102 XA5 B CAQ   1 
HETATM 348 C  CAR   . XA5 E 3 . ? 8.646   -4.052  8.537   1.00 20.73  ? 102 XA5 B CAR   1 
HETATM 349 C  CAS   . XA5 E 3 . ? 10.017  -3.824  8.488   1.00 20.76  ? 102 XA5 B CAS   1 
HETATM 350 C  CAU   . XA5 E 3 . ? 10.812  -4.502  7.556   0.61 19.04  ? 102 XA5 B CAU   1 
HETATM 351 C  CAV   . XA5 E 3 . ? 10.238  -5.418  6.683   0.95 20.53  ? 102 XA5 B CAV   1 
HETATM 352 C  CBB   . XA5 E 3 . ? 4.847   -3.510  8.474   0.67 29.41  ? 102 XA5 B CBB   1 
HETATM 353 C  CBC   . XA5 E 3 . ? 4.834   -2.586  9.691   0.88 27.88  ? 102 XA5 B CBC   1 
HETATM 354 C  CBD   . XA5 E 3 . ? 3.469   -2.449  10.348  0.81 26.75  ? 102 XA5 B CBD   1 
HETATM 355 N  NAA   . XA5 E 3 . ? 8.273   -6.554  5.879   0.98 19.30  ? 102 XA5 B NAA   1 
HETATM 356 N  NAB   . XA5 E 3 . ? 5.865   -4.510  8.694   1.00 27.69  ? 102 XA5 B NAB   1 
HETATM 357 C  C6    . XA5 E 3 . ? -0.507  0.121   15.425  0.82 19.89  ? 102 XA5 B C6    1 
HETATM 358 C  C8    . XA5 E 3 . ? 1.929   1.359   12.212  0.87 15.67  ? 102 XA5 B C8    1 
HETATM 359 C  C10   . XA5 E 3 . ? 2.729   1.871   11.144  1.00 19.30  ? 102 XA5 B C10   1 
HETATM 360 C  C12   . XA5 E 3 . ? 2.288   4.140   11.846  0.77 17.85  ? 102 XA5 B C12   1 
HETATM 361 C  C13   . XA5 E 3 . ? 1.497   3.661   12.884  0.76 18.42  ? 102 XA5 B C13   1 
HETATM 362 C  C14   . XA5 E 3 . ? 3.671   -1.228  11.177  0.92 29.76  ? 102 XA5 B C14   1 
HETATM 363 N  N1    . XA5 E 3 . ? 0.541   1.831   14.095  0.91 16.52  ? 102 XA5 B N1    1 
HETATM 364 N  N2    . XA5 E 3 . ? 2.288   -1.116  11.591  1.00 26.55  ? 102 XA5 B N2    1 
HETATM 365 O  O     . HOH F 4 . ? -3.245  -7.772  4.977   1.00 28.99  ? 201 HOH A O     1 
HETATM 366 O  O     . HOH F 4 . ? -4.065  10.874  -0.321  1.00 29.57  ? 202 HOH A O     1 
HETATM 367 O  O     . HOH F 4 . ? 3.129   -6.249  1.997   1.00 20.25  ? 203 HOH A O     1 
HETATM 368 O  O     . HOH F 4 . ? -5.323  0.291   -0.575  1.00 33.72  ? 204 HOH A O     1 
HETATM 369 O  O     . HOH F 4 . ? -4.658  2.699   10.458  1.00 34.06  ? 205 HOH A O     1 
HETATM 370 O  O     . HOH F 4 . ? 0.913   -8.064  3.438   1.00 18.18  ? 206 HOH A O     1 
HETATM 371 O  O     . HOH F 4 . ? -4.196  -0.945  2.024   1.00 36.43  ? 207 HOH A O     1 
HETATM 372 O  O     . HOH F 4 . ? -6.455  6.047   7.979   1.00 25.36  ? 208 HOH A O     1 
HETATM 373 O  O     . HOH F 4 . ? 0.129   -6.307  1.117   1.00 28.42  ? 209 HOH A O     1 
HETATM 374 O  O     . HOH F 4 . ? 0.287   -12.157 1.922   1.00 38.92  ? 210 HOH A O     1 
HETATM 375 O  O     . HOH F 4 . ? 2.270   5.199   2.753   1.00 21.38  ? 211 HOH A O     1 
HETATM 376 O  O     . HOH F 4 . ? -6.435  -0.146  11.321  1.00 36.28  ? 212 HOH A O     1 
HETATM 377 O  O     . HOH F 4 . ? -5.992  7.337   4.804   1.00 23.08  ? 213 HOH A O     1 
HETATM 378 O  O     . HOH F 4 . ? 2.645   -6.116  8.643   1.00 41.80  ? 214 HOH A O     1 
HETATM 379 O  O     . HOH F 4 . ? -4.305  9.190   1.981   1.00 34.93  ? 215 HOH A O     1 
HETATM 380 O  O     . HOH F 4 . ? -5.407  -3.567  5.203   1.00 30.61  ? 216 HOH A O     1 
HETATM 381 O  O     . HOH F 4 . ? -0.263  -12.435 10.127  1.00 36.48  ? 217 HOH A O     1 
HETATM 382 O  O     . HOH F 4 . ? -3.909  11.415  -7.665  1.00 25.19  ? 218 HOH A O     1 
HETATM 383 O  O     . HOH F 4 . ? -2.170  -8.118  2.147   1.00 42.08  ? 219 HOH A O     1 
HETATM 384 O  O     . HOH G 4 . ? 7.533   1.152   -9.169  1.00 31.07  ? 201 HOH B O     1 
HETATM 385 O  O     . HOH G 4 . ? 10.275  -3.277  -2.418  1.00 23.22  ? 202 HOH B O     1 
HETATM 386 O  O     . HOH G 4 . ? -8.765  -3.583  -5.339  1.00 30.12  ? 203 HOH B O     1 
HETATM 387 O  O     . HOH G 4 . ? -7.215  3.050   -3.348  1.00 20.87  ? 204 HOH B O     1 
HETATM 388 O  O     . HOH G 4 . ? -0.336  -4.677  -0.889  1.00 30.95  ? 205 HOH B O     1 
HETATM 389 O  O     . HOH G 4 . ? -15.536 2.732   -2.455  1.00 39.08  ? 206 HOH B O     1 
HETATM 390 O  O     . HOH G 4 . ? 7.710   -1.745  10.247  1.00 38.19  ? 207 HOH B O     1 
HETATM 391 O  O     . HOH G 4 . ? 4.496   -6.816  -9.666  1.00 37.01  ? 208 HOH B O     1 
HETATM 392 O  O     . HOH G 4 . ? 10.731  4.047   -3.504  1.00 36.69  ? 209 HOH B O     1 
HETATM 393 O  O     . HOH G 4 . ? -1.672  -3.985  -3.189  1.00 35.75  ? 210 HOH B O     1 
HETATM 394 O  O     . HOH G 4 . ? -7.511  0.251   -11.388 1.00 41.29  ? 211 HOH B O     1 
HETATM 395 O  O     . HOH G 4 . ? -9.204  0.718   -4.325  1.00 17.13  ? 212 HOH B O     1 
HETATM 396 O  O     . HOH G 4 . ? -7.134  0.291   -2.220  1.00 25.18  ? 213 HOH B O     1 
HETATM 397 O  O     . HOH G 4 . ? 3.991   2.562   -5.289  1.00 21.64  ? 214 HOH B O     1 
HETATM 398 O  O     . HOH G 4 . ? -10.081 0.579   -1.329  1.00 24.51  ? 215 HOH B O     1 
HETATM 399 O  O     . HOH G 4 . ? 1.981   -5.292  -12.398 1.00 32.29  ? 216 HOH B O     1 
HETATM 400 O  O     . HOH G 4 . ? 6.189   -5.964  -6.702  1.00 23.71  ? 217 HOH B O     1 
HETATM 401 O  O     . HOH G 4 . ? -7.778  1.884   -9.907  1.00 35.13  ? 218 HOH B O     1 
HETATM 402 O  O     . HOH G 4 . ? -1.898  -7.335  -12.314 1.00 44.70  ? 219 HOH B O     1 
HETATM 403 O  O     . HOH G 4 . ? 6.209   -4.968  -9.459  1.00 22.35  ? 220 HOH B O     1 
HETATM 404 O  O     . HOH G 4 . ? -16.399 2.532   -6.564  1.00 32.85  ? 221 HOH B O     1 
HETATM 405 O  O     . HOH G 4 . ? 11.601  -2.079  4.702   1.00 24.44  ? 222 HOH B O     1 
HETATM 406 O  O     . HOH G 4 . ? -9.104  -2.032  -3.027  1.00 39.14  ? 223 HOH B O     1 
# 
loop_
_atom_site_anisotrop.id 
_atom_site_anisotrop.type_symbol 
_atom_site_anisotrop.pdbx_label_atom_id 
_atom_site_anisotrop.pdbx_label_alt_id 
_atom_site_anisotrop.pdbx_label_comp_id 
_atom_site_anisotrop.pdbx_label_asym_id 
_atom_site_anisotrop.pdbx_label_seq_id 
_atom_site_anisotrop.pdbx_PDB_ins_code 
_atom_site_anisotrop.U[1][1] 
_atom_site_anisotrop.U[2][2] 
_atom_site_anisotrop.U[3][3] 
_atom_site_anisotrop.U[1][2] 
_atom_site_anisotrop.U[1][3] 
_atom_site_anisotrop.U[2][3] 
_atom_site_anisotrop.pdbx_auth_seq_id 
_atom_site_anisotrop.pdbx_auth_comp_id 
_atom_site_anisotrop.pdbx_auth_asym_id 
_atom_site_anisotrop.pdbx_auth_atom_id 
1   P P     . DC A 1 ? 1.1596 0.8883 1.0805 -0.0527 -0.2187 0.0409  1 DC A P     
2   O OP1   . DC A 1 ? 1.2260 0.8879 1.0876 -0.0480 -0.2627 0.0364  1 DC A OP1   
3   O OP2   . DC A 1 ? 1.0770 0.8529 1.0483 -0.0819 -0.2114 0.0707  1 DC A OP2   
4   O "O5'" . DC A 1 ? 1.1130 0.8507 1.0225 -0.0171 -0.1985 0.0091  1 DC A "O5'" 
5   C "C5'" . DC A 1 ? 0.7869 0.5535 0.7056 0.0042  -0.1667 -0.0098 1 DC A "C5'" 
6   C "C4'" . DC A 1 ? 0.4803 0.2644 0.4279 -0.0129 -0.1510 0.0085  1 DC A "C4'" 
7   O "O4'" . DC A 1 ? 0.3985 0.1702 0.3184 0.0127  -0.1469 -0.0093 1 DC A "O4'" 
8   C "C3'" . DC A 1 ? 0.3665 0.2025 0.3620 -0.0205 -0.1171 0.0191  1 DC A "C3'" 
9   O "O3'" . DC A 1 ? 0.3696 0.2300 0.3942 -0.0427 -0.1090 0.0553  1 DC A "O3'" 
10  C "C2'" . DC A 1 ? 0.2359 0.0975 0.2205 0.0099  -0.0930 -0.0081 1 DC A "C2'" 
11  C "C1'" . DC A 1 ? 0.3244 0.1356 0.2687 0.0255  -0.1151 -0.0171 1 DC A "C1'" 
12  N N1    . DC A 1 ? 0.2964 0.1291 0.2164 0.0590  -0.1079 -0.0468 1 DC A N1    
13  C C2    . DC A 1 ? 0.2622 0.1425 0.1986 0.0699  -0.0818 -0.0556 1 DC A C2    
14  O O2    . DC A 1 ? 0.2528 0.1524 0.2157 0.0561  -0.0637 -0.0417 1 DC A O2    
15  N N3    . DC A 1 ? 0.2532 0.1715 0.1806 0.0899  -0.0764 -0.0680 1 DC A N3    
16  C C4    . DC A 1 ? 0.2897 0.1972 0.1904 0.1093  -0.0937 -0.0740 1 DC A C4    
17  N N4    . DC A 1 ? 0.3354 0.2872 0.2338 0.1313  -0.0894 -0.0812 1 DC A N4    
18  C C5    . DC A 1 ? 0.3573 0.2074 0.2305 0.1075  -0.1203 -0.0702 1 DC A C5    
19  C C6    . DC A 1 ? 0.3558 0.1713 0.2403 0.0777  -0.1277 -0.0566 1 DC A C6    
20  P P     . DG A 2 ? 0.3288 0.2368 0.3935 -0.0698 -0.1071 0.0872  2 DG A P     
21  O OP1   . DG A 2 ? 0.3838 0.3082 0.4590 -0.0879 -0.1140 0.1179  2 DG A OP1   
22  O OP2   . DG A 2 ? 0.3375 0.2278 0.3919 -0.0720 -0.1266 0.0744  2 DG A OP2   
23  O "O5'" . DG A 2 ? 0.2673 0.2356 0.3634 -0.0588 -0.0678 0.0931  2 DG A "O5'" 
24  C "C5'" . DG A 2 ? 0.2483 0.2396 0.3404 -0.0393 -0.0416 0.0919  2 DG A "C5'" 
25  C "C4'" . DG A 2 ? 0.1860 0.2198 0.2873 -0.0211 -0.0120 0.0860  2 DG A "C4'" 
26  O "O4'" . DG A 2 ? 0.1839 0.1979 0.2637 -0.0073 -0.0089 0.0490  2 DG A "O4'" 
27  C "C3'" . DG A 2 ? 0.1583 0.2295 0.2878 -0.0308 -0.0089 0.1058  2 DG A "C3'" 
28  O "O3'" . DG A 2 ? 0.1784 0.2927 0.3098 -0.0075 0.0187  0.1167  2 DG A "O3'" 
29  C "C2'" . DG A 2 ? 0.1295 0.1738 0.2468 -0.0302 -0.0174 0.0748  2 DG A "C2'" 
30  C "C1'" . DG A 2 ? 0.1629 0.1865 0.2511 -0.0114 -0.0080 0.0434  2 DG A "C1'" 
31  N N9    . DG A 2 ? 0.1371 0.1339 0.2075 -0.0102 -0.0214 0.0158  2 DG A N9    
32  C C8    . DG A 2 ? 0.1726 0.1378 0.2330 -0.0167 -0.0469 0.0106  2 DG A C8    
33  N N7    . DG A 2 ? 0.1880 0.1431 0.2258 -0.0024 -0.0508 -0.0158 2 DG A N7    
34  C C5    . DG A 2 ? 0.1131 0.0993 0.1535 0.0053  -0.0277 -0.0246 2 DG A C5    
35  C C6    . DG A 2 ? 0.1457 0.1515 0.1741 0.0156  -0.0212 -0.0438 2 DG A C6    
36  O O6    . DG A 2 ? 0.1956 0.2038 0.2078 0.0284  -0.0298 -0.0583 2 DG A O6    
37  N N1    . DG A 2 ? 0.1199 0.1463 0.1529 0.0113  -0.0053 -0.0421 2 DG A N1    
38  C C2    . DG A 2 ? 0.1258 0.1463 0.1635 0.0084  0.0038  -0.0288 2 DG A C2    
39  N N2    . DG A 2 ? 0.1315 0.1548 0.1577 0.0077  0.0111  -0.0316 2 DG A N2    
40  N N3    . DG A 2 ? 0.0974 0.1113 0.1462 0.0072  0.0035  -0.0112 2 DG A N3    
41  C C4    . DG A 2 ? 0.1484 0.1492 0.2029 0.0011  -0.0126 -0.0078 2 DG A C4    
42  P P     . DT A 3 ? 0.2112 0.3609 0.3495 0.0021  0.0234  0.1290  3 DT A P     
43  O OP1   . DT A 3 ? 0.2549 0.4349 0.3799 0.0301  0.0398  0.1449  3 DT A OP1   
44  O OP2   . DT A 3 ? 0.2260 0.3807 0.3859 -0.0235 0.0004  0.1430  3 DT A OP2   
45  O "O5'" . DT A 3 ? 0.1833 0.3125 0.3036 0.0143  0.0317  0.1005  3 DT A "O5'" 
46  C "C5'" . DT A 3 ? 0.1849 0.2923 0.2732 0.0367  0.0448  0.0800  3 DT A "C5'" 
47  C "C4'" . DT A 3 ? 0.1456 0.2188 0.2123 0.0345  0.0396  0.0519  3 DT A "C4'" 
48  O "O4'" . DT A 3 ? 0.1649 0.2180 0.2383 0.0132  0.0251  0.0353  3 DT A "O4'" 
49  C "C3'" . DT A 3 ? 0.2397 0.3258 0.3114 0.0374  0.0401  0.0578  3 DT A "C3'" 
50  O "O3'" . DT A 3 ? 0.3099 0.3796 0.3421 0.0653  0.0489  0.0520  3 DT A "O3'" 
51  C "C2'" . DT A 3 ? 0.2637 0.3236 0.3350 0.0157  0.0266  0.0372  3 DT A "C2'" 
52  C "C1'" . DT A 3 ? 0.1664 0.2066 0.2287 0.0088  0.0221  0.0204  3 DT A "C1'" 
53  N N1    . DT A 3 ? 0.1586 0.1897 0.2273 -0.0057 0.0081  0.0077  3 DT A N1    
54  C C2    . DT A 3 ? 0.1348 0.1586 0.1865 -0.0069 0.0072  -0.0120 3 DT A C2    
55  O O2    . DT A 3 ? 0.1909 0.2112 0.2260 -0.0058 0.0135  -0.0176 3 DT A O2    
56  N N3    . DT A 3 ? 0.1504 0.1717 0.2012 -0.0088 -0.0046 -0.0226 3 DT A N3    
57  C C4    . DT A 3 ? 0.1731 0.1792 0.2293 -0.0113 -0.0215 -0.0185 3 DT A C4    
58  O O4    . DT A 3 ? 0.1950 0.1875 0.2350 -0.0047 -0.0354 -0.0320 3 DT A O4    
59  C C5    . DT A 3 ? 0.1975 0.2067 0.2756 -0.0207 -0.0247 0.0051  3 DT A C5    
60  C C7    . DT A 3 ? 0.2187 0.2077 0.3042 -0.0340 -0.0510 0.0170  3 DT A C7    
61  C C6    . DT A 3 ? 0.1317 0.1625 0.2188 -0.0160 -0.0069 0.0184  3 DT A C6    
62  P P     . DA A 4 ? 0.2285 0.3021 0.2453 0.0837  0.0508  0.0569  4 DA A P     
63  O OP1   . DA A 4 ? 0.3322 0.4043 0.3088 0.1119  0.0561  0.0650  4 DA A OP1   
64  O OP2   . DA A 4 ? 0.2992 0.4095 0.3598 0.0653  0.0454  0.0706  4 DA A OP2   
65  O "O5'" . DA A 4 ? 0.2033 0.2146 0.1785 0.0749  0.0399  0.0304  4 DA A "O5'" 
66  C "C5'" . DA A 4 ? 0.2512 0.2188 0.1875 0.0774  0.0351  0.0157  4 DA A "C5'" 
67  C "C4'" . DA A 4 ? 0.2722 0.1961 0.1834 0.0532  0.0205  -0.0002 4 DA A "C4'" 
68  O "O4'" . DA A 4 ? 0.2197 0.1705 0.1706 0.0226  0.0191  -0.0045 4 DA A "O4'" 
69  C "C3'" . DA A 4 ? 0.2745 0.1703 0.1565 0.0589  0.0137  -0.0001 4 DA A "C3'" 
70  O "O3'" . DA A 4 ? 0.3342 0.1698 0.1673 0.0440  -0.0041 -0.0098 4 DA A "O3'" 
71  C "C2'" . DA A 4 ? 0.2121 0.1454 0.1402 0.0355  0.0159  0.0025  4 DA A "C2'" 
72  C "C1'" . DA A 4 ? 0.2046 0.1554 0.1590 0.0105  0.0151  -0.0049 4 DA A "C1'" 
73  N N9    . DA A 4 ? 0.1514 0.1395 0.1488 0.0005  0.0168  -0.0028 4 DA A N9    
74  C C8    . DA A 4 ? 0.1389 0.1539 0.1666 0.0072  0.0187  0.0100  4 DA A C8    
75  N N7    . DA A 4 ? 0.2049 0.2314 0.2561 -0.0064 0.0105  0.0079  4 DA A N7    
76  C C5    . DA A 4 ? 0.1259 0.1420 0.1618 -0.0152 0.0081  -0.0083 4 DA A C5    
77  C C6    . DA A 4 ? 0.1534 0.1751 0.1919 -0.0204 0.0004  -0.0190 4 DA A C6    
78  N N6    . DA A 4 ? 0.1697 0.1877 0.2192 -0.0196 -0.0125 -0.0185 4 DA A N6    
79  N N1    . DA A 4 ? 0.1488 0.1798 0.1730 -0.0248 0.0036  -0.0282 4 DA A N1    
80  C C2    . DA A 4 ? 0.1536 0.1785 0.1629 -0.0329 0.0084  -0.0254 4 DA A C2    
81  N N3    . DA A 4 ? 0.1615 0.1607 0.1569 -0.0296 0.0099  -0.0192 4 DA A N3    
82  C C4    . DA A 4 ? 0.1140 0.1137 0.1232 -0.0159 0.0123  -0.0119 4 DA A C4    
83  P P     . DT A 5 ? 0.3819 0.1529 0.1531 0.0539  -0.0202 -0.0110 5 DT A P     
84  O OP1   . DT A 5 ? 0.4586 0.1765 0.1823 0.0438  -0.0429 -0.0117 5 DT A OP1   
85  O OP2   . DT A 5 ? 0.4134 0.2004 0.1772 0.0974  -0.0098 -0.0044 5 DT A OP2   
86  O "O5'" . DT A 5 ? 0.3566 0.1451 0.1547 0.0156  -0.0227 -0.0090 5 DT A "O5'" 
87  C "C5'" . DT A 5 ? 0.3387 0.1399 0.1533 -0.0243 -0.0286 -0.0096 5 DT A "C5'" 
88  C "C4'" . DT A 5 ? 0.3260 0.1686 0.1746 -0.0464 -0.0224 -0.0059 5 DT A "C4'" 
89  O "O4'" . DT A 5 ? 0.2826 0.1822 0.1836 -0.0357 -0.0064 -0.0084 5 DT A "O4'" 
90  C "C3'" . DT A 5 ? 0.3848 0.1975 0.2062 -0.0426 -0.0280 -0.0021 5 DT A "C3'" 
91  O "O3'" . DT A 5 ? 0.4167 0.2009 0.2065 -0.0736 -0.0441 0.0063  5 DT A "O3'" 
92  C "C2'" . DT A 5 ? 0.3203 0.1907 0.1910 -0.0410 -0.0143 -0.0025 5 DT A "C2'" 
93  C "C1'" . DT A 5 ? 0.2377 0.1567 0.1514 -0.0453 -0.0050 -0.0070 5 DT A "C1'" 
94  N N1    . DT A 5 ? 0.2133 0.1695 0.1678 -0.0320 0.0021  -0.0089 5 DT A N1    
95  C C2    . DT A 5 ? 0.1706 0.1581 0.1464 -0.0396 0.0029  -0.0142 5 DT A C2    
96  O O2    . DT A 5 ? 0.2130 0.2158 0.1816 -0.0529 0.0034  -0.0155 5 DT A O2    
97  N N3    . DT A 5 ? 0.1479 0.1493 0.1494 -0.0299 0.0002  -0.0154 5 DT A N3    
98  C C4    . DT A 5 ? 0.1243 0.1273 0.1434 -0.0202 -0.0011 -0.0061 5 DT A C4    
99  O O4    . DT A 5 ? 0.1602 0.1743 0.2024 -0.0207 -0.0097 -0.0024 5 DT A O4    
100 C C5    . DT A 5 ? 0.1858 0.1766 0.1891 -0.0082 0.0049  0.0017  5 DT A C5    
101 C C7    . DT A 5 ? 0.2022 0.2161 0.2258 0.0084  0.0078  0.0175  5 DT A C7    
102 C C6    . DT A 5 ? 0.2041 0.1640 0.1705 -0.0114 0.0050  -0.0030 5 DT A C6    
103 P P     . DA A 6 ? 0.4386 0.1842 0.1882 -0.0759 -0.0558 0.0132  6 DA A P     
104 O OP1   . DA A 6 ? 0.4821 0.2023 0.1962 -0.0998 -0.0771 0.0241  6 DA A OP1   
105 O OP2   . DA A 6 ? 0.5636 0.2742 0.2895 -0.0361 -0.0544 0.0057  6 DA A OP2   
106 O "O5'" . DA A 6 ? 0.3934 0.1907 0.1801 -0.0954 -0.0433 0.0169  6 DA A "O5'" 
107 C "C5'" . DA A 6 ? 0.4013 0.2556 0.2158 -0.1225 -0.0389 0.0248  6 DA A "C5'" 
108 C "C4'" . DA A 6 ? 0.3475 0.2428 0.1804 -0.1281 -0.0273 0.0284  6 DA A "C4'" 
109 O "O4'" . DA A 6 ? 0.3548 0.2845 0.2259 -0.0979 -0.0141 0.0131  6 DA A "O4'" 
110 C "C3'" . DA A 6 ? 0.3998 0.2519 0.1965 -0.1253 -0.0353 0.0330  6 DA A "C3'" 
111 O "O3'" . DA A 6 ? 0.4238 0.3193 0.2291 -0.1405 -0.0308 0.0428  6 DA A "O3'" 
112 C "C2'" . DA A 6 ? 0.4050 0.2576 0.2193 -0.0880 -0.0279 0.0184  6 DA A "C2'" 
113 C "C1'" . DA A 6 ? 0.3427 0.2579 0.2073 -0.0809 -0.0147 0.0098  6 DA A "C1'" 
114 N N9    . DA A 6 ? 0.3189 0.2392 0.2104 -0.0551 -0.0120 0.0003  6 DA A N9    
115 C C8    . DA A 6 ? 0.3044 0.1976 0.1874 -0.0365 -0.0147 0.0008  6 DA A C8    
116 N N7    . DA A 6 ? 0.2688 0.1909 0.1880 -0.0205 -0.0106 -0.0007 6 DA A N7    
117 C C5    . DA A 6 ? 0.2151 0.1686 0.1609 -0.0295 -0.0097 -0.0059 6 DA A C5    
118 C C6    . DA A 6 ? 0.1780 0.1561 0.1578 -0.0243 -0.0134 -0.0083 6 DA A C6    
119 N N6    . DA A 6 ? 0.1598 0.1501 0.1654 -0.0158 -0.0157 0.0002  6 DA A N6    
120 N N1    . DA A 6 ? 0.1790 0.1685 0.1603 -0.0271 -0.0172 -0.0171 6 DA A N1    
121 C C2    . DA A 6 ? 0.2391 0.2355 0.1982 -0.0333 -0.0117 -0.0197 6 DA A C2    
122 N N3    . DA A 6 ? 0.2670 0.2544 0.2032 -0.0464 -0.0066 -0.0121 6 DA A N3    
123 C C4    . DA A 6 ? 0.2750 0.2313 0.2023 -0.0451 -0.0085 -0.0069 6 DA A C4    
124 P P     . DC A 7 ? 0.4851 0.3460 0.2564 -0.1555 -0.0454 0.0533  7 DC A P     
125 O OP1   . DC A 7 ? 0.6284 0.5229 0.4063 -0.1867 -0.0546 0.0688  7 DC A OP1   
126 O OP2   . DC A 7 ? 0.5235 0.3027 0.2518 -0.1389 -0.0603 0.0444  7 DC A OP2   
127 O "O5'" . DC A 7 ? 0.6113 0.5077 0.3902 -0.1438 -0.0312 0.0560  7 DC A "O5'" 
128 C "C5'" . DC A 7 ? 0.5502 0.4120 0.3114 -0.1173 -0.0315 0.0458  7 DC A "C5'" 
129 C "C4'" . DC A 7 ? 0.3584 0.2724 0.1455 -0.0953 -0.0191 0.0354  7 DC A "C4'" 
130 O "O4'" . DC A 7 ? 0.3157 0.2460 0.1406 -0.0786 -0.0156 0.0196  7 DC A "O4'" 
131 C "C3'" . DC A 7 ? 0.4022 0.2919 0.1757 -0.0721 -0.0252 0.0273  7 DC A "C3'" 
132 O "O3'" . DC A 7 ? 0.4002 0.3046 0.1488 -0.0779 -0.0223 0.0380  7 DC A "O3'" 
133 C "C2'" . DC A 7 ? 0.3761 0.2921 0.1876 -0.0469 -0.0245 0.0093  7 DC A "C2'" 
134 C "C1'" . DC A 7 ? 0.2803 0.2166 0.1217 -0.0529 -0.0184 0.0062  7 DC A "C1'" 
135 N N1    . DC A 7 ? 0.2907 0.2116 0.1551 -0.0402 -0.0231 -0.0004 7 DC A N1    
136 C C2    . DC A 7 ? 0.2340 0.1782 0.1324 -0.0285 -0.0258 -0.0095 7 DC A C2    
137 O O2    . DC A 7 ? 0.2705 0.2341 0.1690 -0.0238 -0.0269 -0.0164 7 DC A O2    
138 N N3    . DC A 7 ? 0.2250 0.1690 0.1494 -0.0209 -0.0291 -0.0082 7 DC A N3    
139 C C4    . DC A 7 ? 0.2239 0.1496 0.1379 -0.0152 -0.0271 -0.0013 7 DC A C4    
140 N N4    . DC A 7 ? 0.2430 0.1851 0.1842 -0.0028 -0.0271 0.0039  7 DC A N4    
141 C C5    . DC A 7 ? 0.3077 0.1950 0.1761 -0.0204 -0.0274 0.0027  7 DC A C5    
142 C C6    . DC A 7 ? 0.2949 0.1793 0.1419 -0.0377 -0.0268 0.0046  7 DC A C6    
143 P P     . DG A 8 ? 0.4610 0.3168 0.1760 -0.0712 -0.0329 0.0414  8 DG A P     
144 O OP1   . DG A 8 ? 0.5386 0.4242 0.2421 -0.0810 -0.0255 0.0564  8 DG A OP1   
145 O OP2   . DG A 8 ? 0.5659 0.3623 0.2656 -0.0757 -0.0444 0.0417  8 DG A OP2   
146 O "O5'" . DG A 8 ? 0.4615 0.3132 0.1852 -0.0383 -0.0404 0.0226  8 DG A "O5'" 
147 C "C5'" . DG A 8 ? 0.4822 0.3669 0.2098 -0.0218 -0.0385 0.0143  8 DG A "C5'" 
148 C "C4'" . DG A 8 ? 0.5009 0.3597 0.2228 0.0016  -0.0556 0.0030  8 DG A "C4'" 
149 O "O4'" . DG A 8 ? 0.4307 0.2843 0.1901 0.0080  -0.0652 -0.0044 8 DG A "O4'" 
150 C "C3'" . DG A 8 ? 0.5350 0.3569 0.2246 0.0021  -0.0611 0.0112  8 DG A "C3'" 
151 O "O3'" . DG A 8 ? 0.5243 0.3605 0.1914 0.0066  -0.0562 0.0155  8 DG A "O3'" 
152 C "C2'" . DG A 8 ? 0.4289 0.2335 0.1335 0.0228  -0.0800 0.0010  8 DG A "C2'" 
153 C "C1'" . DG A 8 ? 0.3822 0.2151 0.1359 0.0228  -0.0819 -0.0064 8 DG A "C1'" 
154 N N9    . DG A 8 ? 0.3659 0.1988 0.1453 0.0272  -0.0846 -0.0023 8 DG A N9    
155 C C8    . DG A 8 ? 0.3925 0.1961 0.1450 0.0334  -0.0830 0.0049  8 DG A C8    
156 N N7    . DG A 8 ? 0.3751 0.1952 0.1552 0.0467  -0.0840 0.0077  8 DG A N7    
157 C C5    . DG A 8 ? 0.3309 0.1956 0.1649 0.0407  -0.0866 0.0055  8 DG A C5    
158 C C6    . DG A 8 ? 0.2985 0.2059 0.1828 0.0457  -0.0882 0.0128  8 DG A C6    
159 O O6    . DG A 8 ? 0.3189 0.2433 0.2113 0.0634  -0.0837 0.0222  8 DG A O6    
160 N N1    . DG A 8 ? 0.2724 0.2033 0.1942 0.0307  -0.0976 0.0107  8 DG A N1    
161 C C2    . DG A 8 ? 0.3274 0.2389 0.2321 0.0218  -0.1047 -0.0015 8 DG A C2    
162 N N2    . DG A 8 ? 0.2714 0.1932 0.2032 0.0128  -0.1200 -0.0040 8 DG A N2    
163 N N3    . DG A 8 ? 0.3095 0.1929 0.1679 0.0243  -0.0990 -0.0088 8 DG A N3    
164 C C4    . DG A 8 ? 0.3296 0.1934 0.1589 0.0294  -0.0897 -0.0028 8 DG A C4    
165 P P     . DC B 1 ? 1.1544 1.4631 1.2753 0.0251  0.0301  0.1689  1 DC B P     
166 O OP1   . DC B 1 ? 1.1920 1.5616 1.3180 0.0320  0.0264  0.2037  1 DC B OP1   
167 O OP2   . DC B 1 ? 1.2030 1.4891 1.2983 0.0458  0.0438  0.1524  1 DC B OP2   
168 O "O5'" . DC B 1 ? 0.9191 1.1906 1.0318 0.0290  0.0352  0.1396  1 DC B "O5'" 
169 C "C5'" . DC B 1 ? 0.5215 0.7491 0.6442 0.0135  0.0297  0.1147  1 DC B "C5'" 
170 C "C4'" . DC B 1 ? 0.2497 0.4715 0.3996 -0.0107 0.0078  0.1171  1 DC B "C4'" 
171 O "O4'" . DC B 1 ? 0.1793 0.4113 0.3210 0.0046  0.0164  0.1120  1 DC B "O4'" 
172 C "C3'" . DC B 1 ? 0.1661 0.3376 0.3218 -0.0221 -0.0065 0.0908  1 DC B "C3'" 
173 O "O3'" . DC B 1 ? 0.1899 0.3419 0.3602 -0.0463 -0.0384 0.0969  1 DC B "O3'" 
174 C "C2'" . DC B 1 ? 0.0875 0.2351 0.2151 0.0027  0.0117  0.0623  1 DC B "C2'" 
175 C "C1'" . DC B 1 ? 0.1192 0.3143 0.2540 0.0133  0.0206  0.0810  1 DC B "C1'" 
176 N N1    . DC B 1 ? 0.1016 0.2806 0.1918 0.0437  0.0431  0.0649  1 DC B N1    
177 C C2    . DC B 1 ? 0.1210 0.2560 0.1883 0.0521  0.0472  0.0362  1 DC B C2    
178 O O2    . DC B 1 ? 0.1398 0.2541 0.2223 0.0402  0.0355  0.0231  1 DC B O2    
179 N N3    . DC B 1 ? 0.1554 0.2586 0.1779 0.0673  0.0541  0.0242  1 DC B N3    
180 C C4    . DC B 1 ? 0.1643 0.2814 0.1663 0.0835  0.0585  0.0381  1 DC B C4    
181 N N4    . DC B 1 ? 0.2589 0.3417 0.2214 0.0982  0.0587  0.0289  1 DC B N4    
182 C C5    . DC B 1 ? 0.1715 0.3403 0.1939 0.0850  0.0593  0.0658  1 DC B C5    
183 C C6    . DC B 1 ? 0.1382 0.3361 0.2043 0.0611  0.0516  0.0792  1 DC B C6    
184 P P     . DG B 2 ? 0.2289 0.3397 0.3934 -0.0692 -0.0675 0.1028  2 DG B P     
185 O OP1   . DG B 2 ? 0.3259 0.4180 0.4876 -0.0869 -0.0955 0.1175  2 DG B OP1   
186 O OP2   . DG B 2 ? 0.2373 0.3735 0.4032 -0.0694 -0.0554 0.1189  2 DG B OP2   
187 O "O5'" . DG B 2 ? 0.2206 0.2725 0.3672 -0.0603 -0.0759 0.0664  2 DG B "O5'" 
188 C "C5'" . DG B 2 ? 0.2175 0.2387 0.3487 -0.0470 -0.0802 0.0419  2 DG B "C5'" 
189 C "C4'" . DG B 2 ? 0.1914 0.1690 0.2945 -0.0293 -0.0798 0.0111  2 DG B "C4'" 
190 O "O4'" . DG B 2 ? 0.1990 0.1957 0.2940 -0.0126 -0.0465 -0.0019 2 DG B "O4'" 
191 C "C3'" . DG B 2 ? 0.2044 0.1532 0.2975 -0.0361 -0.0975 0.0123  2 DG B "C3'" 
192 O "O3'" . DG B 2 ? 0.2714 0.1772 0.3319 -0.0154 -0.1104 -0.0109 2 DG B "O3'" 
193 C "C2'" . DG B 2 ? 0.1484 0.1265 0.2443 -0.0300 -0.0668 0.0121  2 DG B "C2'" 
194 C "C1'" . DG B 2 ? 0.1576 0.1503 0.2454 -0.0123 -0.0404 -0.0041 2 DG B "C1'" 
195 N N9    . DG B 2 ? 0.1275 0.1494 0.2149 -0.0083 -0.0134 0.0030  2 DG B N9    
196 C C8    . DG B 2 ? 0.1323 0.1874 0.2323 -0.0131 -0.0051 0.0266  2 DG B C8    
197 N N7    . DG B 2 ? 0.1370 0.2031 0.2190 0.0016  0.0180  0.0246  2 DG B N7    
198 C C5    . DG B 2 ? 0.0907 0.1269 0.1496 0.0090  0.0228  0.0004  2 DG B C5    
199 C C6    . DG B 2 ? 0.1333 0.1545 0.1595 0.0200  0.0379  -0.0101 2 DG B C6    
200 O O6    . DG B 2 ? 0.1722 0.1945 0.1753 0.0318  0.0504  -0.0040 2 DG B O6    
201 N N1    . DG B 2 ? 0.1390 0.1400 0.1539 0.0174  0.0345  -0.0273 2 DG B N1    
202 C C2    . DG B 2 ? 0.1530 0.1536 0.1839 0.0141  0.0216  -0.0352 2 DG B C2    
203 N N2    . DG B 2 ? 0.1584 0.1542 0.1762 0.0154  0.0212  -0.0452 2 DG B N2    
204 N N3    . DG B 2 ? 0.1044 0.1071 0.1563 0.0104  0.0062  -0.0300 2 DG B N3    
205 C C4    . DG B 2 ? 0.1315 0.1500 0.1976 0.0040  0.0062  -0.0114 2 DG B C4    
206 P P     . DT B 3 ? 0.3284 0.2038 0.3619 -0.0060 -0.1256 -0.0143 3 DT B P     
207 O OP1   . DT B 3 ? 0.4326 0.2789 0.4335 0.0154  -0.1450 -0.0255 3 DT B OP1   
208 O OP2   . DT B 3 ? 0.3508 0.2242 0.3939 -0.0291 -0.1376 0.0096  3 DT B OP2   
209 O "O5'" . DT B 3 ? 0.2931 0.1878 0.3253 0.0083  -0.1006 -0.0311 3 DT B "O5'" 
210 C "C5'" . DT B 3 ? 0.2462 0.1601 0.2714 0.0272  -0.0826 -0.0468 3 DT B "C5'" 
211 C "C4'" . DT B 3 ? 0.2028 0.1416 0.2306 0.0315  -0.0598 -0.0535 3 DT B "C4'" 
212 O "O4'" . DT B 3 ? 0.2005 0.1627 0.2462 0.0148  -0.0394 -0.0419 3 DT B "O4'" 
213 C "C3'" . DT B 3 ? 0.2959 0.2256 0.3134 0.0354  -0.0670 -0.0542 3 DT B "C3'" 
214 O "O3'" . DT B 3 ? 0.3457 0.2928 0.3442 0.0572  -0.0637 -0.0625 3 DT B "O3'" 
215 C "C2'" . DT B 3 ? 0.3076 0.2652 0.3406 0.0185  -0.0441 -0.0434 3 DT B "C2'" 
216 C "C1'" . DT B 3 ? 0.1900 0.1658 0.2310 0.0136  -0.0261 -0.0420 3 DT B "C1'" 
217 N N1    . DT B 3 ? 0.1800 0.1687 0.2290 0.0015  -0.0107 -0.0287 3 DT B N1    
218 C C2    . DT B 3 ? 0.1564 0.1531 0.1921 0.0023  0.0072  -0.0315 3 DT B C2    
219 O O2    . DT B 3 ? 0.2116 0.2107 0.2355 0.0053  0.0105  -0.0407 3 DT B O2    
220 N N3    . DT B 3 ? 0.1846 0.1859 0.2159 0.0005  0.0188  -0.0205 3 DT B N3    
221 C C4    . DT B 3 ? 0.1722 0.1873 0.2190 -0.0026 0.0175  -0.0032 3 DT B C4    
222 O O4    . DT B 3 ? 0.1673 0.1947 0.2049 0.0037  0.0305  0.0076  3 DT B O4    
223 C C5    . DT B 3 ? 0.1863 0.1994 0.2548 -0.0121 -0.0028 0.0036  3 DT B C5    
224 C C7    . DT B 3 ? 0.2087 0.2426 0.2978 -0.0242 -0.0098 0.0297  3 DT B C7    
225 C C6    . DT B 3 ? 0.1460 0.1376 0.2100 -0.0090 -0.0175 -0.0113 3 DT B C6    
226 P P     . DA B 4 ? 0.2729 0.2194 0.2528 0.0730  -0.0714 -0.0660 4 DA B P     
227 O OP1   . DA B 4 ? 0.3681 0.3096 0.3167 0.0958  -0.0857 -0.0709 4 DA B OP1   
228 O OP2   . DA B 4 ? 0.3835 0.3007 0.3677 0.0594  -0.0822 -0.0605 4 DA B OP2   
229 O "O5'" . DA B 4 ? 0.2058 0.2020 0.1959 0.0747  -0.0474 -0.0677 4 DA B "O5'" 
230 C "C5'" . DA B 4 ? 0.1933 0.2228 0.1868 0.0748  -0.0344 -0.0659 4 DA B "C5'" 
231 C "C4'" . DA B 4 ? 0.1915 0.2644 0.1943 0.0617  -0.0167 -0.0593 4 DA B "C4'" 
232 O "O4'" . DA B 4 ? 0.1709 0.2250 0.1823 0.0339  -0.0078 -0.0533 4 DA B "O4'" 
233 C "C3'" . DA B 4 ? 0.1655 0.2665 0.1638 0.0674  -0.0174 -0.0542 4 DA B "C3'" 
234 O "O3'" . DA B 4 ? 0.1706 0.3264 0.1731 0.0585  -0.0075 -0.0427 4 DA B "O3'" 
235 C "C2'" . DA B 4 ? 0.1312 0.2035 0.1357 0.0441  -0.0158 -0.0499 4 DA B "C2'" 
236 C "C1'" . DA B 4 ? 0.1603 0.2175 0.1710 0.0227  -0.0057 -0.0469 4 DA B "C1'" 
237 N N9    . DA B 4 ? 0.1383 0.1636 0.1540 0.0115  -0.0049 -0.0437 4 DA B N9    
238 C C8    . DA B 4 ? 0.1733 0.1751 0.1950 0.0151  -0.0166 -0.0429 4 DA B C8    
239 N N7    . DA B 4 ? 0.2244 0.2170 0.2536 0.0024  -0.0117 -0.0331 4 DA B N7    
240 C C5    . DA B 4 ? 0.1392 0.1402 0.1593 -0.0042 0.0039  -0.0317 4 DA B C5    
241 C C6    . DA B 4 ? 0.1649 0.1602 0.1770 -0.0090 0.0150  -0.0238 4 DA B C6    
242 N N6    . DA B 4 ? 0.1734 0.1713 0.1961 -0.0092 0.0162  -0.0116 4 DA B N6    
243 N N1    . DA B 4 ? 0.1873 0.1744 0.1750 -0.0121 0.0226  -0.0264 4 DA B N1    
244 C C2    . DA B 4 ? 0.1711 0.1655 0.1520 -0.0177 0.0192  -0.0316 4 DA B C2    
245 N N3    . DA B 4 ? 0.1777 0.1950 0.1729 -0.0135 0.0128  -0.0355 4 DA B N3    
246 C C4    . DA B 4 ? 0.1150 0.1308 0.1262 -0.0030 0.0057  -0.0376 4 DA B C4    
247 P P     . DT B 5 ? 0.1561 0.3693 0.1563 0.0679  -0.0078 -0.0314 5 DT B P     
248 O OP1   . DT B 5 ? 0.1786 0.4354 0.1725 0.0623  -0.0030 -0.0161 5 DT B OP1   
249 O OP2   . DT B 5 ? 0.1930 0.3822 0.1718 0.0975  -0.0177 -0.0404 5 DT B OP2   
250 O "O5'" . DT B 5 ? 0.1531 0.3561 0.1589 0.0326  -0.0048 -0.0223 5 DT B "O5'" 
251 C "C5'" . DT B 5 ? 0.1593 0.3532 0.1646 -0.0010 -0.0005 -0.0138 5 DT B "C5'" 
252 C "C4'" . DT B 5 ? 0.1798 0.3373 0.1769 -0.0240 -0.0014 -0.0116 5 DT B "C4'" 
253 O "O4'" . DT B 5 ? 0.1812 0.2855 0.1772 -0.0178 0.0010  -0.0234 5 DT B "O4'" 
254 C "C3'" . DT B 5 ? 0.1924 0.3744 0.1909 -0.0233 -0.0053 -0.0051 5 DT B "C3'" 
255 O "O3'" . DT B 5 ? 0.1988 0.4141 0.1924 -0.0514 -0.0102 0.0135  5 DT B "O3'" 
256 C "C2'" . DT B 5 ? 0.1959 0.3222 0.1880 -0.0264 -0.0045 -0.0133 5 DT B "C2'" 
257 C "C1'" . DT B 5 ? 0.1653 0.2493 0.1531 -0.0294 0.0006  -0.0202 5 DT B "C1'" 
258 N N1    . DT B 5 ? 0.1693 0.2178 0.1619 -0.0199 0.0024  -0.0265 5 DT B N1    
259 C C2    . DT B 5 ? 0.1397 0.1571 0.1200 -0.0279 0.0083  -0.0241 5 DT B C2    
260 O O2    . DT B 5 ? 0.1905 0.1930 0.1474 -0.0398 0.0095  -0.0213 5 DT B O2    
261 N N3    . DT B 5 ? 0.1554 0.1593 0.1463 -0.0202 0.0099  -0.0229 5 DT B N3    
262 C C4    . DT B 5 ? 0.1510 0.1563 0.1600 -0.0118 0.0013  -0.0236 5 DT B C4    
263 O O4    . DT B 5 ? 0.1809 0.1764 0.1994 -0.0127 -0.0007 -0.0162 5 DT B O4    
264 C C5    . DT B 5 ? 0.1592 0.1786 0.1696 -0.0008 -0.0078 -0.0310 5 DT B C5    
265 C C7    . DT B 5 ? 0.1948 0.1976 0.2073 0.0131  -0.0241 -0.0347 5 DT B C7    
266 C C6    . DT B 5 ? 0.1374 0.1843 0.1414 -0.0023 -0.0044 -0.0317 5 DT B C6    
267 P P     . DA B 6 ? 0.1933 0.4466 0.1885 -0.0582 -0.0151 0.0273  6 DA B P     
268 O OP1   . DA B 6 ? 0.2347 0.5196 0.2243 -0.0802 -0.0153 0.0514  6 DA B OP1   
269 O OP2   . DA B 6 ? 0.2632 0.5387 0.2673 -0.0213 -0.0128 0.0180  6 DA B OP2   
270 O "O5'" . DA B 6 ? 0.1960 0.3874 0.1718 -0.0794 -0.0200 0.0229  6 DA B "O5'" 
271 C "C5'" . DA B 6 ? 0.2428 0.3868 0.1922 -0.1075 -0.0266 0.0272  6 DA B "C5'" 
272 C "C4'" . DA B 6 ? 0.2799 0.3688 0.2041 -0.1140 -0.0305 0.0219  6 DA B "C4'" 
273 O "O4'" . DA B 6 ? 0.3076 0.3610 0.2366 -0.0883 -0.0177 0.0053  6 DA B "O4'" 
274 C "C3'" . DA B 6 ? 0.2595 0.3773 0.1917 -0.1155 -0.0341 0.0299  6 DA B "C3'" 
275 O "O3'" . DA B 6 ? 0.3232 0.3917 0.2247 -0.1335 -0.0429 0.0357  6 DA B "O3'" 
276 C "C2'" . DA B 6 ? 0.2800 0.3928 0.2279 -0.0853 -0.0236 0.0148  6 DA B "C2'" 
277 C "C1'" . DA B 6 ? 0.2817 0.3380 0.2179 -0.0777 -0.0159 0.0032  6 DA B "C1'" 
278 N N9    . DA B 6 ? 0.2427 0.2980 0.2008 -0.0532 -0.0073 -0.0065 6 DA B N9    
279 C C8    . DA B 6 ? 0.2244 0.3116 0.2031 -0.0351 -0.0082 -0.0099 6 DA B C8    
280 N N7    . DA B 6 ? 0.2238 0.2882 0.2111 -0.0200 -0.0071 -0.0171 6 DA B N7    
281 C C5    . DA B 6 ? 0.1804 0.2109 0.1596 -0.0284 -0.0013 -0.0155 6 DA B C5    
282 C C6    . DA B 6 ? 0.1506 0.1593 0.1370 -0.0229 0.0019  -0.0142 6 DA B C6    
283 N N6    . DA B 6 ? 0.1666 0.1721 0.1685 -0.0143 -0.0055 -0.0151 6 DA B N6    
284 N N1    . DA B 6 ? 0.1816 0.1726 0.1540 -0.0259 0.0101  -0.0092 6 DA B N1    
285 C C2    . DA B 6 ? 0.2318 0.2091 0.1755 -0.0334 0.0111  -0.0096 6 DA B C2    
286 N N3    . DA B 6 ? 0.2479 0.2329 0.1804 -0.0464 0.0035  -0.0101 6 DA B N3    
287 C C4    . DA B 6 ? 0.2429 0.2636 0.1996 -0.0440 -0.0005 -0.0113 6 DA B C4    
288 P P     . DC B 7 ? 0.3577 0.4524 0.2614 -0.1491 -0.0508 0.0528  7 DC B P     
289 O OP1   . DC B 7 ? 0.5334 0.5844 0.4037 -0.1767 -0.0643 0.0681  7 DC B OP1   
290 O OP2   . DC B 7 ? 0.3507 0.5278 0.2903 -0.1382 -0.0440 0.0617  7 DC B OP2   
291 O "O5'" . DC B 7 ? 0.4051 0.4663 0.2959 -0.1372 -0.0510 0.0399  7 DC B "O5'" 
292 C "C5'" . DC B 7 ? 0.4574 0.4432 0.3090 -0.1348 -0.0538 0.0304  7 DC B "C5'" 
293 C "C4'" . DC B 7 ? 0.2951 0.2687 0.1424 -0.1128 -0.0450 0.0176  7 DC B "C4'" 
294 O "O4'" . DC B 7 ? 0.2580 0.2498 0.1379 -0.0907 -0.0285 0.0093  7 DC B "O4'" 
295 C "C3'" . DC B 7 ? 0.2942 0.3057 0.1611 -0.1092 -0.0454 0.0216  7 DC B "C3'" 
296 O "O3'" . DC B 7 ? 0.3289 0.2993 0.1642 -0.1119 -0.0522 0.0220  7 DC B "O3'" 
297 C "C2'" . DC B 7 ? 0.3144 0.3408 0.2136 -0.0802 -0.0289 0.0124  7 DC B "C2'" 
298 C "C1'" . DC B 7 ? 0.2317 0.2284 0.1275 -0.0722 -0.0201 0.0057  7 DC B "C1'" 
299 N N1    . DC B 7 ? 0.2191 0.2380 0.1483 -0.0552 -0.0118 0.0008  7 DC B N1    
300 C C2    . DC B 7 ? 0.1849 0.1812 0.1188 -0.0428 -0.0030 -0.0018 7 DC B C2    
301 O O2    . DC B 7 ? 0.2288 0.1954 0.1391 -0.0407 0.0017  0.0000  7 DC B O2    
302 N N3    . DC B 7 ? 0.2006 0.2088 0.1603 -0.0321 -0.0021 -0.0043 7 DC B N3    
303 C C4    . DC B 7 ? 0.1622 0.1968 0.1350 -0.0257 -0.0087 -0.0079 7 DC B C4    
304 N N4    . DC B 7 ? 0.2117 0.2421 0.1973 -0.0125 -0.0131 -0.0119 7 DC B N4    
305 C C5    . DC B 7 ? 0.1967 0.2649 0.1655 -0.0310 -0.0134 -0.0050 7 DC B C5    
306 C C6    . DC B 7 ? 0.2111 0.2732 0.1618 -0.0495 -0.0152 0.0012  7 DC B C6    
307 P P     . DG B 8 ? 0.3467 0.3500 0.1942 -0.1155 -0.0576 0.0292  8 DG B P     
308 O OP1   . DG B 8 ? 0.4630 0.4208 0.2783 -0.1301 -0.0708 0.0343  8 DG B OP1   
309 O OP2   . DG B 8 ? 0.4432 0.5207 0.3309 -0.1171 -0.0560 0.0377  8 DG B OP2   
310 O "O5'" . DG B 8 ? 0.3472 0.3435 0.2023 -0.0882 -0.0437 0.0203  8 DG B "O5'" 
311 C "C5'" . DG B 8 ? 0.4842 0.4314 0.3054 -0.0795 -0.0428 0.0174  8 DG B "C5'" 
312 C "C4'" . DG B 8 ? 0.3682 0.3286 0.2085 -0.0602 -0.0324 0.0168  8 DG B "C4'" 
313 O "O4'" . DG B 8 ? 0.3072 0.2935 0.1858 -0.0470 -0.0220 0.0147  8 DG B "O4'" 
314 C "C3'" . DG B 8 ? 0.3435 0.3334 0.1912 -0.0658 -0.0408 0.0214  8 DG B "C3'" 
315 O "O3'" . DG B 8 ? 0.3836 0.3384 0.1909 -0.0737 -0.0513 0.0236  8 DG B "O3'" 
316 C "C2'" . DG B 8 ? 0.2442 0.2461 0.1171 -0.0442 -0.0299 0.0199  8 DG B "C2'" 
317 C "C1'" . DG B 8 ? 0.2366 0.2339 0.1282 -0.0357 -0.0205 0.0168  8 DG B "C1'" 
318 N N9    . DG B 8 ? 0.2036 0.2282 0.1230 -0.0271 -0.0220 0.0141  8 DG B N9    
319 C C8    . DG B 8 ? 0.2032 0.2663 0.1309 -0.0238 -0.0291 0.0135  8 DG B C8    
320 N N7    . DG B 8 ? 0.1972 0.2690 0.1379 -0.0066 -0.0311 0.0089  8 DG B N7    
321 C C5    . DG B 8 ? 0.2073 0.2432 0.1523 -0.0060 -0.0272 0.0082  8 DG B C5    
322 C C6    . DG B 8 ? 0.1921 0.2109 0.1451 0.0049  -0.0327 0.0055  8 DG B C6    
323 O O6    . DG B 8 ? 0.2415 0.2642 0.1917 0.0221  -0.0425 -0.0007 8 DG B O6    
324 N N1    . DG B 8 ? 0.1920 0.1865 0.1514 -0.0039 -0.0282 0.0125  8 DG B N1    
325 C C2    . DG B 8 ? 0.2155 0.2061 0.1703 -0.0131 -0.0168 0.0198  8 DG B C2    
326 N N2    . DG B 8 ? 0.2004 0.1826 0.1640 -0.0159 -0.0123 0.0305  8 DG B N2    
327 N N3    . DG B 8 ? 0.1962 0.1907 0.1338 -0.0173 -0.0124 0.0184  8 DG B N3    
328 C C4    . DG B 8 ? 0.2079 0.2234 0.1433 -0.0174 -0.0195 0.0130  8 DG B C4    
# 
